data_3B73
# 
_entry.id   3B73 
# 
_audit_conform.dict_name       mmcif_pdbx.dic 
_audit_conform.dict_version    5.397 
_audit_conform.dict_location   http://mmcif.pdb.org/dictionaries/ascii/mmcif_pdbx.dic 
# 
loop_
_database_2.database_id 
_database_2.database_code 
_database_2.pdbx_database_accession 
_database_2.pdbx_DOI 
PDB   3B73         pdb_00003b73 10.2210/pdb3b73/pdb 
RCSB  RCSB045160   ?            ?                   
WWPDB D_1000045160 ?            ?                   
# 
loop_
_pdbx_audit_revision_history.ordinal 
_pdbx_audit_revision_history.data_content_type 
_pdbx_audit_revision_history.major_revision 
_pdbx_audit_revision_history.minor_revision 
_pdbx_audit_revision_history.revision_date 
1 'Structure model' 1 0 2007-11-13 
2 'Structure model' 1 1 2011-07-13 
3 'Structure model' 1 2 2017-10-25 
4 'Structure model' 1 3 2024-10-09 
# 
_pdbx_audit_revision_details.ordinal             1 
_pdbx_audit_revision_details.revision_ordinal    1 
_pdbx_audit_revision_details.data_content_type   'Structure model' 
_pdbx_audit_revision_details.provider            repository 
_pdbx_audit_revision_details.type                'Initial release' 
_pdbx_audit_revision_details.description         ? 
_pdbx_audit_revision_details.details             ? 
# 
loop_
_pdbx_audit_revision_group.ordinal 
_pdbx_audit_revision_group.revision_ordinal 
_pdbx_audit_revision_group.data_content_type 
_pdbx_audit_revision_group.group 
1 2 'Structure model' 'Version format compliance' 
2 3 'Structure model' 'Refinement description'    
3 4 'Structure model' 'Data collection'           
4 4 'Structure model' 'Database references'       
5 4 'Structure model' 'Derived calculations'      
6 4 'Structure model' 'Structure summary'         
# 
loop_
_pdbx_audit_revision_category.ordinal 
_pdbx_audit_revision_category.revision_ordinal 
_pdbx_audit_revision_category.data_content_type 
_pdbx_audit_revision_category.category 
1 3 'Structure model' software                  
2 4 'Structure model' chem_comp_atom            
3 4 'Structure model' chem_comp_bond            
4 4 'Structure model' database_2                
5 4 'Structure model' pdbx_entry_details        
6 4 'Structure model' pdbx_modification_feature 
7 4 'Structure model' struct_conn               
8 4 'Structure model' struct_ref_seq_dif        
9 4 'Structure model' struct_site               
# 
loop_
_pdbx_audit_revision_item.ordinal 
_pdbx_audit_revision_item.revision_ordinal 
_pdbx_audit_revision_item.data_content_type 
_pdbx_audit_revision_item.item 
1 3 'Structure model' '_software.name'                      
2 4 'Structure model' '_database_2.pdbx_DOI'                
3 4 'Structure model' '_database_2.pdbx_database_accession' 
4 4 'Structure model' '_struct_conn.pdbx_leaving_atom_flag' 
5 4 'Structure model' '_struct_ref_seq_dif.details'         
6 4 'Structure model' '_struct_site.pdbx_auth_asym_id'      
7 4 'Structure model' '_struct_site.pdbx_auth_comp_id'      
8 4 'Structure model' '_struct_site.pdbx_auth_seq_id'       
# 
_pdbx_database_status.status_code                     REL 
_pdbx_database_status.entry_id                        3B73 
_pdbx_database_status.recvd_initial_deposition_date   2007-10-30 
_pdbx_database_status.deposit_site                    RCSB 
_pdbx_database_status.process_site                    RCSB 
_pdbx_database_status.status_code_sf                  REL 
_pdbx_database_status.status_code_mr                  ? 
_pdbx_database_status.SG_entry                        Y 
_pdbx_database_status.pdb_format_compatible           Y 
_pdbx_database_status.status_code_cs                  ? 
_pdbx_database_status.methods_development_category    ? 
_pdbx_database_status.status_code_nmr_data            ? 
# 
_pdbx_database_related.db_name        TargetDB 
_pdbx_database_related.db_id          APC88207 
_pdbx_database_related.details        . 
_pdbx_database_related.content_type   unspecified 
# 
loop_
_audit_author.name 
_audit_author.pdbx_ordinal 
'Kim, Y.'                                       1 
'Zhou, M.'                                      2 
'Keigher, L.'                                   3 
'Joachimiak, A.'                                4 
'Midwest Center for Structural Genomics (MCSG)' 5 
# 
_citation.id                        primary 
_citation.title                     'Crystal Structure of the PhiH1 repressor-like Protein from Haloarcula marismortui.' 
_citation.journal_abbrev            'To be Published' 
_citation.journal_volume            ? 
_citation.page_first                ? 
_citation.page_last                 ? 
_citation.year                      ? 
_citation.journal_id_ASTM           ? 
_citation.country                   ? 
_citation.journal_id_ISSN           ? 
_citation.journal_id_CSD            0353 
_citation.book_publisher            ? 
_citation.pdbx_database_id_PubMed   ? 
_citation.pdbx_database_id_DOI      ? 
# 
loop_
_citation_author.citation_id 
_citation_author.name 
_citation_author.ordinal 
_citation_author.identifier_ORCID 
primary 'Kim, Y.'        1 ? 
primary 'Zhou, M.'       2 ? 
primary 'Keigher, L.'    3 ? 
primary 'Joachimiak, A.' 4 ? 
# 
loop_
_entity.id 
_entity.type 
_entity.src_method 
_entity.pdbx_description 
_entity.formula_weight 
_entity.pdbx_number_of_molecules 
_entity.pdbx_ec 
_entity.pdbx_mutation 
_entity.pdbx_fragment 
_entity.details 
1 polymer     man 'PhiH1 repressor-like protein' 12486.229 2  ? ? ? ? 
2 non-polymer syn 'SULFATE ION'                  96.063    2  ? ? ? ? 
3 water       nat water                          18.015    55 ? ? ? ? 
# 
_entity_poly.entity_id                      1 
_entity_poly.type                           'polypeptide(L)' 
_entity_poly.nstd_linkage                   no 
_entity_poly.nstd_monomer                   yes 
_entity_poly.pdbx_seq_one_letter_code       
;SNA(MSE)RQSGSW(MSE)TIWDDRILEIIHEEGNGSPKELEDRDEIRISKSSVSRRLKKLADHDLLQPLANGVYVITEE
GEAYLNGEYDAGKERYINRGNSTDEENGADAPDGPGINS
;
_entity_poly.pdbx_seq_one_letter_code_can   
;SNAMRQSGSWMTIWDDRILEIIHEEGNGSPKELEDRDEIRISKSSVSRRLKKLADHDLLQPLANGVYVITEEGEAYLNGE
YDAGKERYINRGNSTDEENGADAPDGPGINS
;
_entity_poly.pdbx_strand_id                 A,B 
_entity_poly.pdbx_target_identifier         APC88207 
# 
loop_
_pdbx_entity_nonpoly.entity_id 
_pdbx_entity_nonpoly.name 
_pdbx_entity_nonpoly.comp_id 
2 'SULFATE ION' SO4 
3 water         HOH 
# 
loop_
_entity_poly_seq.entity_id 
_entity_poly_seq.num 
_entity_poly_seq.mon_id 
_entity_poly_seq.hetero 
1 1   SER n 
1 2   ASN n 
1 3   ALA n 
1 4   MSE n 
1 5   ARG n 
1 6   GLN n 
1 7   SER n 
1 8   GLY n 
1 9   SER n 
1 10  TRP n 
1 11  MSE n 
1 12  THR n 
1 13  ILE n 
1 14  TRP n 
1 15  ASP n 
1 16  ASP n 
1 17  ARG n 
1 18  ILE n 
1 19  LEU n 
1 20  GLU n 
1 21  ILE n 
1 22  ILE n 
1 23  HIS n 
1 24  GLU n 
1 25  GLU n 
1 26  GLY n 
1 27  ASN n 
1 28  GLY n 
1 29  SER n 
1 30  PRO n 
1 31  LYS n 
1 32  GLU n 
1 33  LEU n 
1 34  GLU n 
1 35  ASP n 
1 36  ARG n 
1 37  ASP n 
1 38  GLU n 
1 39  ILE n 
1 40  ARG n 
1 41  ILE n 
1 42  SER n 
1 43  LYS n 
1 44  SER n 
1 45  SER n 
1 46  VAL n 
1 47  SER n 
1 48  ARG n 
1 49  ARG n 
1 50  LEU n 
1 51  LYS n 
1 52  LYS n 
1 53  LEU n 
1 54  ALA n 
1 55  ASP n 
1 56  HIS n 
1 57  ASP n 
1 58  LEU n 
1 59  LEU n 
1 60  GLN n 
1 61  PRO n 
1 62  LEU n 
1 63  ALA n 
1 64  ASN n 
1 65  GLY n 
1 66  VAL n 
1 67  TYR n 
1 68  VAL n 
1 69  ILE n 
1 70  THR n 
1 71  GLU n 
1 72  GLU n 
1 73  GLY n 
1 74  GLU n 
1 75  ALA n 
1 76  TYR n 
1 77  LEU n 
1 78  ASN n 
1 79  GLY n 
1 80  GLU n 
1 81  TYR n 
1 82  ASP n 
1 83  ALA n 
1 84  GLY n 
1 85  LYS n 
1 86  GLU n 
1 87  ARG n 
1 88  TYR n 
1 89  ILE n 
1 90  ASN n 
1 91  ARG n 
1 92  GLY n 
1 93  ASN n 
1 94  SER n 
1 95  THR n 
1 96  ASP n 
1 97  GLU n 
1 98  GLU n 
1 99  ASN n 
1 100 GLY n 
1 101 ALA n 
1 102 ASP n 
1 103 ALA n 
1 104 PRO n 
1 105 ASP n 
1 106 GLY n 
1 107 PRO n 
1 108 GLY n 
1 109 ILE n 
1 110 ASN n 
1 111 SER n 
# 
_entity_src_gen.entity_id                          1 
_entity_src_gen.pdbx_src_id                        1 
_entity_src_gen.pdbx_alt_source_flag               sample 
_entity_src_gen.pdbx_seq_type                      ? 
_entity_src_gen.pdbx_beg_seq_num                   ? 
_entity_src_gen.pdbx_end_seq_num                   ? 
_entity_src_gen.gene_src_common_name               ? 
_entity_src_gen.gene_src_genus                     Haloarcula 
_entity_src_gen.pdbx_gene_src_gene                 'phrH2, rrnAC2285' 
_entity_src_gen.gene_src_species                   'Haloarcula marismortui' 
_entity_src_gen.gene_src_strain                    'DSM 3752, JCM 8966' 
_entity_src_gen.gene_src_tissue                    ? 
_entity_src_gen.gene_src_tissue_fraction           ? 
_entity_src_gen.gene_src_details                   ? 
_entity_src_gen.pdbx_gene_src_fragment             ? 
_entity_src_gen.pdbx_gene_src_scientific_name      'Haloarcula marismortui ATCC 43049' 
_entity_src_gen.pdbx_gene_src_ncbi_taxonomy_id     272569 
_entity_src_gen.pdbx_gene_src_variant              ? 
_entity_src_gen.pdbx_gene_src_cell_line            ? 
_entity_src_gen.pdbx_gene_src_atcc                 ? 
_entity_src_gen.pdbx_gene_src_organ                ? 
_entity_src_gen.pdbx_gene_src_organelle            ? 
_entity_src_gen.pdbx_gene_src_cell                 ? 
_entity_src_gen.pdbx_gene_src_cellular_location    ? 
_entity_src_gen.host_org_common_name               ? 
_entity_src_gen.pdbx_host_org_scientific_name      'Escherichia coli BL21(DE3)' 
_entity_src_gen.pdbx_host_org_ncbi_taxonomy_id     469008 
_entity_src_gen.host_org_genus                     Escherichia 
_entity_src_gen.pdbx_host_org_gene                 ? 
_entity_src_gen.pdbx_host_org_organ                ? 
_entity_src_gen.host_org_species                   'Escherichia coli' 
_entity_src_gen.pdbx_host_org_tissue               ? 
_entity_src_gen.pdbx_host_org_tissue_fraction      ? 
_entity_src_gen.pdbx_host_org_strain               'BL21(DE3)' 
_entity_src_gen.pdbx_host_org_variant              ? 
_entity_src_gen.pdbx_host_org_cell_line            ? 
_entity_src_gen.pdbx_host_org_atcc                 ? 
_entity_src_gen.pdbx_host_org_culture_collection   ? 
_entity_src_gen.pdbx_host_org_cell                 ? 
_entity_src_gen.pdbx_host_org_organelle            ? 
_entity_src_gen.pdbx_host_org_cellular_location    ? 
_entity_src_gen.pdbx_host_org_vector_type          Plasmid 
_entity_src_gen.pdbx_host_org_vector               ? 
_entity_src_gen.host_org_details                   ? 
_entity_src_gen.expression_system_id               ? 
_entity_src_gen.plasmid_name                       pMCSG7 
_entity_src_gen.plasmid_details                    ? 
_entity_src_gen.pdbx_description                   ? 
# 
loop_
_chem_comp.id 
_chem_comp.type 
_chem_comp.mon_nstd_flag 
_chem_comp.name 
_chem_comp.pdbx_synonyms 
_chem_comp.formula 
_chem_comp.formula_weight 
ALA 'L-peptide linking' y ALANINE          ? 'C3 H7 N O2'     89.093  
ARG 'L-peptide linking' y ARGININE         ? 'C6 H15 N4 O2 1' 175.209 
ASN 'L-peptide linking' y ASPARAGINE       ? 'C4 H8 N2 O3'    132.118 
ASP 'L-peptide linking' y 'ASPARTIC ACID'  ? 'C4 H7 N O4'     133.103 
GLN 'L-peptide linking' y GLUTAMINE        ? 'C5 H10 N2 O3'   146.144 
GLU 'L-peptide linking' y 'GLUTAMIC ACID'  ? 'C5 H9 N O4'     147.129 
GLY 'peptide linking'   y GLYCINE          ? 'C2 H5 N O2'     75.067  
HIS 'L-peptide linking' y HISTIDINE        ? 'C6 H10 N3 O2 1' 156.162 
HOH non-polymer         . WATER            ? 'H2 O'           18.015  
ILE 'L-peptide linking' y ISOLEUCINE       ? 'C6 H13 N O2'    131.173 
LEU 'L-peptide linking' y LEUCINE          ? 'C6 H13 N O2'    131.173 
LYS 'L-peptide linking' y LYSINE           ? 'C6 H15 N2 O2 1' 147.195 
MSE 'L-peptide linking' n SELENOMETHIONINE ? 'C5 H11 N O2 Se' 196.106 
PRO 'L-peptide linking' y PROLINE          ? 'C5 H9 N O2'     115.130 
SER 'L-peptide linking' y SERINE           ? 'C3 H7 N O3'     105.093 
SO4 non-polymer         . 'SULFATE ION'    ? 'O4 S -2'        96.063  
THR 'L-peptide linking' y THREONINE        ? 'C4 H9 N O3'     119.119 
TRP 'L-peptide linking' y TRYPTOPHAN       ? 'C11 H12 N2 O2'  204.225 
TYR 'L-peptide linking' y TYROSINE         ? 'C9 H11 N O3'    181.189 
VAL 'L-peptide linking' y VALINE           ? 'C5 H11 N O2'    117.146 
# 
loop_
_pdbx_poly_seq_scheme.asym_id 
_pdbx_poly_seq_scheme.entity_id 
_pdbx_poly_seq_scheme.seq_id 
_pdbx_poly_seq_scheme.mon_id 
_pdbx_poly_seq_scheme.ndb_seq_num 
_pdbx_poly_seq_scheme.pdb_seq_num 
_pdbx_poly_seq_scheme.auth_seq_num 
_pdbx_poly_seq_scheme.pdb_mon_id 
_pdbx_poly_seq_scheme.auth_mon_id 
_pdbx_poly_seq_scheme.pdb_strand_id 
_pdbx_poly_seq_scheme.pdb_ins_code 
_pdbx_poly_seq_scheme.hetero 
A 1 1   SER 1   -2  ?  ?   ?   A . n 
A 1 2   ASN 2   -1  -1 ASN ASN A . n 
A 1 3   ALA 3   0   0  ALA ALA A . n 
A 1 4   MSE 4   1   1  MSE MSE A . n 
A 1 5   ARG 5   2   2  ARG ARG A . n 
A 1 6   GLN 6   3   3  GLN GLN A . n 
A 1 7   SER 7   4   4  SER SER A . n 
A 1 8   GLY 8   5   5  GLY GLY A . n 
A 1 9   SER 9   6   6  SER SER A . n 
A 1 10  TRP 10  7   7  TRP TRP A . n 
A 1 11  MSE 11  8   8  MSE MSE A . n 
A 1 12  THR 12  9   9  THR THR A . n 
A 1 13  ILE 13  10  10 ILE ILE A . n 
A 1 14  TRP 14  11  11 TRP TRP A . n 
A 1 15  ASP 15  12  12 ASP ASP A . n 
A 1 16  ASP 16  13  13 ASP ASP A . n 
A 1 17  ARG 17  14  14 ARG ARG A . n 
A 1 18  ILE 18  15  15 ILE ILE A . n 
A 1 19  LEU 19  16  16 LEU LEU A . n 
A 1 20  GLU 20  17  17 GLU GLU A . n 
A 1 21  ILE 21  18  18 ILE ILE A . n 
A 1 22  ILE 22  19  19 ILE ILE A . n 
A 1 23  HIS 23  20  20 HIS HIS A . n 
A 1 24  GLU 24  21  21 GLU GLU A . n 
A 1 25  GLU 25  22  22 GLU GLU A . n 
A 1 26  GLY 26  23  23 GLY GLY A . n 
A 1 27  ASN 27  24  24 ASN ASN A . n 
A 1 28  GLY 28  25  25 GLY GLY A . n 
A 1 29  SER 29  26  26 SER SER A . n 
A 1 30  PRO 30  27  27 PRO PRO A . n 
A 1 31  LYS 31  28  28 LYS LYS A . n 
A 1 32  GLU 32  29  29 GLU GLU A . n 
A 1 33  LEU 33  30  30 LEU LEU A . n 
A 1 34  GLU 34  31  31 GLU GLU A . n 
A 1 35  ASP 35  32  32 ASP ASP A . n 
A 1 36  ARG 36  33  33 ARG ARG A . n 
A 1 37  ASP 37  34  34 ASP ASP A . n 
A 1 38  GLU 38  35  35 GLU GLU A . n 
A 1 39  ILE 39  36  36 ILE ILE A . n 
A 1 40  ARG 40  37  37 ARG ARG A . n 
A 1 41  ILE 41  38  38 ILE ILE A . n 
A 1 42  SER 42  39  39 SER SER A . n 
A 1 43  LYS 43  40  40 LYS LYS A . n 
A 1 44  SER 44  41  41 SER SER A . n 
A 1 45  SER 45  42  42 SER SER A . n 
A 1 46  VAL 46  43  43 VAL VAL A . n 
A 1 47  SER 47  44  44 SER SER A . n 
A 1 48  ARG 48  45  45 ARG ARG A . n 
A 1 49  ARG 49  46  46 ARG ARG A . n 
A 1 50  LEU 50  47  47 LEU LEU A . n 
A 1 51  LYS 51  48  48 LYS LYS A . n 
A 1 52  LYS 52  49  49 LYS LYS A . n 
A 1 53  LEU 53  50  50 LEU LEU A . n 
A 1 54  ALA 54  51  51 ALA ALA A . n 
A 1 55  ASP 55  52  52 ASP ASP A . n 
A 1 56  HIS 56  53  53 HIS HIS A . n 
A 1 57  ASP 57  54  54 ASP ASP A . n 
A 1 58  LEU 58  55  55 LEU LEU A . n 
A 1 59  LEU 59  56  56 LEU LEU A . n 
A 1 60  GLN 60  57  57 GLN GLN A . n 
A 1 61  PRO 61  58  58 PRO PRO A . n 
A 1 62  LEU 62  59  59 LEU LEU A . n 
A 1 63  ALA 63  60  60 ALA ALA A . n 
A 1 64  ASN 64  61  61 ASN ASN A . n 
A 1 65  GLY 65  62  62 GLY GLY A . n 
A 1 66  VAL 66  63  63 VAL VAL A . n 
A 1 67  TYR 67  64  64 TYR TYR A . n 
A 1 68  VAL 68  65  65 VAL VAL A . n 
A 1 69  ILE 69  66  66 ILE ILE A . n 
A 1 70  THR 70  67  67 THR THR A . n 
A 1 71  GLU 71  68  68 GLU GLU A . n 
A 1 72  GLU 72  69  69 GLU GLU A . n 
A 1 73  GLY 73  70  70 GLY GLY A . n 
A 1 74  GLU 74  71  71 GLU GLU A . n 
A 1 75  ALA 75  72  72 ALA ALA A . n 
A 1 76  TYR 76  73  73 TYR TYR A . n 
A 1 77  LEU 77  74  74 LEU LEU A . n 
A 1 78  ASN 78  75  75 ASN ASN A . n 
A 1 79  GLY 79  76  76 GLY GLY A . n 
A 1 80  GLU 80  77  77 GLU GLU A . n 
A 1 81  TYR 81  78  78 TYR TYR A . n 
A 1 82  ASP 82  79  79 ASP ASP A . n 
A 1 83  ALA 83  80  80 ALA ALA A . n 
A 1 84  GLY 84  81  81 GLY GLY A . n 
A 1 85  LYS 85  82  82 LYS LYS A . n 
A 1 86  GLU 86  83  83 GLU GLU A . n 
A 1 87  ARG 87  84  84 ARG ARG A . n 
A 1 88  TYR 88  85  85 TYR TYR A . n 
A 1 89  ILE 89  86  86 ILE ILE A . n 
A 1 90  ASN 90  87  ?  ?   ?   A . n 
A 1 91  ARG 91  88  ?  ?   ?   A . n 
A 1 92  GLY 92  89  ?  ?   ?   A . n 
A 1 93  ASN 93  90  ?  ?   ?   A . n 
A 1 94  SER 94  91  ?  ?   ?   A . n 
A 1 95  THR 95  92  ?  ?   ?   A . n 
A 1 96  ASP 96  93  ?  ?   ?   A . n 
A 1 97  GLU 97  94  ?  ?   ?   A . n 
A 1 98  GLU 98  95  ?  ?   ?   A . n 
A 1 99  ASN 99  96  ?  ?   ?   A . n 
A 1 100 GLY 100 97  ?  ?   ?   A . n 
A 1 101 ALA 101 98  ?  ?   ?   A . n 
A 1 102 ASP 102 99  ?  ?   ?   A . n 
A 1 103 ALA 103 100 ?  ?   ?   A . n 
A 1 104 PRO 104 101 ?  ?   ?   A . n 
A 1 105 ASP 105 102 ?  ?   ?   A . n 
A 1 106 GLY 106 103 ?  ?   ?   A . n 
A 1 107 PRO 107 104 ?  ?   ?   A . n 
A 1 108 GLY 108 105 ?  ?   ?   A . n 
A 1 109 ILE 109 106 ?  ?   ?   A . n 
A 1 110 ASN 110 107 ?  ?   ?   A . n 
A 1 111 SER 111 108 ?  ?   ?   A . n 
B 1 1   SER 1   -2  ?  ?   ?   B . n 
B 1 2   ASN 2   -1  -1 ASN ASN B . n 
B 1 3   ALA 3   0   0  ALA ALA B . n 
B 1 4   MSE 4   1   1  MSE MSE B . n 
B 1 5   ARG 5   2   2  ARG ARG B . n 
B 1 6   GLN 6   3   3  GLN GLN B . n 
B 1 7   SER 7   4   4  SER SER B . n 
B 1 8   GLY 8   5   5  GLY GLY B . n 
B 1 9   SER 9   6   6  SER SER B . n 
B 1 10  TRP 10  7   7  TRP TRP B . n 
B 1 11  MSE 11  8   8  MSE MSE B . n 
B 1 12  THR 12  9   9  THR THR B . n 
B 1 13  ILE 13  10  10 ILE ILE B . n 
B 1 14  TRP 14  11  11 TRP TRP B . n 
B 1 15  ASP 15  12  12 ASP ASP B . n 
B 1 16  ASP 16  13  13 ASP ASP B . n 
B 1 17  ARG 17  14  14 ARG ARG B . n 
B 1 18  ILE 18  15  15 ILE ILE B . n 
B 1 19  LEU 19  16  16 LEU LEU B . n 
B 1 20  GLU 20  17  17 GLU GLU B . n 
B 1 21  ILE 21  18  18 ILE ILE B . n 
B 1 22  ILE 22  19  19 ILE ILE B . n 
B 1 23  HIS 23  20  20 HIS HIS B . n 
B 1 24  GLU 24  21  21 GLU GLU B . n 
B 1 25  GLU 25  22  22 GLU GLU B . n 
B 1 26  GLY 26  23  23 GLY GLY B . n 
B 1 27  ASN 27  24  24 ASN ASN B . n 
B 1 28  GLY 28  25  25 GLY GLY B . n 
B 1 29  SER 29  26  26 SER SER B . n 
B 1 30  PRO 30  27  27 PRO PRO B . n 
B 1 31  LYS 31  28  28 LYS LYS B . n 
B 1 32  GLU 32  29  29 GLU GLU B . n 
B 1 33  LEU 33  30  30 LEU LEU B . n 
B 1 34  GLU 34  31  31 GLU GLU B . n 
B 1 35  ASP 35  32  32 ASP ASP B . n 
B 1 36  ARG 36  33  33 ARG ARG B . n 
B 1 37  ASP 37  34  34 ASP ASP B . n 
B 1 38  GLU 38  35  35 GLU GLU B . n 
B 1 39  ILE 39  36  36 ILE ILE B . n 
B 1 40  ARG 40  37  37 ARG ARG B . n 
B 1 41  ILE 41  38  38 ILE ILE B . n 
B 1 42  SER 42  39  39 SER SER B . n 
B 1 43  LYS 43  40  40 LYS LYS B . n 
B 1 44  SER 44  41  41 SER SER B . n 
B 1 45  SER 45  42  42 SER SER B . n 
B 1 46  VAL 46  43  43 VAL VAL B . n 
B 1 47  SER 47  44  44 SER SER B . n 
B 1 48  ARG 48  45  45 ARG ARG B . n 
B 1 49  ARG 49  46  46 ARG ARG B . n 
B 1 50  LEU 50  47  47 LEU LEU B . n 
B 1 51  LYS 51  48  48 LYS LYS B . n 
B 1 52  LYS 52  49  49 LYS LYS B . n 
B 1 53  LEU 53  50  50 LEU LEU B . n 
B 1 54  ALA 54  51  51 ALA ALA B . n 
B 1 55  ASP 55  52  52 ASP ASP B . n 
B 1 56  HIS 56  53  53 HIS HIS B . n 
B 1 57  ASP 57  54  54 ASP ASP B . n 
B 1 58  LEU 58  55  55 LEU LEU B . n 
B 1 59  LEU 59  56  56 LEU LEU B . n 
B 1 60  GLN 60  57  57 GLN GLN B . n 
B 1 61  PRO 61  58  58 PRO PRO B . n 
B 1 62  LEU 62  59  59 LEU LEU B . n 
B 1 63  ALA 63  60  60 ALA ALA B . n 
B 1 64  ASN 64  61  61 ASN ASN B . n 
B 1 65  GLY 65  62  62 GLY GLY B . n 
B 1 66  VAL 66  63  63 VAL VAL B . n 
B 1 67  TYR 67  64  64 TYR TYR B . n 
B 1 68  VAL 68  65  65 VAL VAL B . n 
B 1 69  ILE 69  66  66 ILE ILE B . n 
B 1 70  THR 70  67  67 THR THR B . n 
B 1 71  GLU 71  68  68 GLU GLU B . n 
B 1 72  GLU 72  69  69 GLU GLU B . n 
B 1 73  GLY 73  70  70 GLY GLY B . n 
B 1 74  GLU 74  71  71 GLU GLU B . n 
B 1 75  ALA 75  72  72 ALA ALA B . n 
B 1 76  TYR 76  73  73 TYR TYR B . n 
B 1 77  LEU 77  74  74 LEU LEU B . n 
B 1 78  ASN 78  75  75 ASN ASN B . n 
B 1 79  GLY 79  76  76 GLY GLY B . n 
B 1 80  GLU 80  77  77 GLU GLU B . n 
B 1 81  TYR 81  78  78 TYR TYR B . n 
B 1 82  ASP 82  79  79 ASP ASP B . n 
B 1 83  ALA 83  80  80 ALA ALA B . n 
B 1 84  GLY 84  81  81 GLY GLY B . n 
B 1 85  LYS 85  82  82 LYS LYS B . n 
B 1 86  GLU 86  83  83 GLU GLU B . n 
B 1 87  ARG 87  84  84 ARG ARG B . n 
B 1 88  TYR 88  85  85 TYR TYR B . n 
B 1 89  ILE 89  86  86 ILE ILE B . n 
B 1 90  ASN 90  87  87 ASN ASN B . n 
B 1 91  ARG 91  88  ?  ?   ?   B . n 
B 1 92  GLY 92  89  ?  ?   ?   B . n 
B 1 93  ASN 93  90  ?  ?   ?   B . n 
B 1 94  SER 94  91  ?  ?   ?   B . n 
B 1 95  THR 95  92  ?  ?   ?   B . n 
B 1 96  ASP 96  93  ?  ?   ?   B . n 
B 1 97  GLU 97  94  ?  ?   ?   B . n 
B 1 98  GLU 98  95  ?  ?   ?   B . n 
B 1 99  ASN 99  96  ?  ?   ?   B . n 
B 1 100 GLY 100 97  ?  ?   ?   B . n 
B 1 101 ALA 101 98  ?  ?   ?   B . n 
B 1 102 ASP 102 99  ?  ?   ?   B . n 
B 1 103 ALA 103 100 ?  ?   ?   B . n 
B 1 104 PRO 104 101 ?  ?   ?   B . n 
B 1 105 ASP 105 102 ?  ?   ?   B . n 
B 1 106 GLY 106 103 ?  ?   ?   B . n 
B 1 107 PRO 107 104 ?  ?   ?   B . n 
B 1 108 GLY 108 105 ?  ?   ?   B . n 
B 1 109 ILE 109 106 ?  ?   ?   B . n 
B 1 110 ASN 110 107 ?  ?   ?   B . n 
B 1 111 SER 111 108 ?  ?   ?   B . n 
# 
loop_
_pdbx_nonpoly_scheme.asym_id 
_pdbx_nonpoly_scheme.entity_id 
_pdbx_nonpoly_scheme.mon_id 
_pdbx_nonpoly_scheme.ndb_seq_num 
_pdbx_nonpoly_scheme.pdb_seq_num 
_pdbx_nonpoly_scheme.auth_seq_num 
_pdbx_nonpoly_scheme.pdb_mon_id 
_pdbx_nonpoly_scheme.auth_mon_id 
_pdbx_nonpoly_scheme.pdb_strand_id 
_pdbx_nonpoly_scheme.pdb_ins_code 
C 2 SO4 1  109 2  SO4 SO4 A . 
D 2 SO4 1  109 1  SO4 SO4 B . 
E 3 HOH 1  110 1  HOH HOH A . 
E 3 HOH 2  111 5  HOH HOH A . 
E 3 HOH 3  112 6  HOH HOH A . 
E 3 HOH 4  113 12 HOH HOH A . 
E 3 HOH 5  114 13 HOH HOH A . 
E 3 HOH 6  115 16 HOH HOH A . 
E 3 HOH 7  116 17 HOH HOH A . 
E 3 HOH 8  117 18 HOH HOH A . 
E 3 HOH 9  118 19 HOH HOH A . 
E 3 HOH 10 119 20 HOH HOH A . 
E 3 HOH 11 120 21 HOH HOH A . 
E 3 HOH 12 121 22 HOH HOH A . 
E 3 HOH 13 122 23 HOH HOH A . 
E 3 HOH 14 123 24 HOH HOH A . 
E 3 HOH 15 124 27 HOH HOH A . 
E 3 HOH 16 125 28 HOH HOH A . 
E 3 HOH 17 126 29 HOH HOH A . 
E 3 HOH 18 127 30 HOH HOH A . 
E 3 HOH 19 128 31 HOH HOH A . 
E 3 HOH 20 129 43 HOH HOH A . 
E 3 HOH 21 130 44 HOH HOH A . 
E 3 HOH 22 131 45 HOH HOH A . 
E 3 HOH 23 132 46 HOH HOH A . 
E 3 HOH 24 133 47 HOH HOH A . 
E 3 HOH 25 134 48 HOH HOH A . 
E 3 HOH 26 135 49 HOH HOH A . 
F 3 HOH 1  110 2  HOH HOH B . 
F 3 HOH 2  111 3  HOH HOH B . 
F 3 HOH 3  112 4  HOH HOH B . 
F 3 HOH 4  113 7  HOH HOH B . 
F 3 HOH 5  114 8  HOH HOH B . 
F 3 HOH 6  115 9  HOH HOH B . 
F 3 HOH 7  116 10 HOH HOH B . 
F 3 HOH 8  117 11 HOH HOH B . 
F 3 HOH 9  118 14 HOH HOH B . 
F 3 HOH 10 119 15 HOH HOH B . 
F 3 HOH 11 120 25 HOH HOH B . 
F 3 HOH 12 121 26 HOH HOH B . 
F 3 HOH 13 122 32 HOH HOH B . 
F 3 HOH 14 123 33 HOH HOH B . 
F 3 HOH 15 124 34 HOH HOH B . 
F 3 HOH 16 125 35 HOH HOH B . 
F 3 HOH 17 126 36 HOH HOH B . 
F 3 HOH 18 127 37 HOH HOH B . 
F 3 HOH 19 128 38 HOH HOH B . 
F 3 HOH 20 129 39 HOH HOH B . 
F 3 HOH 21 130 40 HOH HOH B . 
F 3 HOH 22 131 41 HOH HOH B . 
F 3 HOH 23 132 42 HOH HOH B . 
F 3 HOH 24 133 50 HOH HOH B . 
F 3 HOH 25 134 51 HOH HOH B . 
F 3 HOH 26 135 52 HOH HOH B . 
F 3 HOH 27 136 53 HOH HOH B . 
F 3 HOH 28 137 54 HOH HOH B . 
F 3 HOH 29 138 55 HOH HOH B . 
# 
loop_
_software.name 
_software.classification 
_software.version 
_software.citation_id 
_software.pdbx_ordinal 
REFMAC      refinement        5.2.0019 ? 1  
SBC-Collect 'data collection' .        ? 2  
HKL-3000    'data collection' .        ? 3  
HKL-3000    'data reduction'  .        ? 4  
HKL-3000    'data scaling'    .        ? 5  
HKL-3000    phasing           .        ? 6  
SHELXCD     phasing           .        ? 7  
SHELXD      phasing           .        ? 8  
MLPHARE     phasing           .        ? 9  
RESOLVE     phasing           .        ? 10 
ARP/wARP    'model building'  .        ? 11 
# 
_cell.entry_id           3B73 
_cell.length_a           48.392 
_cell.length_b           53.483 
_cell.length_c           89.343 
_cell.angle_alpha        90.00 
_cell.angle_beta         90.00 
_cell.angle_gamma        90.00 
_cell.Z_PDB              8 
_cell.pdbx_unique_axis   ? 
_cell.length_a_esd       ? 
_cell.length_b_esd       ? 
_cell.length_c_esd       ? 
_cell.angle_alpha_esd    ? 
_cell.angle_beta_esd     ? 
_cell.angle_gamma_esd    ? 
# 
_symmetry.entry_id                         3B73 
_symmetry.space_group_name_H-M             'P 21 21 21' 
_symmetry.pdbx_full_space_group_name_H-M   ? 
_symmetry.cell_setting                     ? 
_symmetry.Int_Tables_number                19 
_symmetry.space_group_name_Hall            ? 
# 
_exptl.entry_id          3B73 
_exptl.method            'X-RAY DIFFRACTION' 
_exptl.crystals_number   1 
# 
_exptl_crystal.id                    1 
_exptl_crystal.density_meas          ? 
_exptl_crystal.density_Matthews      2.31 
_exptl_crystal.density_percent_sol   46.87 
_exptl_crystal.description           ? 
_exptl_crystal.F_000                 ? 
_exptl_crystal.preparation           ? 
# 
_exptl_crystal_grow.crystal_id      1 
_exptl_crystal_grow.method          'VAPOR DIFFUSION, SITTING DROP' 
_exptl_crystal_grow.temp            289 
_exptl_crystal_grow.temp_details    ? 
_exptl_crystal_grow.pH              4.4 
_exptl_crystal_grow.pdbx_details    
'1.26M Ammonium sulfate, 0.1M Acetate pH 4.5, 0.2M Sodium chloride, pH 4.4, VAPOR DIFFUSION, SITTING DROP, temperature 289K' 
_exptl_crystal_grow.pdbx_pH_range   . 
# 
_diffrn.id                     1 
_diffrn.ambient_temp           100 
_diffrn.ambient_temp_details   ? 
_diffrn.crystal_id             1 
# 
_diffrn_detector.diffrn_id              1 
_diffrn_detector.detector               CCD 
_diffrn_detector.type                   'ADSC QUANTUM 315' 
_diffrn_detector.pdbx_collection_date   2007-10-12 
_diffrn_detector.details                Mirrors 
# 
_diffrn_radiation.diffrn_id                        1 
_diffrn_radiation.wavelength_id                    1 
_diffrn_radiation.pdbx_monochromatic_or_laue_m_l   M 
_diffrn_radiation.monochromator                    'Double crystal, Si111' 
_diffrn_radiation.pdbx_diffrn_protocol             'SINGLE WAVELENGTH' 
_diffrn_radiation.pdbx_scattering_type             x-ray 
# 
_diffrn_radiation_wavelength.id           1 
_diffrn_radiation_wavelength.wavelength   0.9794 
_diffrn_radiation_wavelength.wt           1.0 
# 
_diffrn_source.diffrn_id                   1 
_diffrn_source.source                      SYNCHROTRON 
_diffrn_source.type                        'APS BEAMLINE 19-ID' 
_diffrn_source.pdbx_synchrotron_site       APS 
_diffrn_source.pdbx_synchrotron_beamline   19-ID 
_diffrn_source.pdbx_wavelength             ? 
_diffrn_source.pdbx_wavelength_list        0.9794 
# 
_reflns.entry_id                     3B73 
_reflns.observed_criterion_sigma_I   0.0 
_reflns.observed_criterion_sigma_F   0.0 
_reflns.d_resolution_low             34.29 
_reflns.d_resolution_high            2.12 
_reflns.number_obs                   12752 
_reflns.number_all                   12752 
_reflns.percent_possible_obs         90.5 
_reflns.pdbx_Rmerge_I_obs            ? 
_reflns.pdbx_Rsym_value              0.09 
_reflns.pdbx_netI_over_sigmaI        11.5 
_reflns.B_iso_Wilson_estimate        48.823 
_reflns.pdbx_redundancy              13.8 
_reflns.R_free_details               ? 
_reflns.limit_h_max                  ? 
_reflns.limit_h_min                  ? 
_reflns.limit_k_max                  ? 
_reflns.limit_k_min                  ? 
_reflns.limit_l_max                  ? 
_reflns.limit_l_min                  ? 
_reflns.observed_criterion_F_max     ? 
_reflns.observed_criterion_F_min     ? 
_reflns.pdbx_chi_squared             ? 
_reflns.pdbx_scaling_rejects         ? 
_reflns.pdbx_diffrn_id               1 
_reflns.pdbx_ordinal                 1 
# 
_reflns_shell.d_res_high             2.12 
_reflns_shell.d_res_low              2.2 
_reflns_shell.percent_possible_all   64.7 
_reflns_shell.Rmerge_I_obs           ? 
_reflns_shell.pdbx_Rsym_value        0.319 
_reflns_shell.meanI_over_sigI_obs    5.4 
_reflns_shell.pdbx_redundancy        10.0 
_reflns_shell.percent_possible_obs   ? 
_reflns_shell.number_unique_all      888 
_reflns_shell.number_measured_all    ? 
_reflns_shell.number_measured_obs    ? 
_reflns_shell.number_unique_obs      ? 
_reflns_shell.pdbx_chi_squared       ? 
_reflns_shell.pdbx_diffrn_id         ? 
_reflns_shell.pdbx_ordinal           1 
# 
_refine.entry_id                                 3B73 
_refine.ls_number_reflns_obs                     11931 
_refine.ls_number_reflns_all                     ? 
_refine.pdbx_ls_sigma_I                          ? 
_refine.pdbx_ls_sigma_F                          0.0 
_refine.pdbx_data_cutoff_high_absF               ? 
_refine.pdbx_data_cutoff_low_absF                ? 
_refine.pdbx_data_cutoff_high_rms_absF           ? 
_refine.ls_d_res_low                             34.29 
_refine.ls_d_res_high                            2.12 
_refine.ls_percent_reflns_obs                    91.63 
_refine.ls_R_factor_obs                          0.196 
_refine.ls_R_factor_all                          0.196 
_refine.ls_R_factor_R_work                       0.194 
_refine.ls_R_factor_R_free                       0.228 
_refine.ls_R_factor_R_free_error                 ? 
_refine.ls_R_factor_R_free_error_details         ? 
_refine.ls_percent_reflns_R_free                 4.9 
_refine.ls_number_reflns_R_free                  615 
_refine.ls_number_parameters                     ? 
_refine.ls_number_restraints                     ? 
_refine.occupancy_min                            ? 
_refine.occupancy_max                            ? 
_refine.correlation_coeff_Fo_to_Fc               0.962 
_refine.correlation_coeff_Fo_to_Fc_free          0.959 
_refine.B_iso_mean                               61.515 
_refine.aniso_B[1][1]                            2.59 
_refine.aniso_B[2][2]                            -1.16 
_refine.aniso_B[3][3]                            -1.43 
_refine.aniso_B[1][2]                            0.00 
_refine.aniso_B[1][3]                            0.00 
_refine.aniso_B[2][3]                            0.00 
_refine.solvent_model_details                    MASK 
_refine.solvent_model_param_ksol                 ? 
_refine.solvent_model_param_bsol                 ? 
_refine.pdbx_solvent_vdw_probe_radii             1.20 
_refine.pdbx_solvent_ion_probe_radii             0.80 
_refine.pdbx_solvent_shrinkage_radii             0.80 
_refine.pdbx_ls_cross_valid_method               THROUGHOUT 
_refine.details                                  ? 
_refine.pdbx_starting_model                      ? 
_refine.pdbx_method_to_determine_struct          SAD 
_refine.pdbx_isotropic_thermal_model             ? 
_refine.pdbx_stereochemistry_target_values       'MAXIMUM LIKELIHOOD WITH PHASES' 
_refine.pdbx_stereochem_target_val_spec_case     ? 
_refine.pdbx_R_Free_selection_details            RANDOM 
_refine.pdbx_overall_ESU_R                       0.225 
_refine.pdbx_overall_ESU_R_Free                  0.183 
_refine.overall_SU_ML                            ? 
_refine.overall_SU_B                             ? 
_refine.ls_redundancy_reflns_obs                 ? 
_refine.B_iso_min                                ? 
_refine.B_iso_max                                ? 
_refine.overall_SU_R_Cruickshank_DPI             ? 
_refine.overall_SU_R_free                        ? 
_refine.ls_wR_factor_R_free                      ? 
_refine.ls_wR_factor_R_work                      ? 
_refine.overall_FOM_free_R_set                   ? 
_refine.overall_FOM_work_R_set                   ? 
_refine.pdbx_refine_id                           'X-RAY DIFFRACTION' 
_refine.pdbx_diffrn_id                           1 
_refine.pdbx_TLS_residual_ADP_flag               ? 
_refine.pdbx_overall_phase_error                 ? 
_refine.pdbx_overall_SU_R_free_Cruickshank_DPI   ? 
_refine.pdbx_overall_SU_R_Blow_DPI               ? 
_refine.pdbx_overall_SU_R_free_Blow_DPI          ? 
# 
_refine_hist.pdbx_refine_id                   'X-RAY DIFFRACTION' 
_refine_hist.cycle_id                         LAST 
_refine_hist.pdbx_number_atoms_protein        1492 
_refine_hist.pdbx_number_atoms_nucleic_acid   0 
_refine_hist.pdbx_number_atoms_ligand         10 
_refine_hist.number_atoms_solvent             55 
_refine_hist.number_atoms_total               1557 
_refine_hist.d_res_high                       2.12 
_refine_hist.d_res_low                        34.29 
# 
loop_
_refine_ls_restr.type 
_refine_ls_restr.dev_ideal 
_refine_ls_restr.dev_ideal_target 
_refine_ls_restr.weight 
_refine_ls_restr.number 
_refine_ls_restr.pdbx_refine_id 
_refine_ls_restr.pdbx_restraint_function 
r_bond_refined_d             .010   .021   ? 1527 'X-RAY DIFFRACTION' ? 
r_bond_other_d               ?      ?      ? ?    'X-RAY DIFFRACTION' ? 
r_angle_refined_deg          1.178  1.968  ? 2062 'X-RAY DIFFRACTION' ? 
r_angle_other_deg            ?      ?      ? ?    'X-RAY DIFFRACTION' ? 
r_dihedral_angle_1_deg       4.607  5.000  ? 187  'X-RAY DIFFRACTION' ? 
r_dihedral_angle_2_deg       31.124 24.588 ? 85   'X-RAY DIFFRACTION' ? 
r_dihedral_angle_3_deg       18.398 15.000 ? 287  'X-RAY DIFFRACTION' ? 
r_dihedral_angle_4_deg       21.762 15.000 ? 15   'X-RAY DIFFRACTION' ? 
r_chiral_restr               .075   .200   ? 212  'X-RAY DIFFRACTION' ? 
r_gen_planes_refined         .005   .020   ? 1183 'X-RAY DIFFRACTION' ? 
r_gen_planes_other           ?      ?      ? ?    'X-RAY DIFFRACTION' ? 
r_nbd_refined                .230   .200   ? 734  'X-RAY DIFFRACTION' ? 
r_nbd_other                  ?      ?      ? ?    'X-RAY DIFFRACTION' ? 
r_nbtor_refined              .321   .200   ? 1049 'X-RAY DIFFRACTION' ? 
r_nbtor_other                ?      ?      ? ?    'X-RAY DIFFRACTION' ? 
r_xyhbond_nbd_refined        .157   .200   ? 84   'X-RAY DIFFRACTION' ? 
r_xyhbond_nbd_other          ?      ?      ? ?    'X-RAY DIFFRACTION' ? 
r_metal_ion_refined          ?      ?      ? ?    'X-RAY DIFFRACTION' ? 
r_metal_ion_other            ?      ?      ? ?    'X-RAY DIFFRACTION' ? 
r_symmetry_vdw_refined       .298   .200   ? 24   'X-RAY DIFFRACTION' ? 
r_symmetry_vdw_other         ?      ?      ? ?    'X-RAY DIFFRACTION' ? 
r_symmetry_hbond_refined     .264   .200   ? 7    'X-RAY DIFFRACTION' ? 
r_symmetry_hbond_other       ?      ?      ? ?    'X-RAY DIFFRACTION' ? 
r_symmetry_metal_ion_refined ?      ?      ? ?    'X-RAY DIFFRACTION' ? 
r_symmetry_metal_ion_other   ?      ?      ? ?    'X-RAY DIFFRACTION' ? 
r_mcbond_it                  10.291 1.500  ? 913  'X-RAY DIFFRACTION' ? 
r_mcbond_other               ?      ?      ? ?    'X-RAY DIFFRACTION' ? 
r_mcangle_it                 11.747 2.000  ? 1467 'X-RAY DIFFRACTION' ? 
r_scbond_it                  18.177 3.000  ? 614  'X-RAY DIFFRACTION' ? 
r_scangle_it                 18.378 4.500  ? 595  'X-RAY DIFFRACTION' ? 
r_rigid_bond_restr           ?      ?      ? ?    'X-RAY DIFFRACTION' ? 
r_sphericity_free            ?      ?      ? ?    'X-RAY DIFFRACTION' ? 
r_sphericity_bonded          ?      ?      ? ?    'X-RAY DIFFRACTION' ? 
# 
_refine_ls_shell.pdbx_total_number_of_bins_used   20 
_refine_ls_shell.d_res_high                       2.120 
_refine_ls_shell.d_res_low                        2.175 
_refine_ls_shell.number_reflns_R_work             604 
_refine_ls_shell.R_factor_R_work                  0.284 
_refine_ls_shell.percent_reflns_obs               66.12 
_refine_ls_shell.R_factor_R_free                  0.366 
_refine_ls_shell.R_factor_R_free_error            ? 
_refine_ls_shell.percent_reflns_R_free            ? 
_refine_ls_shell.number_reflns_R_free             46 
_refine_ls_shell.number_reflns_all                ? 
_refine_ls_shell.R_factor_all                     ? 
_refine_ls_shell.number_reflns_obs                650 
_refine_ls_shell.redundancy_reflns_obs            ? 
_refine_ls_shell.pdbx_refine_id                   'X-RAY DIFFRACTION' 
# 
_struct.entry_id                  3B73 
_struct.title                     'Crystal structure of the PhiH1 repressor-like protein from Haloarcula marismortui' 
_struct.pdbx_model_details        ? 
_struct.pdbx_CASP_flag            N 
_struct.pdbx_model_type_details   ? 
# 
_struct_keywords.entry_id        3B73 
_struct_keywords.pdbx_keywords   'STRUCTURAL GENOMICS, UNKNOWN FUNCTION' 
_struct_keywords.text            
;winged-helix-turn-helix, Structural Genomics, PSI-2, Protein Structure Initiative, Midwest Center for Structural Genomics, MCSG, UNKNOWN FUNCTION
;
# 
loop_
_struct_asym.id 
_struct_asym.pdbx_blank_PDB_chainid_flag 
_struct_asym.pdbx_modified 
_struct_asym.entity_id 
_struct_asym.details 
A N N 1 ? 
B N N 1 ? 
C N N 2 ? 
D N N 2 ? 
E N N 3 ? 
F N N 3 ? 
# 
_struct_ref.id                         1 
_struct_ref.db_name                    UNP 
_struct_ref.db_code                    Q5V043_HALMA 
_struct_ref.pdbx_db_accession          Q5V043 
_struct_ref.entity_id                  1 
_struct_ref.pdbx_seq_one_letter_code   
;MRQSGSWMTIWDDRILEIIHEEGNGSPKELEDRDEIRISKSSVSRRLKKLADHDLLQPLANGVYVITEEGEAYLNGEYDA
GKERYINRGNSTDEENGADAPDGPGINS
;
_struct_ref.pdbx_align_begin           1 
_struct_ref.pdbx_db_isoform            ? 
# 
loop_
_struct_ref_seq.align_id 
_struct_ref_seq.ref_id 
_struct_ref_seq.pdbx_PDB_id_code 
_struct_ref_seq.pdbx_strand_id 
_struct_ref_seq.seq_align_beg 
_struct_ref_seq.pdbx_seq_align_beg_ins_code 
_struct_ref_seq.seq_align_end 
_struct_ref_seq.pdbx_seq_align_end_ins_code 
_struct_ref_seq.pdbx_db_accession 
_struct_ref_seq.db_align_beg 
_struct_ref_seq.pdbx_db_align_beg_ins_code 
_struct_ref_seq.db_align_end 
_struct_ref_seq.pdbx_db_align_end_ins_code 
_struct_ref_seq.pdbx_auth_seq_align_beg 
_struct_ref_seq.pdbx_auth_seq_align_end 
1 1 3B73 A 4 ? 111 ? Q5V043 1 ? 108 ? 1 108 
2 1 3B73 B 4 ? 111 ? Q5V043 1 ? 108 ? 1 108 
# 
loop_
_struct_ref_seq_dif.align_id 
_struct_ref_seq_dif.pdbx_pdb_id_code 
_struct_ref_seq_dif.mon_id 
_struct_ref_seq_dif.pdbx_pdb_strand_id 
_struct_ref_seq_dif.seq_num 
_struct_ref_seq_dif.pdbx_pdb_ins_code 
_struct_ref_seq_dif.pdbx_seq_db_name 
_struct_ref_seq_dif.pdbx_seq_db_accession_code 
_struct_ref_seq_dif.db_mon_id 
_struct_ref_seq_dif.pdbx_seq_db_seq_num 
_struct_ref_seq_dif.details 
_struct_ref_seq_dif.pdbx_auth_seq_num 
_struct_ref_seq_dif.pdbx_ordinal 
1 3B73 SER A 1 ? UNP Q5V043 ? ? 'expression tag' -2 1 
1 3B73 ASN A 2 ? UNP Q5V043 ? ? 'expression tag' -1 2 
1 3B73 ALA A 3 ? UNP Q5V043 ? ? 'expression tag' 0  3 
2 3B73 SER B 1 ? UNP Q5V043 ? ? 'expression tag' -2 4 
2 3B73 ASN B 2 ? UNP Q5V043 ? ? 'expression tag' -1 5 
2 3B73 ALA B 3 ? UNP Q5V043 ? ? 'expression tag' 0  6 
# 
_pdbx_struct_assembly.id                   1 
_pdbx_struct_assembly.details              author_and_software_defined_assembly 
_pdbx_struct_assembly.method_details       PISA 
_pdbx_struct_assembly.oligomeric_details   dimeric 
_pdbx_struct_assembly.oligomeric_count     2 
# 
_pdbx_struct_assembly_prop.biol_id   1 
_pdbx_struct_assembly_prop.type      'ABSA (A^2)' 
_pdbx_struct_assembly_prop.value     1670 
_pdbx_struct_assembly_prop.details   ? 
# 
_pdbx_struct_assembly_gen.assembly_id       1 
_pdbx_struct_assembly_gen.oper_expression   1 
_pdbx_struct_assembly_gen.asym_id_list      A,B,C,D,E,F 
# 
_pdbx_struct_oper_list.id                   1 
_pdbx_struct_oper_list.type                 'identity operation' 
_pdbx_struct_oper_list.name                 1_555 
_pdbx_struct_oper_list.symmetry_operation   x,y,z 
_pdbx_struct_oper_list.matrix[1][1]         1.0000000000 
_pdbx_struct_oper_list.matrix[1][2]         0.0000000000 
_pdbx_struct_oper_list.matrix[1][3]         0.0000000000 
_pdbx_struct_oper_list.vector[1]            0.0000000000 
_pdbx_struct_oper_list.matrix[2][1]         0.0000000000 
_pdbx_struct_oper_list.matrix[2][2]         1.0000000000 
_pdbx_struct_oper_list.matrix[2][3]         0.0000000000 
_pdbx_struct_oper_list.vector[2]            0.0000000000 
_pdbx_struct_oper_list.matrix[3][1]         0.0000000000 
_pdbx_struct_oper_list.matrix[3][2]         0.0000000000 
_pdbx_struct_oper_list.matrix[3][3]         1.0000000000 
_pdbx_struct_oper_list.vector[3]            0.0000000000 
# 
_struct_biol.id        1 
_struct_biol.details   ? 
# 
loop_
_struct_conf.conf_type_id 
_struct_conf.id 
_struct_conf.pdbx_PDB_helix_id 
_struct_conf.beg_label_comp_id 
_struct_conf.beg_label_asym_id 
_struct_conf.beg_label_seq_id 
_struct_conf.pdbx_beg_PDB_ins_code 
_struct_conf.end_label_comp_id 
_struct_conf.end_label_asym_id 
_struct_conf.end_label_seq_id 
_struct_conf.pdbx_end_PDB_ins_code 
_struct_conf.beg_auth_comp_id 
_struct_conf.beg_auth_asym_id 
_struct_conf.beg_auth_seq_id 
_struct_conf.end_auth_comp_id 
_struct_conf.end_auth_asym_id 
_struct_conf.end_auth_seq_id 
_struct_conf.pdbx_PDB_helix_class 
_struct_conf.details 
_struct_conf.pdbx_PDB_helix_length 
HELX_P HELX_P1 1 THR A 12 ? GLY A 26 ? THR A 9  GLY A 23 1 ? 15 
HELX_P HELX_P2 2 SER A 29 ? ASP A 35 ? SER A 26 ASP A 32 1 ? 7  
HELX_P HELX_P3 3 SER A 42 ? HIS A 56 ? SER A 39 HIS A 53 1 ? 15 
HELX_P HELX_P4 4 THR A 70 ? ASN A 78 ? THR A 67 ASN A 75 1 ? 9  
HELX_P HELX_P5 5 THR B 12 ? GLY B 26 ? THR B 9  GLY B 23 1 ? 15 
HELX_P HELX_P6 6 SER B 29 ? ASP B 35 ? SER B 26 ASP B 32 1 ? 7  
HELX_P HELX_P7 7 SER B 42 ? HIS B 56 ? SER B 39 HIS B 53 1 ? 15 
HELX_P HELX_P8 8 ALA B 63 ? GLY B 65 ? ALA B 60 GLY B 62 5 ? 3  
HELX_P HELX_P9 9 THR B 70 ? ASN B 78 ? THR B 67 ASN B 75 1 ? 9  
# 
_struct_conf_type.id          HELX_P 
_struct_conf_type.criteria    ? 
_struct_conf_type.reference   ? 
# 
loop_
_struct_conn.id 
_struct_conn.conn_type_id 
_struct_conn.pdbx_leaving_atom_flag 
_struct_conn.pdbx_PDB_id 
_struct_conn.ptnr1_label_asym_id 
_struct_conn.ptnr1_label_comp_id 
_struct_conn.ptnr1_label_seq_id 
_struct_conn.ptnr1_label_atom_id 
_struct_conn.pdbx_ptnr1_label_alt_id 
_struct_conn.pdbx_ptnr1_PDB_ins_code 
_struct_conn.pdbx_ptnr1_standard_comp_id 
_struct_conn.ptnr1_symmetry 
_struct_conn.ptnr2_label_asym_id 
_struct_conn.ptnr2_label_comp_id 
_struct_conn.ptnr2_label_seq_id 
_struct_conn.ptnr2_label_atom_id 
_struct_conn.pdbx_ptnr2_label_alt_id 
_struct_conn.pdbx_ptnr2_PDB_ins_code 
_struct_conn.ptnr1_auth_asym_id 
_struct_conn.ptnr1_auth_comp_id 
_struct_conn.ptnr1_auth_seq_id 
_struct_conn.ptnr2_auth_asym_id 
_struct_conn.ptnr2_auth_comp_id 
_struct_conn.ptnr2_auth_seq_id 
_struct_conn.ptnr2_symmetry 
_struct_conn.pdbx_ptnr3_label_atom_id 
_struct_conn.pdbx_ptnr3_label_seq_id 
_struct_conn.pdbx_ptnr3_label_comp_id 
_struct_conn.pdbx_ptnr3_label_asym_id 
_struct_conn.pdbx_ptnr3_label_alt_id 
_struct_conn.pdbx_ptnr3_PDB_ins_code 
_struct_conn.details 
_struct_conn.pdbx_dist_value 
_struct_conn.pdbx_value_order 
_struct_conn.pdbx_role 
covale1 covale both ? A ALA 3  C ? ? ? 1_555 A MSE 4  N ? ? A ALA 0 A MSE 1 1_555 ? ? ? ? ? ? ? 1.318 ? ? 
covale2 covale both ? A MSE 4  C ? ? ? 1_555 A ARG 5  N ? ? A MSE 1 A ARG 2 1_555 ? ? ? ? ? ? ? 1.335 ? ? 
covale3 covale both ? A TRP 10 C ? ? ? 1_555 A MSE 11 N ? ? A TRP 7 A MSE 8 1_555 ? ? ? ? ? ? ? 1.317 ? ? 
covale4 covale both ? A MSE 11 C ? ? ? 1_555 A THR 12 N ? ? A MSE 8 A THR 9 1_555 ? ? ? ? ? ? ? 1.331 ? ? 
covale5 covale both ? B ALA 3  C ? ? ? 1_555 B MSE 4  N ? ? B ALA 0 B MSE 1 1_555 ? ? ? ? ? ? ? 1.326 ? ? 
covale6 covale both ? B MSE 4  C ? ? ? 1_555 B ARG 5  N ? ? B MSE 1 B ARG 2 1_555 ? ? ? ? ? ? ? 1.327 ? ? 
covale7 covale both ? B TRP 10 C ? ? ? 1_555 B MSE 11 N ? ? B TRP 7 B MSE 8 1_555 ? ? ? ? ? ? ? 1.328 ? ? 
covale8 covale both ? B MSE 11 C ? ? ? 1_555 B THR 12 N ? ? B MSE 8 B THR 9 1_555 ? ? ? ? ? ? ? 1.331 ? ? 
# 
_struct_conn_type.id          covale 
_struct_conn_type.criteria    ? 
_struct_conn_type.reference   ? 
# 
loop_
_pdbx_modification_feature.ordinal 
_pdbx_modification_feature.label_comp_id 
_pdbx_modification_feature.label_asym_id 
_pdbx_modification_feature.label_seq_id 
_pdbx_modification_feature.label_alt_id 
_pdbx_modification_feature.modified_residue_label_comp_id 
_pdbx_modification_feature.modified_residue_label_asym_id 
_pdbx_modification_feature.modified_residue_label_seq_id 
_pdbx_modification_feature.modified_residue_label_alt_id 
_pdbx_modification_feature.auth_comp_id 
_pdbx_modification_feature.auth_asym_id 
_pdbx_modification_feature.auth_seq_id 
_pdbx_modification_feature.PDB_ins_code 
_pdbx_modification_feature.symmetry 
_pdbx_modification_feature.modified_residue_auth_comp_id 
_pdbx_modification_feature.modified_residue_auth_asym_id 
_pdbx_modification_feature.modified_residue_auth_seq_id 
_pdbx_modification_feature.modified_residue_PDB_ins_code 
_pdbx_modification_feature.modified_residue_symmetry 
_pdbx_modification_feature.comp_id_linking_atom 
_pdbx_modification_feature.modified_residue_id_linking_atom 
_pdbx_modification_feature.modified_residue_id 
_pdbx_modification_feature.ref_pcm_id 
_pdbx_modification_feature.ref_comp_id 
_pdbx_modification_feature.type 
_pdbx_modification_feature.category 
1 MSE A 4  ? . . . . MSE A 1 ? 1_555 . . . . . . . MET 1 MSE Selenomethionine 'Named protein modification' 
2 MSE A 11 ? . . . . MSE A 8 ? 1_555 . . . . . . . MET 1 MSE Selenomethionine 'Named protein modification' 
3 MSE B 4  ? . . . . MSE B 1 ? 1_555 . . . . . . . MET 1 MSE Selenomethionine 'Named protein modification' 
4 MSE B 11 ? . . . . MSE B 8 ? 1_555 . . . . . . . MET 1 MSE Selenomethionine 'Named protein modification' 
# 
loop_
_struct_sheet.id 
_struct_sheet.type 
_struct_sheet.number_strands 
_struct_sheet.details 
A ? 2 ? 
B ? 2 ? 
C ? 3 ? 
D ? 2 ? 
# 
loop_
_struct_sheet_order.sheet_id 
_struct_sheet_order.range_id_1 
_struct_sheet_order.range_id_2 
_struct_sheet_order.offset 
_struct_sheet_order.sense 
A 1 2 ? anti-parallel 
B 1 2 ? anti-parallel 
C 1 2 ? anti-parallel 
C 2 3 ? anti-parallel 
D 1 2 ? anti-parallel 
# 
loop_
_struct_sheet_range.sheet_id 
_struct_sheet_range.id 
_struct_sheet_range.beg_label_comp_id 
_struct_sheet_range.beg_label_asym_id 
_struct_sheet_range.beg_label_seq_id 
_struct_sheet_range.pdbx_beg_PDB_ins_code 
_struct_sheet_range.end_label_comp_id 
_struct_sheet_range.end_label_asym_id 
_struct_sheet_range.end_label_seq_id 
_struct_sheet_range.pdbx_end_PDB_ins_code 
_struct_sheet_range.beg_auth_comp_id 
_struct_sheet_range.beg_auth_asym_id 
_struct_sheet_range.beg_auth_seq_id 
_struct_sheet_range.end_auth_comp_id 
_struct_sheet_range.end_auth_asym_id 
_struct_sheet_range.end_auth_seq_id 
A 1 LEU A 59 ? PRO A 61 ? LEU A 56 PRO A 58 
A 2 TYR A 67 ? ILE A 69 ? TYR A 64 ILE A 66 
B 1 TYR A 81 ? ASP A 82 ? TYR A 78 ASP A 79 
B 2 ARG A 87 ? TYR A 88 ? ARG A 84 TYR A 85 
C 1 ASN B 27 ? GLY B 28 ? ASN B 24 GLY B 25 
C 2 VAL B 66 ? ILE B 69 ? VAL B 63 ILE B 66 
C 3 LEU B 59 ? LEU B 62 ? LEU B 56 LEU B 59 
D 1 TYR B 81 ? ASP B 82 ? TYR B 78 ASP B 79 
D 2 ARG B 87 ? TYR B 88 ? ARG B 84 TYR B 85 
# 
loop_
_pdbx_struct_sheet_hbond.sheet_id 
_pdbx_struct_sheet_hbond.range_id_1 
_pdbx_struct_sheet_hbond.range_id_2 
_pdbx_struct_sheet_hbond.range_1_label_atom_id 
_pdbx_struct_sheet_hbond.range_1_label_comp_id 
_pdbx_struct_sheet_hbond.range_1_label_asym_id 
_pdbx_struct_sheet_hbond.range_1_label_seq_id 
_pdbx_struct_sheet_hbond.range_1_PDB_ins_code 
_pdbx_struct_sheet_hbond.range_1_auth_atom_id 
_pdbx_struct_sheet_hbond.range_1_auth_comp_id 
_pdbx_struct_sheet_hbond.range_1_auth_asym_id 
_pdbx_struct_sheet_hbond.range_1_auth_seq_id 
_pdbx_struct_sheet_hbond.range_2_label_atom_id 
_pdbx_struct_sheet_hbond.range_2_label_comp_id 
_pdbx_struct_sheet_hbond.range_2_label_asym_id 
_pdbx_struct_sheet_hbond.range_2_label_seq_id 
_pdbx_struct_sheet_hbond.range_2_PDB_ins_code 
_pdbx_struct_sheet_hbond.range_2_auth_atom_id 
_pdbx_struct_sheet_hbond.range_2_auth_comp_id 
_pdbx_struct_sheet_hbond.range_2_auth_asym_id 
_pdbx_struct_sheet_hbond.range_2_auth_seq_id 
A 1 2 N GLN A 60 ? N GLN A 57 O VAL A 68 ? O VAL A 65 
B 1 2 N ASP A 82 ? N ASP A 79 O ARG A 87 ? O ARG A 84 
C 1 2 N GLY B 28 ? N GLY B 25 O TYR B 67 ? O TYR B 64 
C 2 3 O VAL B 66 ? O VAL B 63 N LEU B 62 ? N LEU B 59 
D 1 2 N ASP B 82 ? N ASP B 79 O ARG B 87 ? O ARG B 84 
# 
loop_
_struct_site.id 
_struct_site.pdbx_evidence_code 
_struct_site.pdbx_auth_asym_id 
_struct_site.pdbx_auth_comp_id 
_struct_site.pdbx_auth_seq_id 
_struct_site.pdbx_auth_ins_code 
_struct_site.pdbx_num_residues 
_struct_site.details 
AC1 Software B SO4 109 ? 5 'BINDING SITE FOR RESIDUE SO4 B 109' 
AC2 Software A SO4 109 ? 6 'BINDING SITE FOR RESIDUE SO4 A 109' 
# 
loop_
_struct_site_gen.id 
_struct_site_gen.site_id 
_struct_site_gen.pdbx_num_res 
_struct_site_gen.label_comp_id 
_struct_site_gen.label_asym_id 
_struct_site_gen.label_seq_id 
_struct_site_gen.pdbx_auth_ins_code 
_struct_site_gen.auth_comp_id 
_struct_site_gen.auth_asym_id 
_struct_site_gen.auth_seq_id 
_struct_site_gen.label_atom_id 
_struct_site_gen.label_alt_id 
_struct_site_gen.symmetry 
_struct_site_gen.details 
1  AC1 5 ARG A 40 ? ARG A 37 . ? 3_555 ? 
2  AC1 5 ILE B 41 ? ILE B 38 . ? 1_555 ? 
3  AC1 5 SER B 42 ? SER B 39 . ? 1_555 ? 
4  AC1 5 SER B 45 ? SER B 42 . ? 1_555 ? 
5  AC1 5 LYS B 85 ? LYS B 82 . ? 3_555 ? 
6  AC2 6 ARG A 40 ? ARG A 37 . ? 1_555 ? 
7  AC2 6 ILE A 41 ? ILE A 38 . ? 1_555 ? 
8  AC2 6 SER A 42 ? SER A 39 . ? 1_555 ? 
9  AC2 6 SER A 45 ? SER A 42 . ? 1_555 ? 
10 AC2 6 LYS A 85 ? LYS A 82 . ? 3_545 ? 
11 AC2 6 ARG B 40 ? ARG B 37 . ? 3_545 ? 
# 
_pdbx_entry_details.entry_id                   3B73 
_pdbx_entry_details.compound_details           ? 
_pdbx_entry_details.source_details             ? 
_pdbx_entry_details.nonpolymer_details         ? 
_pdbx_entry_details.sequence_details           ? 
_pdbx_entry_details.has_ligand_of_interest     ? 
_pdbx_entry_details.has_protein_modification   Y 
# 
_pdbx_validate_rmsd_angle.id                         1 
_pdbx_validate_rmsd_angle.PDB_model_num              1 
_pdbx_validate_rmsd_angle.auth_atom_id_1             NE 
_pdbx_validate_rmsd_angle.auth_asym_id_1             A 
_pdbx_validate_rmsd_angle.auth_comp_id_1             ARG 
_pdbx_validate_rmsd_angle.auth_seq_id_1              2 
_pdbx_validate_rmsd_angle.PDB_ins_code_1             ? 
_pdbx_validate_rmsd_angle.label_alt_id_1             ? 
_pdbx_validate_rmsd_angle.auth_atom_id_2             CZ 
_pdbx_validate_rmsd_angle.auth_asym_id_2             A 
_pdbx_validate_rmsd_angle.auth_comp_id_2             ARG 
_pdbx_validate_rmsd_angle.auth_seq_id_2              2 
_pdbx_validate_rmsd_angle.PDB_ins_code_2             ? 
_pdbx_validate_rmsd_angle.label_alt_id_2             ? 
_pdbx_validate_rmsd_angle.auth_atom_id_3             NH2 
_pdbx_validate_rmsd_angle.auth_asym_id_3             A 
_pdbx_validate_rmsd_angle.auth_comp_id_3             ARG 
_pdbx_validate_rmsd_angle.auth_seq_id_3              2 
_pdbx_validate_rmsd_angle.PDB_ins_code_3             ? 
_pdbx_validate_rmsd_angle.label_alt_id_3             ? 
_pdbx_validate_rmsd_angle.angle_value                116.82 
_pdbx_validate_rmsd_angle.angle_target_value         120.30 
_pdbx_validate_rmsd_angle.angle_deviation            -3.48 
_pdbx_validate_rmsd_angle.angle_standard_deviation   0.50 
_pdbx_validate_rmsd_angle.linker_flag                N 
# 
_pdbx_validate_torsion.id              1 
_pdbx_validate_torsion.PDB_model_num   1 
_pdbx_validate_torsion.auth_comp_id    GLU 
_pdbx_validate_torsion.auth_asym_id    A 
_pdbx_validate_torsion.auth_seq_id     83 
_pdbx_validate_torsion.PDB_ins_code    ? 
_pdbx_validate_torsion.label_alt_id    ? 
_pdbx_validate_torsion.phi             60.30 
_pdbx_validate_torsion.psi             62.95 
# 
_pdbx_SG_project.id                    1 
_pdbx_SG_project.project_name          'PSI, Protein Structure Initiative' 
_pdbx_SG_project.full_name_of_center   'Midwest Center for Structural Genomics' 
_pdbx_SG_project.initial_of_center     MCSG 
# 
loop_
_pdbx_struct_mod_residue.id 
_pdbx_struct_mod_residue.label_asym_id 
_pdbx_struct_mod_residue.label_comp_id 
_pdbx_struct_mod_residue.label_seq_id 
_pdbx_struct_mod_residue.auth_asym_id 
_pdbx_struct_mod_residue.auth_comp_id 
_pdbx_struct_mod_residue.auth_seq_id 
_pdbx_struct_mod_residue.PDB_ins_code 
_pdbx_struct_mod_residue.parent_comp_id 
_pdbx_struct_mod_residue.details 
1 A MSE 4  A MSE 1 ? MET SELENOMETHIONINE 
2 A MSE 11 A MSE 8 ? MET SELENOMETHIONINE 
3 B MSE 4  B MSE 1 ? MET SELENOMETHIONINE 
4 B MSE 11 B MSE 8 ? MET SELENOMETHIONINE 
# 
loop_
_pdbx_unobs_or_zero_occ_residues.id 
_pdbx_unobs_or_zero_occ_residues.PDB_model_num 
_pdbx_unobs_or_zero_occ_residues.polymer_flag 
_pdbx_unobs_or_zero_occ_residues.occupancy_flag 
_pdbx_unobs_or_zero_occ_residues.auth_asym_id 
_pdbx_unobs_or_zero_occ_residues.auth_comp_id 
_pdbx_unobs_or_zero_occ_residues.auth_seq_id 
_pdbx_unobs_or_zero_occ_residues.PDB_ins_code 
_pdbx_unobs_or_zero_occ_residues.label_asym_id 
_pdbx_unobs_or_zero_occ_residues.label_comp_id 
_pdbx_unobs_or_zero_occ_residues.label_seq_id 
1  1 Y 1 A SER -2  ? A SER 1   
2  1 Y 1 A ASN 87  ? A ASN 90  
3  1 Y 1 A ARG 88  ? A ARG 91  
4  1 Y 1 A GLY 89  ? A GLY 92  
5  1 Y 1 A ASN 90  ? A ASN 93  
6  1 Y 1 A SER 91  ? A SER 94  
7  1 Y 1 A THR 92  ? A THR 95  
8  1 Y 1 A ASP 93  ? A ASP 96  
9  1 Y 1 A GLU 94  ? A GLU 97  
10 1 Y 1 A GLU 95  ? A GLU 98  
11 1 Y 1 A ASN 96  ? A ASN 99  
12 1 Y 1 A GLY 97  ? A GLY 100 
13 1 Y 1 A ALA 98  ? A ALA 101 
14 1 Y 1 A ASP 99  ? A ASP 102 
15 1 Y 1 A ALA 100 ? A ALA 103 
16 1 Y 1 A PRO 101 ? A PRO 104 
17 1 Y 1 A ASP 102 ? A ASP 105 
18 1 Y 1 A GLY 103 ? A GLY 106 
19 1 Y 1 A PRO 104 ? A PRO 107 
20 1 Y 1 A GLY 105 ? A GLY 108 
21 1 Y 1 A ILE 106 ? A ILE 109 
22 1 Y 1 A ASN 107 ? A ASN 110 
23 1 Y 1 A SER 108 ? A SER 111 
24 1 Y 1 B SER -2  ? B SER 1   
25 1 Y 1 B ARG 88  ? B ARG 91  
26 1 Y 1 B GLY 89  ? B GLY 92  
27 1 Y 1 B ASN 90  ? B ASN 93  
28 1 Y 1 B SER 91  ? B SER 94  
29 1 Y 1 B THR 92  ? B THR 95  
30 1 Y 1 B ASP 93  ? B ASP 96  
31 1 Y 1 B GLU 94  ? B GLU 97  
32 1 Y 1 B GLU 95  ? B GLU 98  
33 1 Y 1 B ASN 96  ? B ASN 99  
34 1 Y 1 B GLY 97  ? B GLY 100 
35 1 Y 1 B ALA 98  ? B ALA 101 
36 1 Y 1 B ASP 99  ? B ASP 102 
37 1 Y 1 B ALA 100 ? B ALA 103 
38 1 Y 1 B PRO 101 ? B PRO 104 
39 1 Y 1 B ASP 102 ? B ASP 105 
40 1 Y 1 B GLY 103 ? B GLY 106 
41 1 Y 1 B PRO 104 ? B PRO 107 
42 1 Y 1 B GLY 105 ? B GLY 108 
43 1 Y 1 B ILE 106 ? B ILE 109 
44 1 Y 1 B ASN 107 ? B ASN 110 
45 1 Y 1 B SER 108 ? B SER 111 
# 
loop_
_chem_comp_atom.comp_id 
_chem_comp_atom.atom_id 
_chem_comp_atom.type_symbol 
_chem_comp_atom.pdbx_aromatic_flag 
_chem_comp_atom.pdbx_stereo_config 
_chem_comp_atom.pdbx_ordinal 
ALA N    N  N N 1   
ALA CA   C  N S 2   
ALA C    C  N N 3   
ALA O    O  N N 4   
ALA CB   C  N N 5   
ALA OXT  O  N N 6   
ALA H    H  N N 7   
ALA H2   H  N N 8   
ALA HA   H  N N 9   
ALA HB1  H  N N 10  
ALA HB2  H  N N 11  
ALA HB3  H  N N 12  
ALA HXT  H  N N 13  
ARG N    N  N N 14  
ARG CA   C  N S 15  
ARG C    C  N N 16  
ARG O    O  N N 17  
ARG CB   C  N N 18  
ARG CG   C  N N 19  
ARG CD   C  N N 20  
ARG NE   N  N N 21  
ARG CZ   C  N N 22  
ARG NH1  N  N N 23  
ARG NH2  N  N N 24  
ARG OXT  O  N N 25  
ARG H    H  N N 26  
ARG H2   H  N N 27  
ARG HA   H  N N 28  
ARG HB2  H  N N 29  
ARG HB3  H  N N 30  
ARG HG2  H  N N 31  
ARG HG3  H  N N 32  
ARG HD2  H  N N 33  
ARG HD3  H  N N 34  
ARG HE   H  N N 35  
ARG HH11 H  N N 36  
ARG HH12 H  N N 37  
ARG HH21 H  N N 38  
ARG HH22 H  N N 39  
ARG HXT  H  N N 40  
ASN N    N  N N 41  
ASN CA   C  N S 42  
ASN C    C  N N 43  
ASN O    O  N N 44  
ASN CB   C  N N 45  
ASN CG   C  N N 46  
ASN OD1  O  N N 47  
ASN ND2  N  N N 48  
ASN OXT  O  N N 49  
ASN H    H  N N 50  
ASN H2   H  N N 51  
ASN HA   H  N N 52  
ASN HB2  H  N N 53  
ASN HB3  H  N N 54  
ASN HD21 H  N N 55  
ASN HD22 H  N N 56  
ASN HXT  H  N N 57  
ASP N    N  N N 58  
ASP CA   C  N S 59  
ASP C    C  N N 60  
ASP O    O  N N 61  
ASP CB   C  N N 62  
ASP CG   C  N N 63  
ASP OD1  O  N N 64  
ASP OD2  O  N N 65  
ASP OXT  O  N N 66  
ASP H    H  N N 67  
ASP H2   H  N N 68  
ASP HA   H  N N 69  
ASP HB2  H  N N 70  
ASP HB3  H  N N 71  
ASP HD2  H  N N 72  
ASP HXT  H  N N 73  
GLN N    N  N N 74  
GLN CA   C  N S 75  
GLN C    C  N N 76  
GLN O    O  N N 77  
GLN CB   C  N N 78  
GLN CG   C  N N 79  
GLN CD   C  N N 80  
GLN OE1  O  N N 81  
GLN NE2  N  N N 82  
GLN OXT  O  N N 83  
GLN H    H  N N 84  
GLN H2   H  N N 85  
GLN HA   H  N N 86  
GLN HB2  H  N N 87  
GLN HB3  H  N N 88  
GLN HG2  H  N N 89  
GLN HG3  H  N N 90  
GLN HE21 H  N N 91  
GLN HE22 H  N N 92  
GLN HXT  H  N N 93  
GLU N    N  N N 94  
GLU CA   C  N S 95  
GLU C    C  N N 96  
GLU O    O  N N 97  
GLU CB   C  N N 98  
GLU CG   C  N N 99  
GLU CD   C  N N 100 
GLU OE1  O  N N 101 
GLU OE2  O  N N 102 
GLU OXT  O  N N 103 
GLU H    H  N N 104 
GLU H2   H  N N 105 
GLU HA   H  N N 106 
GLU HB2  H  N N 107 
GLU HB3  H  N N 108 
GLU HG2  H  N N 109 
GLU HG3  H  N N 110 
GLU HE2  H  N N 111 
GLU HXT  H  N N 112 
GLY N    N  N N 113 
GLY CA   C  N N 114 
GLY C    C  N N 115 
GLY O    O  N N 116 
GLY OXT  O  N N 117 
GLY H    H  N N 118 
GLY H2   H  N N 119 
GLY HA2  H  N N 120 
GLY HA3  H  N N 121 
GLY HXT  H  N N 122 
HIS N    N  N N 123 
HIS CA   C  N S 124 
HIS C    C  N N 125 
HIS O    O  N N 126 
HIS CB   C  N N 127 
HIS CG   C  Y N 128 
HIS ND1  N  Y N 129 
HIS CD2  C  Y N 130 
HIS CE1  C  Y N 131 
HIS NE2  N  Y N 132 
HIS OXT  O  N N 133 
HIS H    H  N N 134 
HIS H2   H  N N 135 
HIS HA   H  N N 136 
HIS HB2  H  N N 137 
HIS HB3  H  N N 138 
HIS HD1  H  N N 139 
HIS HD2  H  N N 140 
HIS HE1  H  N N 141 
HIS HE2  H  N N 142 
HIS HXT  H  N N 143 
HOH O    O  N N 144 
HOH H1   H  N N 145 
HOH H2   H  N N 146 
ILE N    N  N N 147 
ILE CA   C  N S 148 
ILE C    C  N N 149 
ILE O    O  N N 150 
ILE CB   C  N S 151 
ILE CG1  C  N N 152 
ILE CG2  C  N N 153 
ILE CD1  C  N N 154 
ILE OXT  O  N N 155 
ILE H    H  N N 156 
ILE H2   H  N N 157 
ILE HA   H  N N 158 
ILE HB   H  N N 159 
ILE HG12 H  N N 160 
ILE HG13 H  N N 161 
ILE HG21 H  N N 162 
ILE HG22 H  N N 163 
ILE HG23 H  N N 164 
ILE HD11 H  N N 165 
ILE HD12 H  N N 166 
ILE HD13 H  N N 167 
ILE HXT  H  N N 168 
LEU N    N  N N 169 
LEU CA   C  N S 170 
LEU C    C  N N 171 
LEU O    O  N N 172 
LEU CB   C  N N 173 
LEU CG   C  N N 174 
LEU CD1  C  N N 175 
LEU CD2  C  N N 176 
LEU OXT  O  N N 177 
LEU H    H  N N 178 
LEU H2   H  N N 179 
LEU HA   H  N N 180 
LEU HB2  H  N N 181 
LEU HB3  H  N N 182 
LEU HG   H  N N 183 
LEU HD11 H  N N 184 
LEU HD12 H  N N 185 
LEU HD13 H  N N 186 
LEU HD21 H  N N 187 
LEU HD22 H  N N 188 
LEU HD23 H  N N 189 
LEU HXT  H  N N 190 
LYS N    N  N N 191 
LYS CA   C  N S 192 
LYS C    C  N N 193 
LYS O    O  N N 194 
LYS CB   C  N N 195 
LYS CG   C  N N 196 
LYS CD   C  N N 197 
LYS CE   C  N N 198 
LYS NZ   N  N N 199 
LYS OXT  O  N N 200 
LYS H    H  N N 201 
LYS H2   H  N N 202 
LYS HA   H  N N 203 
LYS HB2  H  N N 204 
LYS HB3  H  N N 205 
LYS HG2  H  N N 206 
LYS HG3  H  N N 207 
LYS HD2  H  N N 208 
LYS HD3  H  N N 209 
LYS HE2  H  N N 210 
LYS HE3  H  N N 211 
LYS HZ1  H  N N 212 
LYS HZ2  H  N N 213 
LYS HZ3  H  N N 214 
LYS HXT  H  N N 215 
MSE N    N  N N 216 
MSE CA   C  N S 217 
MSE C    C  N N 218 
MSE O    O  N N 219 
MSE OXT  O  N N 220 
MSE CB   C  N N 221 
MSE CG   C  N N 222 
MSE SE   SE N N 223 
MSE CE   C  N N 224 
MSE H    H  N N 225 
MSE H2   H  N N 226 
MSE HA   H  N N 227 
MSE HXT  H  N N 228 
MSE HB2  H  N N 229 
MSE HB3  H  N N 230 
MSE HG2  H  N N 231 
MSE HG3  H  N N 232 
MSE HE1  H  N N 233 
MSE HE2  H  N N 234 
MSE HE3  H  N N 235 
PRO N    N  N N 236 
PRO CA   C  N S 237 
PRO C    C  N N 238 
PRO O    O  N N 239 
PRO CB   C  N N 240 
PRO CG   C  N N 241 
PRO CD   C  N N 242 
PRO OXT  O  N N 243 
PRO H    H  N N 244 
PRO HA   H  N N 245 
PRO HB2  H  N N 246 
PRO HB3  H  N N 247 
PRO HG2  H  N N 248 
PRO HG3  H  N N 249 
PRO HD2  H  N N 250 
PRO HD3  H  N N 251 
PRO HXT  H  N N 252 
SER N    N  N N 253 
SER CA   C  N S 254 
SER C    C  N N 255 
SER O    O  N N 256 
SER CB   C  N N 257 
SER OG   O  N N 258 
SER OXT  O  N N 259 
SER H    H  N N 260 
SER H2   H  N N 261 
SER HA   H  N N 262 
SER HB2  H  N N 263 
SER HB3  H  N N 264 
SER HG   H  N N 265 
SER HXT  H  N N 266 
SO4 S    S  N N 267 
SO4 O1   O  N N 268 
SO4 O2   O  N N 269 
SO4 O3   O  N N 270 
SO4 O4   O  N N 271 
THR N    N  N N 272 
THR CA   C  N S 273 
THR C    C  N N 274 
THR O    O  N N 275 
THR CB   C  N R 276 
THR OG1  O  N N 277 
THR CG2  C  N N 278 
THR OXT  O  N N 279 
THR H    H  N N 280 
THR H2   H  N N 281 
THR HA   H  N N 282 
THR HB   H  N N 283 
THR HG1  H  N N 284 
THR HG21 H  N N 285 
THR HG22 H  N N 286 
THR HG23 H  N N 287 
THR HXT  H  N N 288 
TRP N    N  N N 289 
TRP CA   C  N S 290 
TRP C    C  N N 291 
TRP O    O  N N 292 
TRP CB   C  N N 293 
TRP CG   C  Y N 294 
TRP CD1  C  Y N 295 
TRP CD2  C  Y N 296 
TRP NE1  N  Y N 297 
TRP CE2  C  Y N 298 
TRP CE3  C  Y N 299 
TRP CZ2  C  Y N 300 
TRP CZ3  C  Y N 301 
TRP CH2  C  Y N 302 
TRP OXT  O  N N 303 
TRP H    H  N N 304 
TRP H2   H  N N 305 
TRP HA   H  N N 306 
TRP HB2  H  N N 307 
TRP HB3  H  N N 308 
TRP HD1  H  N N 309 
TRP HE1  H  N N 310 
TRP HE3  H  N N 311 
TRP HZ2  H  N N 312 
TRP HZ3  H  N N 313 
TRP HH2  H  N N 314 
TRP HXT  H  N N 315 
TYR N    N  N N 316 
TYR CA   C  N S 317 
TYR C    C  N N 318 
TYR O    O  N N 319 
TYR CB   C  N N 320 
TYR CG   C  Y N 321 
TYR CD1  C  Y N 322 
TYR CD2  C  Y N 323 
TYR CE1  C  Y N 324 
TYR CE2  C  Y N 325 
TYR CZ   C  Y N 326 
TYR OH   O  N N 327 
TYR OXT  O  N N 328 
TYR H    H  N N 329 
TYR H2   H  N N 330 
TYR HA   H  N N 331 
TYR HB2  H  N N 332 
TYR HB3  H  N N 333 
TYR HD1  H  N N 334 
TYR HD2  H  N N 335 
TYR HE1  H  N N 336 
TYR HE2  H  N N 337 
TYR HH   H  N N 338 
TYR HXT  H  N N 339 
VAL N    N  N N 340 
VAL CA   C  N S 341 
VAL C    C  N N 342 
VAL O    O  N N 343 
VAL CB   C  N N 344 
VAL CG1  C  N N 345 
VAL CG2  C  N N 346 
VAL OXT  O  N N 347 
VAL H    H  N N 348 
VAL H2   H  N N 349 
VAL HA   H  N N 350 
VAL HB   H  N N 351 
VAL HG11 H  N N 352 
VAL HG12 H  N N 353 
VAL HG13 H  N N 354 
VAL HG21 H  N N 355 
VAL HG22 H  N N 356 
VAL HG23 H  N N 357 
VAL HXT  H  N N 358 
# 
loop_
_chem_comp_bond.comp_id 
_chem_comp_bond.atom_id_1 
_chem_comp_bond.atom_id_2 
_chem_comp_bond.value_order 
_chem_comp_bond.pdbx_aromatic_flag 
_chem_comp_bond.pdbx_stereo_config 
_chem_comp_bond.pdbx_ordinal 
ALA N   CA   sing N N 1   
ALA N   H    sing N N 2   
ALA N   H2   sing N N 3   
ALA CA  C    sing N N 4   
ALA CA  CB   sing N N 5   
ALA CA  HA   sing N N 6   
ALA C   O    doub N N 7   
ALA C   OXT  sing N N 8   
ALA CB  HB1  sing N N 9   
ALA CB  HB2  sing N N 10  
ALA CB  HB3  sing N N 11  
ALA OXT HXT  sing N N 12  
ARG N   CA   sing N N 13  
ARG N   H    sing N N 14  
ARG N   H2   sing N N 15  
ARG CA  C    sing N N 16  
ARG CA  CB   sing N N 17  
ARG CA  HA   sing N N 18  
ARG C   O    doub N N 19  
ARG C   OXT  sing N N 20  
ARG CB  CG   sing N N 21  
ARG CB  HB2  sing N N 22  
ARG CB  HB3  sing N N 23  
ARG CG  CD   sing N N 24  
ARG CG  HG2  sing N N 25  
ARG CG  HG3  sing N N 26  
ARG CD  NE   sing N N 27  
ARG CD  HD2  sing N N 28  
ARG CD  HD3  sing N N 29  
ARG NE  CZ   sing N N 30  
ARG NE  HE   sing N N 31  
ARG CZ  NH1  sing N N 32  
ARG CZ  NH2  doub N N 33  
ARG NH1 HH11 sing N N 34  
ARG NH1 HH12 sing N N 35  
ARG NH2 HH21 sing N N 36  
ARG NH2 HH22 sing N N 37  
ARG OXT HXT  sing N N 38  
ASN N   CA   sing N N 39  
ASN N   H    sing N N 40  
ASN N   H2   sing N N 41  
ASN CA  C    sing N N 42  
ASN CA  CB   sing N N 43  
ASN CA  HA   sing N N 44  
ASN C   O    doub N N 45  
ASN C   OXT  sing N N 46  
ASN CB  CG   sing N N 47  
ASN CB  HB2  sing N N 48  
ASN CB  HB3  sing N N 49  
ASN CG  OD1  doub N N 50  
ASN CG  ND2  sing N N 51  
ASN ND2 HD21 sing N N 52  
ASN ND2 HD22 sing N N 53  
ASN OXT HXT  sing N N 54  
ASP N   CA   sing N N 55  
ASP N   H    sing N N 56  
ASP N   H2   sing N N 57  
ASP CA  C    sing N N 58  
ASP CA  CB   sing N N 59  
ASP CA  HA   sing N N 60  
ASP C   O    doub N N 61  
ASP C   OXT  sing N N 62  
ASP CB  CG   sing N N 63  
ASP CB  HB2  sing N N 64  
ASP CB  HB3  sing N N 65  
ASP CG  OD1  doub N N 66  
ASP CG  OD2  sing N N 67  
ASP OD2 HD2  sing N N 68  
ASP OXT HXT  sing N N 69  
GLN N   CA   sing N N 70  
GLN N   H    sing N N 71  
GLN N   H2   sing N N 72  
GLN CA  C    sing N N 73  
GLN CA  CB   sing N N 74  
GLN CA  HA   sing N N 75  
GLN C   O    doub N N 76  
GLN C   OXT  sing N N 77  
GLN CB  CG   sing N N 78  
GLN CB  HB2  sing N N 79  
GLN CB  HB3  sing N N 80  
GLN CG  CD   sing N N 81  
GLN CG  HG2  sing N N 82  
GLN CG  HG3  sing N N 83  
GLN CD  OE1  doub N N 84  
GLN CD  NE2  sing N N 85  
GLN NE2 HE21 sing N N 86  
GLN NE2 HE22 sing N N 87  
GLN OXT HXT  sing N N 88  
GLU N   CA   sing N N 89  
GLU N   H    sing N N 90  
GLU N   H2   sing N N 91  
GLU CA  C    sing N N 92  
GLU CA  CB   sing N N 93  
GLU CA  HA   sing N N 94  
GLU C   O    doub N N 95  
GLU C   OXT  sing N N 96  
GLU CB  CG   sing N N 97  
GLU CB  HB2  sing N N 98  
GLU CB  HB3  sing N N 99  
GLU CG  CD   sing N N 100 
GLU CG  HG2  sing N N 101 
GLU CG  HG3  sing N N 102 
GLU CD  OE1  doub N N 103 
GLU CD  OE2  sing N N 104 
GLU OE2 HE2  sing N N 105 
GLU OXT HXT  sing N N 106 
GLY N   CA   sing N N 107 
GLY N   H    sing N N 108 
GLY N   H2   sing N N 109 
GLY CA  C    sing N N 110 
GLY CA  HA2  sing N N 111 
GLY CA  HA3  sing N N 112 
GLY C   O    doub N N 113 
GLY C   OXT  sing N N 114 
GLY OXT HXT  sing N N 115 
HIS N   CA   sing N N 116 
HIS N   H    sing N N 117 
HIS N   H2   sing N N 118 
HIS CA  C    sing N N 119 
HIS CA  CB   sing N N 120 
HIS CA  HA   sing N N 121 
HIS C   O    doub N N 122 
HIS C   OXT  sing N N 123 
HIS CB  CG   sing N N 124 
HIS CB  HB2  sing N N 125 
HIS CB  HB3  sing N N 126 
HIS CG  ND1  sing Y N 127 
HIS CG  CD2  doub Y N 128 
HIS ND1 CE1  doub Y N 129 
HIS ND1 HD1  sing N N 130 
HIS CD2 NE2  sing Y N 131 
HIS CD2 HD2  sing N N 132 
HIS CE1 NE2  sing Y N 133 
HIS CE1 HE1  sing N N 134 
HIS NE2 HE2  sing N N 135 
HIS OXT HXT  sing N N 136 
HOH O   H1   sing N N 137 
HOH O   H2   sing N N 138 
ILE N   CA   sing N N 139 
ILE N   H    sing N N 140 
ILE N   H2   sing N N 141 
ILE CA  C    sing N N 142 
ILE CA  CB   sing N N 143 
ILE CA  HA   sing N N 144 
ILE C   O    doub N N 145 
ILE C   OXT  sing N N 146 
ILE CB  CG1  sing N N 147 
ILE CB  CG2  sing N N 148 
ILE CB  HB   sing N N 149 
ILE CG1 CD1  sing N N 150 
ILE CG1 HG12 sing N N 151 
ILE CG1 HG13 sing N N 152 
ILE CG2 HG21 sing N N 153 
ILE CG2 HG22 sing N N 154 
ILE CG2 HG23 sing N N 155 
ILE CD1 HD11 sing N N 156 
ILE CD1 HD12 sing N N 157 
ILE CD1 HD13 sing N N 158 
ILE OXT HXT  sing N N 159 
LEU N   CA   sing N N 160 
LEU N   H    sing N N 161 
LEU N   H2   sing N N 162 
LEU CA  C    sing N N 163 
LEU CA  CB   sing N N 164 
LEU CA  HA   sing N N 165 
LEU C   O    doub N N 166 
LEU C   OXT  sing N N 167 
LEU CB  CG   sing N N 168 
LEU CB  HB2  sing N N 169 
LEU CB  HB3  sing N N 170 
LEU CG  CD1  sing N N 171 
LEU CG  CD2  sing N N 172 
LEU CG  HG   sing N N 173 
LEU CD1 HD11 sing N N 174 
LEU CD1 HD12 sing N N 175 
LEU CD1 HD13 sing N N 176 
LEU CD2 HD21 sing N N 177 
LEU CD2 HD22 sing N N 178 
LEU CD2 HD23 sing N N 179 
LEU OXT HXT  sing N N 180 
LYS N   CA   sing N N 181 
LYS N   H    sing N N 182 
LYS N   H2   sing N N 183 
LYS CA  C    sing N N 184 
LYS CA  CB   sing N N 185 
LYS CA  HA   sing N N 186 
LYS C   O    doub N N 187 
LYS C   OXT  sing N N 188 
LYS CB  CG   sing N N 189 
LYS CB  HB2  sing N N 190 
LYS CB  HB3  sing N N 191 
LYS CG  CD   sing N N 192 
LYS CG  HG2  sing N N 193 
LYS CG  HG3  sing N N 194 
LYS CD  CE   sing N N 195 
LYS CD  HD2  sing N N 196 
LYS CD  HD3  sing N N 197 
LYS CE  NZ   sing N N 198 
LYS CE  HE2  sing N N 199 
LYS CE  HE3  sing N N 200 
LYS NZ  HZ1  sing N N 201 
LYS NZ  HZ2  sing N N 202 
LYS NZ  HZ3  sing N N 203 
LYS OXT HXT  sing N N 204 
MSE N   CA   sing N N 205 
MSE N   H    sing N N 206 
MSE N   H2   sing N N 207 
MSE CA  C    sing N N 208 
MSE CA  CB   sing N N 209 
MSE CA  HA   sing N N 210 
MSE C   O    doub N N 211 
MSE C   OXT  sing N N 212 
MSE OXT HXT  sing N N 213 
MSE CB  CG   sing N N 214 
MSE CB  HB2  sing N N 215 
MSE CB  HB3  sing N N 216 
MSE CG  SE   sing N N 217 
MSE CG  HG2  sing N N 218 
MSE CG  HG3  sing N N 219 
MSE SE  CE   sing N N 220 
MSE CE  HE1  sing N N 221 
MSE CE  HE2  sing N N 222 
MSE CE  HE3  sing N N 223 
PRO N   CA   sing N N 224 
PRO N   CD   sing N N 225 
PRO N   H    sing N N 226 
PRO CA  C    sing N N 227 
PRO CA  CB   sing N N 228 
PRO CA  HA   sing N N 229 
PRO C   O    doub N N 230 
PRO C   OXT  sing N N 231 
PRO CB  CG   sing N N 232 
PRO CB  HB2  sing N N 233 
PRO CB  HB3  sing N N 234 
PRO CG  CD   sing N N 235 
PRO CG  HG2  sing N N 236 
PRO CG  HG3  sing N N 237 
PRO CD  HD2  sing N N 238 
PRO CD  HD3  sing N N 239 
PRO OXT HXT  sing N N 240 
SER N   CA   sing N N 241 
SER N   H    sing N N 242 
SER N   H2   sing N N 243 
SER CA  C    sing N N 244 
SER CA  CB   sing N N 245 
SER CA  HA   sing N N 246 
SER C   O    doub N N 247 
SER C   OXT  sing N N 248 
SER CB  OG   sing N N 249 
SER CB  HB2  sing N N 250 
SER CB  HB3  sing N N 251 
SER OG  HG   sing N N 252 
SER OXT HXT  sing N N 253 
SO4 S   O1   doub N N 254 
SO4 S   O2   doub N N 255 
SO4 S   O3   sing N N 256 
SO4 S   O4   sing N N 257 
THR N   CA   sing N N 258 
THR N   H    sing N N 259 
THR N   H2   sing N N 260 
THR CA  C    sing N N 261 
THR CA  CB   sing N N 262 
THR CA  HA   sing N N 263 
THR C   O    doub N N 264 
THR C   OXT  sing N N 265 
THR CB  OG1  sing N N 266 
THR CB  CG2  sing N N 267 
THR CB  HB   sing N N 268 
THR OG1 HG1  sing N N 269 
THR CG2 HG21 sing N N 270 
THR CG2 HG22 sing N N 271 
THR CG2 HG23 sing N N 272 
THR OXT HXT  sing N N 273 
TRP N   CA   sing N N 274 
TRP N   H    sing N N 275 
TRP N   H2   sing N N 276 
TRP CA  C    sing N N 277 
TRP CA  CB   sing N N 278 
TRP CA  HA   sing N N 279 
TRP C   O    doub N N 280 
TRP C   OXT  sing N N 281 
TRP CB  CG   sing N N 282 
TRP CB  HB2  sing N N 283 
TRP CB  HB3  sing N N 284 
TRP CG  CD1  doub Y N 285 
TRP CG  CD2  sing Y N 286 
TRP CD1 NE1  sing Y N 287 
TRP CD1 HD1  sing N N 288 
TRP CD2 CE2  doub Y N 289 
TRP CD2 CE3  sing Y N 290 
TRP NE1 CE2  sing Y N 291 
TRP NE1 HE1  sing N N 292 
TRP CE2 CZ2  sing Y N 293 
TRP CE3 CZ3  doub Y N 294 
TRP CE3 HE3  sing N N 295 
TRP CZ2 CH2  doub Y N 296 
TRP CZ2 HZ2  sing N N 297 
TRP CZ3 CH2  sing Y N 298 
TRP CZ3 HZ3  sing N N 299 
TRP CH2 HH2  sing N N 300 
TRP OXT HXT  sing N N 301 
TYR N   CA   sing N N 302 
TYR N   H    sing N N 303 
TYR N   H2   sing N N 304 
TYR CA  C    sing N N 305 
TYR CA  CB   sing N N 306 
TYR CA  HA   sing N N 307 
TYR C   O    doub N N 308 
TYR C   OXT  sing N N 309 
TYR CB  CG   sing N N 310 
TYR CB  HB2  sing N N 311 
TYR CB  HB3  sing N N 312 
TYR CG  CD1  doub Y N 313 
TYR CG  CD2  sing Y N 314 
TYR CD1 CE1  sing Y N 315 
TYR CD1 HD1  sing N N 316 
TYR CD2 CE2  doub Y N 317 
TYR CD2 HD2  sing N N 318 
TYR CE1 CZ   doub Y N 319 
TYR CE1 HE1  sing N N 320 
TYR CE2 CZ   sing Y N 321 
TYR CE2 HE2  sing N N 322 
TYR CZ  OH   sing N N 323 
TYR OH  HH   sing N N 324 
TYR OXT HXT  sing N N 325 
VAL N   CA   sing N N 326 
VAL N   H    sing N N 327 
VAL N   H2   sing N N 328 
VAL CA  C    sing N N 329 
VAL CA  CB   sing N N 330 
VAL CA  HA   sing N N 331 
VAL C   O    doub N N 332 
VAL C   OXT  sing N N 333 
VAL CB  CG1  sing N N 334 
VAL CB  CG2  sing N N 335 
VAL CB  HB   sing N N 336 
VAL CG1 HG11 sing N N 337 
VAL CG1 HG12 sing N N 338 
VAL CG1 HG13 sing N N 339 
VAL CG2 HG21 sing N N 340 
VAL CG2 HG22 sing N N 341 
VAL CG2 HG23 sing N N 342 
VAL OXT HXT  sing N N 343 
# 
_atom_sites.entry_id                    3B73 
_atom_sites.fract_transf_matrix[1][1]   -0.01305892 
_atom_sites.fract_transf_matrix[1][2]   0.01582474 
_atom_sites.fract_transf_matrix[1][3]   -0.00246667 
_atom_sites.fract_transf_matrix[2][1]   -0.00164135 
_atom_sites.fract_transf_matrix[2][2]   -0.00418358 
_atom_sites.fract_transf_matrix[2][3]   -0.01814990 
_atom_sites.fract_transf_matrix[3][1]   -0.00861900 
_atom_sites.fract_transf_matrix[3][2]   -0.00674862 
_atom_sites.fract_transf_matrix[3][3]   0.00233501 
_atom_sites.fract_transf_vector[1]      0.157098 
_atom_sites.fract_transf_vector[2]      0.040681 
_atom_sites.fract_transf_vector[3]      0.265854 
# 
loop_
_atom_type.symbol 
C  
N  
O  
S  
SE 
# 
loop_
_atom_site.group_PDB 
_atom_site.id 
_atom_site.type_symbol 
_atom_site.label_atom_id 
_atom_site.label_alt_id 
_atom_site.label_comp_id 
_atom_site.label_asym_id 
_atom_site.label_entity_id 
_atom_site.label_seq_id 
_atom_site.pdbx_PDB_ins_code 
_atom_site.Cartn_x 
_atom_site.Cartn_y 
_atom_site.Cartn_z 
_atom_site.occupancy 
_atom_site.B_iso_or_equiv 
_atom_site.pdbx_formal_charge 
_atom_site.auth_seq_id 
_atom_site.auth_comp_id 
_atom_site.auth_asym_id 
_atom_site.auth_atom_id 
_atom_site.pdbx_PDB_model_num 
ATOM   1    N  N   . ASN A 1 2  ? -11.131 6.382   -8.089  1.00 87.61  ? -1  ASN A N   1 
ATOM   2    C  CA  . ASN A 1 2  ? -12.099 5.709   -7.211  1.00 138.05 ? -1  ASN A CA  1 
ATOM   3    C  C   . ASN A 1 2  ? -12.092 4.171   -7.186  1.00 132.54 ? -1  ASN A C   1 
ATOM   4    O  O   . ASN A 1 2  ? -12.372 3.572   -6.144  1.00 101.41 ? -1  ASN A O   1 
ATOM   5    C  CB  . ASN A 1 2  ? -13.523 6.223   -7.449  1.00 108.89 ? -1  ASN A CB  1 
ATOM   6    C  CG  . ASN A 1 2  ? -14.035 7.045   -6.288  1.00 126.49 ? -1  ASN A CG  1 
ATOM   7    O  OD1 . ASN A 1 2  ? -13.363 7.968   -5.823  1.00 124.90 ? -1  ASN A OD1 1 
ATOM   8    N  ND2 . ASN A 1 2  ? -15.225 6.705   -5.799  1.00 111.44 ? -1  ASN A ND2 1 
ATOM   9    N  N   . ALA A 1 3  ? -11.801 3.539   -8.323  1.00 77.17  ? 0   ALA A N   1 
ATOM   10   C  CA  . ALA A 1 3  ? -11.618 2.088   -8.353  1.00 82.96  ? 0   ALA A CA  1 
ATOM   11   C  C   . ALA A 1 3  ? -10.333 1.696   -7.635  1.00 78.93  ? 0   ALA A C   1 
ATOM   12   O  O   . ALA A 1 3  ? -9.467  2.523   -7.358  1.00 79.98  ? 0   ALA A O   1 
ATOM   13   C  CB  . ALA A 1 3  ? -11.605 1.546   -9.787  1.00 53.50  ? 0   ALA A CB  1 
HETATM 14   N  N   . MSE A 1 4  ? -10.219 0.416   -7.346  1.00 61.12  ? 1   MSE A N   1 
HETATM 15   C  CA  . MSE A 1 4  ? -9.129  -0.096  -6.538  1.00 68.72  ? 1   MSE A CA  1 
HETATM 16   C  C   . MSE A 1 4  ? -7.784  -0.065  -7.269  1.00 52.93  ? 1   MSE A C   1 
HETATM 17   O  O   . MSE A 1 4  ? -7.729  -0.328  -8.466  1.00 51.33  ? 1   MSE A O   1 
HETATM 18   C  CB  . MSE A 1 4  ? -9.454  -1.524  -6.195  1.00 47.81  ? 1   MSE A CB  1 
HETATM 19   C  CG  . MSE A 1 4  ? -8.440  -2.154  -5.309  1.00 112.32 ? 1   MSE A CG  1 
HETATM 20   SE SE  . MSE A 1 4  ? -9.285  -3.633  -4.405  1.00 92.88  ? 1   MSE A SE  1 
HETATM 21   C  CE  . MSE A 1 4  ? -7.671  -4.462  -3.690  0.40 97.16  ? 1   MSE A CE  1 
ATOM   22   N  N   . ARG A 1 5  ? -6.701  0.254   -6.557  1.00 45.74  ? 2   ARG A N   1 
ATOM   23   C  CA  . ARG A 1 5  ? -5.367  0.276   -7.179  1.00 40.89  ? 2   ARG A CA  1 
ATOM   24   C  C   . ARG A 1 5  ? -4.993  -1.106  -7.745  1.00 48.35  ? 2   ARG A C   1 
ATOM   25   O  O   . ARG A 1 5  ? -5.353  -2.155  -7.186  1.00 41.79  ? 2   ARG A O   1 
ATOM   26   C  CB  . ARG A 1 5  ? -4.286  0.817   -6.204  1.00 43.41  ? 2   ARG A CB  1 
ATOM   27   C  CG  . ARG A 1 5  ? -3.997  2.287   -6.422  1.00 68.06  ? 2   ARG A CG  1 
ATOM   28   C  CD  . ARG A 1 5  ? -4.475  3.184   -5.317  1.00 63.22  ? 2   ARG A CD  1 
ATOM   29   N  NE  . ARG A 1 5  ? -3.469  3.160   -4.294  1.00 55.13  ? 2   ARG A NE  1 
ATOM   30   C  CZ  . ARG A 1 5  ? -3.189  4.127   -3.432  1.00 67.23  ? 2   ARG A CZ  1 
ATOM   31   N  NH1 . ARG A 1 5  ? -3.833  5.287   -3.407  1.00 46.73  ? 2   ARG A NH1 1 
ATOM   32   N  NH2 . ARG A 1 5  ? -2.221  3.894   -2.575  1.00 40.82  ? 2   ARG A NH2 1 
ATOM   33   N  N   . GLN A 1 6  ? -4.303  -1.093  -8.875  1.00 43.01  ? 3   GLN A N   1 
ATOM   34   C  CA  . GLN A 1 6  ? -3.867  -2.318  -9.528  1.00 54.94  ? 3   GLN A CA  1 
ATOM   35   C  C   . GLN A 1 6  ? -2.329  -2.371  -9.476  1.00 43.24  ? 3   GLN A C   1 
ATOM   36   O  O   . GLN A 1 6  ? -1.651  -1.874  -10.369 1.00 44.61  ? 3   GLN A O   1 
ATOM   37   C  CB  . GLN A 1 6  ? -4.398  -2.330  -10.979 1.00 47.81  ? 3   GLN A CB  1 
ATOM   38   C  CG  . GLN A 1 6  ? -4.003  -3.525  -11.790 1.00 48.50  ? 3   GLN A CG  1 
ATOM   39   C  CD  . GLN A 1 6  ? -4.598  -4.810  -11.254 1.00 56.96  ? 3   GLN A CD  1 
ATOM   40   O  OE1 . GLN A 1 6  ? -5.764  -4.840  -10.848 1.00 56.62  ? 3   GLN A OE1 1 
ATOM   41   N  NE2 . GLN A 1 6  ? -3.801  -5.884  -11.253 1.00 53.05  ? 3   GLN A NE2 1 
ATOM   42   N  N   . SER A 1 7  ? -1.785  -2.952  -8.407  1.00 54.68  ? 4   SER A N   1 
ATOM   43   C  CA  . SER A 1 7  ? -0.349  -2.862  -8.146  1.00 51.05  ? 4   SER A CA  1 
ATOM   44   C  C   . SER A 1 7  ? 0.444   -3.892  -8.933  1.00 48.89  ? 4   SER A C   1 
ATOM   45   O  O   . SER A 1 7  ? -0.119  -4.849  -9.438  1.00 46.22  ? 4   SER A O   1 
ATOM   46   C  CB  . SER A 1 7  ? -0.070  -3.050  -6.652  1.00 45.86  ? 4   SER A CB  1 
ATOM   47   O  OG  . SER A 1 7  ? -0.806  -2.128  -5.860  1.00 48.79  ? 4   SER A OG  1 
ATOM   48   N  N   . GLY A 1 8  ? 1.757   -3.704  -9.018  1.00 50.72  ? 5   GLY A N   1 
ATOM   49   C  CA  . GLY A 1 8  ? 2.641   -4.664  -9.670  1.00 42.56  ? 5   GLY A CA  1 
ATOM   50   C  C   . GLY A 1 8  ? 3.348   -5.551  -8.658  1.00 45.70  ? 5   GLY A C   1 
ATOM   51   O  O   . GLY A 1 8  ? 3.541   -5.161  -7.490  1.00 44.10  ? 5   GLY A O   1 
ATOM   52   N  N   . SER A 1 9  ? 3.757   -6.732  -9.103  1.00 51.29  ? 6   SER A N   1 
ATOM   53   C  CA  . SER A 1 9  ? 4.448   -7.702  -8.241  1.00 54.24  ? 6   SER A CA  1 
ATOM   54   C  C   . SER A 1 9  ? 5.747   -7.148  -7.653  1.00 60.20  ? 6   SER A C   1 
ATOM   55   O  O   . SER A 1 9  ? 6.238   -7.648  -6.647  1.00 42.02  ? 6   SER A O   1 
ATOM   56   C  CB  . SER A 1 9  ? 4.753   -8.986  -9.010  1.00 53.55  ? 6   SER A CB  1 
ATOM   57   O  OG  . SER A 1 9  ? 3.744   -9.260  -9.975  1.00 121.34 ? 6   SER A OG  1 
ATOM   58   N  N   . TRP A 1 10 ? 6.299   -6.107  -8.262  1.00 47.91  ? 7   TRP A N   1 
ATOM   59   C  CA  . TRP A 1 10 ? 7.560   -5.561  -7.798  1.00 46.20  ? 7   TRP A CA  1 
ATOM   60   C  C   . TRP A 1 10 ? 7.403   -4.498  -6.684  1.00 48.23  ? 7   TRP A C   1 
ATOM   61   O  O   . TRP A 1 10 ? 8.383   -3.960  -6.175  1.00 49.05  ? 7   TRP A O   1 
ATOM   62   C  CB  . TRP A 1 10 ? 8.271   -4.911  -8.968  1.00 40.29  ? 7   TRP A CB  1 
ATOM   63   C  CG  . TRP A 1 10 ? 7.377   -3.904  -9.664  1.00 55.98  ? 7   TRP A CG  1 
ATOM   64   C  CD1 . TRP A 1 10 ? 6.513   -4.146  -10.703 1.00 52.05  ? 7   TRP A CD1 1 
ATOM   65   C  CD2 . TRP A 1 10 ? 7.264   -2.499  -9.367  1.00 47.98  ? 7   TRP A CD2 1 
ATOM   66   N  NE1 . TRP A 1 10 ? 5.880   -2.971  -11.085 1.00 48.36  ? 7   TRP A NE1 1 
ATOM   67   C  CE2 . TRP A 1 10 ? 6.317   -1.949  -10.279 1.00 49.34  ? 7   TRP A CE2 1 
ATOM   68   C  CE3 . TRP A 1 10 ? 7.889   -1.646  -8.441  1.00 46.15  ? 7   TRP A CE3 1 
ATOM   69   C  CZ2 . TRP A 1 10 ? 5.973   -0.585  -10.283 1.00 53.06  ? 7   TRP A CZ2 1 
ATOM   70   C  CZ3 . TRP A 1 10 ? 7.550   -0.279  -8.450  1.00 44.70  ? 7   TRP A CZ3 1 
ATOM   71   C  CH2 . TRP A 1 10 ? 6.584   0.228   -9.364  1.00 45.23  ? 7   TRP A CH2 1 
HETATM 72   N  N   . MSE A 1 11 ? 6.180   -4.175  -6.318  1.00 49.79  ? 8   MSE A N   1 
HETATM 73   C  CA  . MSE A 1 11 ? 5.987   -3.027  -5.454  1.00 49.62  ? 8   MSE A CA  1 
HETATM 74   C  C   . MSE A 1 11 ? 6.028   -3.419  -4.002  1.00 46.36  ? 8   MSE A C   1 
HETATM 75   O  O   . MSE A 1 11 ? 5.817   -4.591  -3.652  1.00 50.53  ? 8   MSE A O   1 
HETATM 76   C  CB  . MSE A 1 11 ? 4.653   -2.352  -5.757  1.00 41.99  ? 8   MSE A CB  1 
HETATM 77   C  CG  . MSE A 1 11 ? 4.602   -1.662  -7.119  1.00 60.59  ? 8   MSE A CG  1 
HETATM 78   SE SE  . MSE A 1 11 ? 2.822   -0.746  -7.358  1.00 56.70  ? 8   MSE A SE  1 
HETATM 79   C  CE  . MSE A 1 11 ? 3.231   0.916   -6.362  0.45 40.95  ? 8   MSE A CE  1 
ATOM   80   N  N   . THR A 1 12 ? 6.293   -2.430  -3.153  1.00 44.29  ? 9   THR A N   1 
ATOM   81   C  CA  . THR A 1 12 ? 6.204   -2.609  -1.712  1.00 48.69  ? 9   THR A CA  1 
ATOM   82   C  C   . THR A 1 12 ? 5.150   -1.665  -1.149  1.00 46.69  ? 9   THR A C   1 
ATOM   83   O  O   . THR A 1 12 ? 4.663   -0.771  -1.845  1.00 44.45  ? 9   THR A O   1 
ATOM   84   C  CB  . THR A 1 12 ? 7.522   -2.241  -1.029  1.00 44.37  ? 9   THR A CB  1 
ATOM   85   O  OG1 . THR A 1 12 ? 7.828   -0.866  -1.324  1.00 50.12  ? 9   THR A OG1 1 
ATOM   86   C  CG2 . THR A 1 12 ? 8.640   -3.148  -1.533  1.00 47.08  ? 9   THR A CG2 1 
ATOM   87   N  N   . ILE A 1 13 ? 4.847   -1.813  0.137   1.00 40.72  ? 10  ILE A N   1 
ATOM   88   C  CA  . ILE A 1 13 ? 3.816   -0.971  0.715   1.00 51.41  ? 10  ILE A CA  1 
ATOM   89   C  C   . ILE A 1 13 ? 4.288   0.500   0.714   1.00 39.73  ? 10  ILE A C   1 
ATOM   90   O  O   . ILE A 1 13 ? 3.516   1.410   0.462   1.00 47.97  ? 10  ILE A O   1 
ATOM   91   C  CB  . ILE A 1 13 ? 3.412   -1.482  2.102   1.00 46.82  ? 10  ILE A CB  1 
ATOM   92   C  CG1 . ILE A 1 13 ? 2.168   -0.741  2.609   1.00 51.68  ? 10  ILE A CG1 1 
ATOM   93   C  CG2 . ILE A 1 13 ? 4.610   -1.414  3.102   1.00 40.92  ? 10  ILE A CG2 1 
ATOM   94   C  CD1 . ILE A 1 13 ? 1.273   -1.605  3.411   1.00 58.47  ? 10  ILE A CD1 1 
ATOM   95   N  N   . TRP A 1 14 ? 5.585   0.695   0.934   1.00 39.80  ? 11  TRP A N   1 
ATOM   96   C  CA  . TRP A 1 14 ? 6.187   2.011   0.999   1.00 41.79  ? 11  TRP A CA  1 
ATOM   97   C  C   . TRP A 1 14 ? 6.108   2.739   -0.311  1.00 44.73  ? 11  TRP A C   1 
ATOM   98   O  O   . TRP A 1 14 ? 6.103   3.958   -0.321  1.00 43.48  ? 11  TRP A O   1 
ATOM   99   C  CB  . TRP A 1 14 ? 7.647   1.901   1.480   1.00 38.82  ? 11  TRP A CB  1 
ATOM   100  C  CG  . TRP A 1 14 ? 7.650   1.128   2.735   1.00 46.45  ? 11  TRP A CG  1 
ATOM   101  C  CD1 . TRP A 1 14 ? 8.145   -0.133  2.931   1.00 40.59  ? 11  TRP A CD1 1 
ATOM   102  C  CD2 . TRP A 1 14 ? 7.012   1.510   3.957   1.00 49.51  ? 11  TRP A CD2 1 
ATOM   103  N  NE1 . TRP A 1 14 ? 7.884   -0.544  4.226   1.00 44.43  ? 11  TRP A NE1 1 
ATOM   104  C  CE2 . TRP A 1 14 ? 7.197   0.449   4.873   1.00 49.04  ? 11  TRP A CE2 1 
ATOM   105  C  CE3 . TRP A 1 14 ? 6.297   2.648   4.366   1.00 48.86  ? 11  TRP A CE3 1 
ATOM   106  C  CZ2 . TRP A 1 14 ? 6.704   0.496   6.170   1.00 41.54  ? 11  TRP A CZ2 1 
ATOM   107  C  CZ3 . TRP A 1 14 ? 5.790   2.686   5.663   1.00 46.77  ? 11  TRP A CZ3 1 
ATOM   108  C  CH2 . TRP A 1 14 ? 6.012   1.623   6.552   1.00 56.34  ? 11  TRP A CH2 1 
ATOM   109  N  N   . ASP A 1 15 ? 6.039   2.004   -1.419  1.00 39.96  ? 12  ASP A N   1 
ATOM   110  C  CA  . ASP A 1 15 ? 5.812   2.662   -2.704  1.00 37.66  ? 12  ASP A CA  1 
ATOM   111  C  C   . ASP A 1 15 ? 4.492   3.437   -2.693  1.00 58.77  ? 12  ASP A C   1 
ATOM   112  O  O   . ASP A 1 15 ? 4.445   4.551   -3.172  1.00 43.12  ? 12  ASP A O   1 
ATOM   113  C  CB  . ASP A 1 15 ? 5.788   1.666   -3.852  1.00 41.16  ? 12  ASP A CB  1 
ATOM   114  C  CG  . ASP A 1 15 ? 7.127   0.991   -4.066  1.00 56.36  ? 12  ASP A CG  1 
ATOM   115  O  OD1 . ASP A 1 15 ? 8.146   1.563   -3.645  1.00 57.14  ? 12  ASP A OD1 1 
ATOM   116  O  OD2 . ASP A 1 15 ? 7.164   -0.118  -4.646  1.00 50.98  ? 12  ASP A OD2 1 
ATOM   117  N  N   . ASP A 1 16 ? 3.421   2.862   -2.148  1.00 41.75  ? 13  ASP A N   1 
ATOM   118  C  CA  . ASP A 1 16 ? 2.138   3.578   -2.145  1.00 51.81  ? 13  ASP A CA  1 
ATOM   119  C  C   . ASP A 1 16 ? 2.248   4.775   -1.235  1.00 45.00  ? 13  ASP A C   1 
ATOM   120  O  O   . ASP A 1 16 ? 1.820   5.879   -1.598  1.00 44.04  ? 13  ASP A O   1 
ATOM   121  C  CB  . ASP A 1 16 ? 0.958   2.705   -1.658  1.00 44.76  ? 13  ASP A CB  1 
ATOM   122  C  CG  . ASP A 1 16 ? 0.273   1.899   -2.788  1.00 51.16  ? 13  ASP A CG  1 
ATOM   123  O  OD1 . ASP A 1 16 ? 0.754   1.848   -3.940  1.00 49.46  ? 13  ASP A OD1 1 
ATOM   124  O  OD2 . ASP A 1 16 ? -0.774  1.289   -2.500  1.00 47.86  ? 13  ASP A OD2 1 
ATOM   125  N  N   . ARG A 1 17 ? 2.817   4.558   -0.047  1.00 41.36  ? 14  ARG A N   1 
ATOM   126  C  CA  . ARG A 1 17 ? 2.943   5.658   0.912   1.00 54.50  ? 14  ARG A CA  1 
ATOM   127  C  C   . ARG A 1 17 ? 3.751   6.782   0.281   1.00 44.51  ? 14  ARG A C   1 
ATOM   128  O  O   . ARG A 1 17 ? 3.425   7.975   0.410   1.00 55.65  ? 14  ARG A O   1 
ATOM   129  C  CB  . ARG A 1 17 ? 3.618   5.228   2.220   1.00 46.74  ? 14  ARG A CB  1 
ATOM   130  C  CG  . ARG A 1 17 ? 2.994   4.078   2.982   1.00 39.48  ? 14  ARG A CG  1 
ATOM   131  C  CD  . ARG A 1 17 ? 1.569   4.346   3.588   1.00 40.70  ? 14  ARG A CD  1 
ATOM   132  N  NE  . ARG A 1 17 ? 0.541   4.299   2.564   1.00 46.82  ? 14  ARG A NE  1 
ATOM   133  C  CZ  . ARG A 1 17 ? -0.150  3.213   2.247   1.00 58.29  ? 14  ARG A CZ  1 
ATOM   134  N  NH1 . ARG A 1 17 ? -1.062  3.292   1.284   1.00 48.26  ? 14  ARG A NH1 1 
ATOM   135  N  NH2 . ARG A 1 17 ? 0.051   2.056   2.896   1.00 41.34  ? 14  ARG A NH2 1 
ATOM   136  N  N   . ILE A 1 18 ? 4.815   6.401   -0.412  1.00 51.07  ? 15  ILE A N   1 
ATOM   137  C  CA  . ILE A 1 18 ? 5.701   7.381   -1.016  1.00 45.17  ? 15  ILE A CA  1 
ATOM   138  C  C   . ILE A 1 18 ? 5.023   8.140   -2.134  1.00 49.38  ? 15  ILE A C   1 
ATOM   139  O  O   . ILE A 1 18 ? 5.187   9.353   -2.264  1.00 43.40  ? 15  ILE A O   1 
ATOM   140  C  CB  . ILE A 1 18 ? 6.946   6.713   -1.584  1.00 55.55  ? 15  ILE A CB  1 
ATOM   141  C  CG1 . ILE A 1 18 ? 7.925   6.381   -0.463  1.00 49.28  ? 15  ILE A CG1 1 
ATOM   142  C  CG2 . ILE A 1 18 ? 7.613   7.603   -2.571  1.00 47.83  ? 15  ILE A CG2 1 
ATOM   143  C  CD1 . ILE A 1 18 ? 9.107   5.528   -0.928  1.00 45.85  ? 15  ILE A CD1 1 
ATOM   144  N  N   . LEU A 1 19 ? 4.289   7.416   -2.971  1.00 40.56  ? 16  LEU A N   1 
ATOM   145  C  CA  . LEU A 1 19 ? 3.574   8.053   -4.067  1.00 46.14  ? 16  LEU A CA  1 
ATOM   146  C  C   . LEU A 1 19 ? 2.529   8.997   -3.489  1.00 54.25  ? 16  LEU A C   1 
ATOM   147  O  O   . LEU A 1 19 ? 2.370   10.115  -3.967  1.00 45.48  ? 16  LEU A O   1 
ATOM   148  C  CB  . LEU A 1 19 ? 2.902   7.016   -4.968  1.00 42.15  ? 16  LEU A CB  1 
ATOM   149  C  CG  . LEU A 1 19 ? 3.795   6.327   -5.999  1.00 47.22  ? 16  LEU A CG  1 
ATOM   150  C  CD1 . LEU A 1 19 ? 3.027   5.205   -6.656  1.00 50.16  ? 16  LEU A CD1 1 
ATOM   151  C  CD2 . LEU A 1 19 ? 4.282   7.327   -7.061  1.00 43.36  ? 16  LEU A CD2 1 
ATOM   152  N  N   . GLU A 1 20 ? 1.849   8.543   -2.438  1.00 51.11  ? 17  GLU A N   1 
ATOM   153  C  CA  . GLU A 1 20 ? 0.794   9.335   -1.804  1.00 40.03  ? 17  GLU A CA  1 
ATOM   154  C  C   . GLU A 1 20 ? 1.356   10.621  -1.235  1.00 57.37  ? 17  GLU A C   1 
ATOM   155  O  O   . GLU A 1 20 ? 0.749   11.672  -1.392  1.00 56.52  ? 17  GLU A O   1 
ATOM   156  C  CB  . GLU A 1 20 ? 0.095   8.556   -0.679  1.00 38.91  ? 17  GLU A CB  1 
ATOM   157  C  CG  . GLU A 1 20 ? -0.837  7.478   -1.196  1.00 46.12  ? 17  GLU A CG  1 
ATOM   158  C  CD  . GLU A 1 20 ? -1.204  6.469   -0.109  1.00 59.64  ? 17  GLU A CD  1 
ATOM   159  O  OE1 . GLU A 1 20 ? -0.611  6.493   0.993   1.00 49.50  ? 17  GLU A OE1 1 
ATOM   160  O  OE2 . GLU A 1 20 ? -2.091  5.637   -0.359  1.00 51.17  ? 17  GLU A OE2 1 
ATOM   161  N  N   . ILE A 1 21 ? 2.503   10.541  -0.560  1.00 48.18  ? 18  ILE A N   1 
ATOM   162  C  CA  . ILE A 1 21 ? 3.093   11.744  0.008   1.00 55.57  ? 18  ILE A CA  1 
ATOM   163  C  C   . ILE A 1 21 ? 3.508   12.704  -1.097  1.00 61.63  ? 18  ILE A C   1 
ATOM   164  O  O   . ILE A 1 21 ? 3.164   13.880  -1.063  1.00 56.14  ? 18  ILE A O   1 
ATOM   165  C  CB  . ILE A 1 21 ? 4.306   11.456  0.884   1.00 47.63  ? 18  ILE A CB  1 
ATOM   166  C  CG1 . ILE A 1 21 ? 3.886   10.774  2.193   1.00 47.82  ? 18  ILE A CG1 1 
ATOM   167  C  CG2 . ILE A 1 21 ? 5.064   12.772  1.200   1.00 47.85  ? 18  ILE A CG2 1 
ATOM   168  C  CD1 . ILE A 1 21 ? 5.081   10.169  2.938   1.00 47.86  ? 18  ILE A CD1 1 
ATOM   169  N  N   . ILE A 1 22 ? 4.244   12.208  -2.081  1.00 50.40  ? 19  ILE A N   1 
ATOM   170  C  CA  . ILE A 1 22 ? 4.661   13.068  -3.182  1.00 51.26  ? 19  ILE A CA  1 
ATOM   171  C  C   . ILE A 1 22 ? 3.446   13.710  -3.855  1.00 56.00  ? 19  ILE A C   1 
ATOM   172  O  O   . ILE A 1 22 ? 3.446   14.895  -4.143  1.00 54.65  ? 19  ILE A O   1 
ATOM   173  C  CB  . ILE A 1 22 ? 5.535   12.319  -4.199  1.00 50.27  ? 19  ILE A CB  1 
ATOM   174  C  CG1 . ILE A 1 22 ? 6.820   11.830  -3.499  1.00 48.00  ? 19  ILE A CG1 1 
ATOM   175  C  CG2 . ILE A 1 22 ? 5.846   13.217  -5.420  1.00 44.91  ? 19  ILE A CG2 1 
ATOM   176  C  CD1 . ILE A 1 22 ? 7.921   11.337  -4.445  1.00 49.22  ? 19  ILE A CD1 1 
ATOM   177  N  N   . HIS A 1 23 ? 2.398   12.928  -4.076  1.00 53.77  ? 20  HIS A N   1 
ATOM   178  C  CA  . HIS A 1 23 ? 1.150   13.483  -4.604  1.00 60.93  ? 20  HIS A CA  1 
ATOM   179  C  C   . HIS A 1 23 ? 0.611   14.673  -3.789  1.00 64.82  ? 20  HIS A C   1 
ATOM   180  O  O   . HIS A 1 23 ? 0.177   15.676  -4.362  1.00 63.07  ? 20  HIS A O   1 
ATOM   181  C  CB  . HIS A 1 23 ? 0.073   12.399  -4.726  1.00 56.73  ? 20  HIS A CB  1 
ATOM   182  C  CG  . HIS A 1 23 ? -1.300  12.945  -4.975  1.00 74.24  ? 20  HIS A CG  1 
ATOM   183  N  ND1 . HIS A 1 23 ? -1.660  13.538  -6.166  1.00 90.44  ? 20  HIS A ND1 1 
ATOM   184  C  CD2 . HIS A 1 23 ? -2.394  13.007  -4.178  1.00 84.05  ? 20  HIS A CD2 1 
ATOM   185  C  CE1 . HIS A 1 23 ? -2.922  13.929  -6.100  1.00 61.86  ? 20  HIS A CE1 1 
ATOM   186  N  NE2 . HIS A 1 23 ? -3.388  13.624  -4.903  1.00 79.09  ? 20  HIS A NE2 1 
ATOM   187  N  N   A GLU A 1 24 ? 0.643   14.565  -2.465  0.50 55.54  ? 21  GLU A N   1 
ATOM   188  N  N   B GLU A 1 24 ? 0.639   14.563  -2.462  0.50 55.55  ? 21  GLU A N   1 
ATOM   189  C  CA  A GLU A 1 24 ? 0.150   15.649  -1.611  0.50 67.05  ? 21  GLU A CA  1 
ATOM   190  C  CA  B GLU A 1 24 ? 0.074   15.611  -1.604  0.50 66.99  ? 21  GLU A CA  1 
ATOM   191  C  C   A GLU A 1 24 ? 1.069   16.877  -1.572  0.50 67.02  ? 21  GLU A C   1 
ATOM   192  C  C   B GLU A 1 24 ? 0.982   16.840  -1.447  0.50 67.03  ? 21  GLU A C   1 
ATOM   193  O  O   A GLU A 1 24 ? 0.602   18.010  -1.670  0.50 67.32  ? 21  GLU A O   1 
ATOM   194  O  O   B GLU A 1 24 ? 0.494   17.958  -1.308  0.50 66.63  ? 21  GLU A O   1 
ATOM   195  C  CB  A GLU A 1 24 ? -0.128  15.143  -0.194  0.50 67.33  ? 21  GLU A CB  1 
ATOM   196  C  CB  B GLU A 1 24 ? -0.306  15.052  -0.225  0.50 67.86  ? 21  GLU A CB  1 
ATOM   197  C  CG  A GLU A 1 24 ? -1.531  14.567  -0.002  0.50 92.75  ? 21  GLU A CG  1 
ATOM   198  C  CG  B GLU A 1 24 ? 0.767   15.226  0.843   0.50 87.77  ? 21  GLU A CG  1 
ATOM   199  C  CD  A GLU A 1 24 ? -1.625  13.655  1.209   0.50 112.57 ? 21  GLU A CD  1 
ATOM   200  C  CD  B GLU A 1 24 ? 0.455   14.483  2.137   0.50 99.42  ? 21  GLU A CD  1 
ATOM   201  O  OE1 A GLU A 1 24 ? -0.807  13.809  2.146   0.50 110.74 ? 21  GLU A OE1 1 
ATOM   202  O  OE1 B GLU A 1 24 ? 1.299   14.519  3.055   0.50 72.90  ? 21  GLU A OE1 1 
ATOM   203  O  OE2 A GLU A 1 24 ? -2.516  12.781  1.227   0.50 69.34  ? 21  GLU A OE2 1 
ATOM   204  O  OE2 B GLU A 1 24 ? -0.625  13.861  2.236   0.50 108.67 ? 21  GLU A OE2 1 
ATOM   205  N  N   A GLU A 1 25 ? 2.372   16.653  -1.438  0.50 68.40  ? 22  GLU A N   1 
ATOM   206  N  N   B GLU A 1 25 ? 2.295   16.629  -1.468  0.50 68.44  ? 22  GLU A N   1 
ATOM   207  C  CA  A GLU A 1 25 ? 3.321   17.750  -1.273  0.50 58.27  ? 22  GLU A CA  1 
ATOM   208  C  CA  B GLU A 1 25 ? 3.256   17.717  -1.299  0.50 58.26  ? 22  GLU A CA  1 
ATOM   209  C  C   A GLU A 1 25 ? 3.856   18.288  -2.605  0.50 66.66  ? 22  GLU A C   1 
ATOM   210  C  C   B GLU A 1 25 ? 3.640   18.348  -2.638  0.50 66.66  ? 22  GLU A C   1 
ATOM   211  O  O   A GLU A 1 25 ? 4.431   19.375  -2.649  0.50 54.81  ? 22  GLU A O   1 
ATOM   212  O  O   B GLU A 1 25 ? 3.910   19.546  -2.719  0.50 60.85  ? 22  GLU A O   1 
ATOM   213  C  CB  A GLU A 1 25 ? 4.498   17.313  -0.397  0.50 64.18  ? 22  GLU A CB  1 
ATOM   214  C  CB  B GLU A 1 25 ? 4.535   17.210  -0.625  0.50 64.53  ? 22  GLU A CB  1 
ATOM   215  C  CG  A GLU A 1 25 ? 4.132   16.358  0.724   0.50 70.79  ? 22  GLU A CG  1 
ATOM   216  C  CG  B GLU A 1 25 ? 4.457   16.979  0.874   0.50 72.59  ? 22  GLU A CG  1 
ATOM   217  C  CD  A GLU A 1 25 ? 3.734   17.070  2.005   0.50 92.86  ? 22  GLU A CD  1 
ATOM   218  C  CD  B GLU A 1 25 ? 5.734   16.350  1.415   0.50 98.63  ? 22  GLU A CD  1 
ATOM   219  O  OE1 A GLU A 1 25 ? 4.503   16.980  2.985   0.50 88.42  ? 22  GLU A OE1 1 
ATOM   220  O  OE1 B GLU A 1 25 ? 5.874   16.217  2.654   0.50 80.58  ? 22  GLU A OE1 1 
ATOM   221  O  OE2 A GLU A 1 25 ? 2.664   17.717  2.034   0.50 78.35  ? 22  GLU A OE2 1 
ATOM   222  O  OE2 B GLU A 1 25 ? 6.602   15.988  0.586   0.50 81.25  ? 22  GLU A OE2 1 
ATOM   223  N  N   . GLY A 1 26 ? 3.686   17.525  -3.683  1.00 56.62  ? 23  GLY A N   1 
ATOM   224  C  CA  . GLY A 1 26 ? 4.157   17.954  -4.996  1.00 54.54  ? 23  GLY A CA  1 
ATOM   225  C  C   . GLY A 1 26 ? 5.619   17.638  -5.312  1.00 59.11  ? 23  GLY A C   1 
ATOM   226  O  O   . GLY A 1 26 ? 6.098   17.973  -6.387  1.00 62.74  ? 23  GLY A O   1 
ATOM   227  N  N   . ASN A 1 27 ? 6.341   17.018  -4.381  1.00 56.44  ? 24  ASN A N   1 
ATOM   228  C  CA  . ASN A 1 27 ? 7.706   16.552  -4.664  1.00 50.56  ? 24  ASN A CA  1 
ATOM   229  C  C   . ASN A 1 27 ? 8.194   15.614  -3.575  1.00 54.85  ? 24  ASN A C   1 
ATOM   230  O  O   . ASN A 1 27 ? 7.573   15.518  -2.513  1.00 58.72  ? 24  ASN A O   1 
ATOM   231  C  CB  . ASN A 1 27 ? 8.675   17.719  -4.723  1.00 51.93  ? 24  ASN A CB  1 
ATOM   232  C  CG  . ASN A 1 27 ? 8.988   18.280  -3.345  1.00 89.64  ? 24  ASN A CG  1 
ATOM   233  O  OD1 . ASN A 1 27 ? 9.868   17.779  -2.635  1.00 73.46  ? 24  ASN A OD1 1 
ATOM   234  N  ND2 . ASN A 1 27 ? 8.266   19.329  -2.959  1.00 53.09  ? 24  ASN A ND2 1 
ATOM   235  N  N   . GLY A 1 28 ? 9.329   14.959  -3.828  1.00 57.95  ? 25  GLY A N   1 
ATOM   236  C  CA  . GLY A 1 28 ? 9.941   14.078  -2.843  1.00 48.52  ? 25  GLY A CA  1 
ATOM   237  C  C   . GLY A 1 28 ? 11.427  13.872  -3.076  1.00 52.53  ? 25  GLY A C   1 
ATOM   238  O  O   . GLY A 1 28 ? 11.901  13.931  -4.202  1.00 66.04  ? 25  GLY A O   1 
ATOM   239  N  N   . SER A 1 29 ? 12.154  13.625  -1.991  1.00 48.11  ? 26  SER A N   1 
ATOM   240  C  CA  . SER A 1 29 ? 13.592  13.380  -2.010  1.00 59.06  ? 26  SER A CA  1 
ATOM   241  C  C   . SER A 1 29 ? 13.783  12.430  -0.854  1.00 58.72  ? 26  SER A C   1 
ATOM   242  O  O   . SER A 1 29 ? 12.930  12.402  0.025   1.00 50.98  ? 26  SER A O   1 
ATOM   243  C  CB  . SER A 1 29 ? 14.380  14.677  -1.749  1.00 54.25  ? 26  SER A CB  1 
ATOM   244  O  OG  . SER A 1 29 ? 14.143  15.188  -0.444  1.00 76.24  ? 26  SER A OG  1 
ATOM   245  N  N   . PRO A 1 30 ? 14.880  11.647  -0.847  1.00 43.52  ? 27  PRO A N   1 
ATOM   246  C  CA  . PRO A 1 30 ? 15.117  10.687  0.247   1.00 44.25  ? 27  PRO A CA  1 
ATOM   247  C  C   . PRO A 1 30 ? 15.072  11.335  1.628   1.00 83.62  ? 27  PRO A C   1 
ATOM   248  O  O   . PRO A 1 30 ? 14.336  10.870  2.526   1.00 59.50  ? 27  PRO A O   1 
ATOM   249  C  CB  . PRO A 1 30 ? 16.524  10.154  -0.053  1.00 61.42  ? 27  PRO A CB  1 
ATOM   250  C  CG  . PRO A 1 30 ? 16.617  10.227  -1.570  1.00 50.50  ? 27  PRO A CG  1 
ATOM   251  C  CD  . PRO A 1 30 ? 15.875  11.509  -1.931  1.00 52.26  ? 27  PRO A CD  1 
ATOM   252  N  N   . LYS A 1 31 ? 15.837  12.413  1.782   1.00 58.15  ? 28  LYS A N   1 
ATOM   253  C  CA  . LYS A 1 31 ? 15.932  13.100  3.062   1.00 78.18  ? 28  LYS A CA  1 
ATOM   254  C  C   . LYS A 1 31 ? 14.561  13.517  3.599   1.00 60.90  ? 28  LYS A C   1 
ATOM   255  O  O   . LYS A 1 31 ? 14.210  13.158  4.721   1.00 63.77  ? 28  LYS A O   1 
ATOM   256  C  CB  . LYS A 1 31 ? 16.909  14.286  2.989   1.00 102.86 ? 28  LYS A CB  1 
ATOM   257  C  CG  . LYS A 1 31 ? 16.331  15.620  2.495   1.00 128.73 ? 28  LYS A CG  1 
ATOM   258  C  CD  . LYS A 1 31 ? 15.704  16.428  3.642   1.00 109.36 ? 28  LYS A CD  1 
ATOM   259  C  CE  . LYS A 1 31 ? 15.646  17.924  3.340   1.00 109.79 ? 28  LYS A CE  1 
ATOM   260  N  NZ  . LYS A 1 31 ? 16.834  18.657  3.895   1.00 93.90  ? 28  LYS A NZ  1 
ATOM   261  N  N   . GLU A 1 32 ? 13.776  14.249  2.807   1.00 55.95  ? 29  GLU A N   1 
ATOM   262  C  CA  . GLU A 1 32 ? 12.495  14.771  3.296   1.00 59.63  ? 29  GLU A CA  1 
ATOM   263  C  C   . GLU A 1 32 ? 11.462  13.660  3.500   1.00 81.13  ? 29  GLU A C   1 
ATOM   264  O  O   . GLU A 1 32 ? 10.594  13.745  4.374   1.00 56.78  ? 29  GLU A O   1 
ATOM   265  C  CB  . GLU A 1 32 ? 11.931  15.816  2.336   1.00 64.97  ? 29  GLU A CB  1 
ATOM   266  C  CG  . GLU A 1 32 ? 11.275  15.206  1.129   1.00 90.69  ? 29  GLU A CG  1 
ATOM   267  C  CD  . GLU A 1 32 ? 9.994   15.907  0.756   1.00 136.38 ? 29  GLU A CD  1 
ATOM   268  O  OE1 . GLU A 1 32 ? 9.982   17.156  0.786   1.00 129.43 ? 29  GLU A OE1 1 
ATOM   269  O  OE2 . GLU A 1 32 ? 9.002   15.208  0.439   1.00 116.30 ? 29  GLU A OE2 1 
ATOM   270  N  N   . LEU A 1 33 ? 11.541  12.615  2.685   1.00 55.53  ? 30  LEU A N   1 
ATOM   271  C  CA  . LEU A 1 33 ? 10.596  11.520  2.822   1.00 59.92  ? 30  LEU A CA  1 
ATOM   272  C  C   . LEU A 1 33 ? 10.884  10.746  4.098   1.00 68.58  ? 30  LEU A C   1 
ATOM   273  O  O   . LEU A 1 33 ? 9.967   10.434  4.865   1.00 63.46  ? 30  LEU A O   1 
ATOM   274  C  CB  . LEU A 1 33 ? 10.641  10.599  1.599   1.00 54.93  ? 30  LEU A CB  1 
ATOM   275  C  CG  . LEU A 1 33 ? 9.842   11.159  0.416   1.00 54.62  ? 30  LEU A CG  1 
ATOM   276  C  CD1 . LEU A 1 33 ? 10.044  10.313  -0.825  1.00 54.77  ? 30  LEU A CD1 1 
ATOM   277  C  CD2 . LEU A 1 33 ? 8.354   11.255  0.751   1.00 54.74  ? 30  LEU A CD2 1 
ATOM   278  N  N   . GLU A 1 34 ? 12.162  10.454  4.332   1.00 60.29  ? 31  GLU A N   1 
ATOM   279  C  CA  . GLU A 1 34 ? 12.532  9.616   5.460   1.00 60.75  ? 31  GLU A CA  1 
ATOM   280  C  C   . GLU A 1 34 ? 12.160  10.286  6.786   1.00 82.38  ? 31  GLU A C   1 
ATOM   281  O  O   . GLU A 1 34 ? 12.028  9.627   7.820   1.00 85.83  ? 31  GLU A O   1 
ATOM   282  C  CB  . GLU A 1 34 ? 14.012  9.253   5.396   1.00 65.41  ? 31  GLU A CB  1 
ATOM   283  C  CG  . GLU A 1 34 ? 14.274  7.857   5.915   1.00 76.09  ? 31  GLU A CG  1 
ATOM   284  C  CD  . GLU A 1 34 ? 14.317  7.823   7.422   1.00 98.58  ? 31  GLU A CD  1 
ATOM   285  O  OE1 . GLU A 1 34 ? 13.568  7.027   8.035   1.00 112.86 ? 31  GLU A OE1 1 
ATOM   286  O  OE2 . GLU A 1 34 ? 15.092  8.617   7.995   1.00 101.11 ? 31  GLU A OE2 1 
ATOM   287  N  N   . ASP A 1 35 ? 11.952  11.599  6.735   1.00 69.02  ? 32  ASP A N   1 
ATOM   288  C  CA  . ASP A 1 35 ? 11.573  12.367  7.918   1.00 83.12  ? 32  ASP A CA  1 
ATOM   289  C  C   . ASP A 1 35 ? 10.081  12.309  8.228   1.00 84.68  ? 32  ASP A C   1 
ATOM   290  O  O   . ASP A 1 35 ? 9.657   12.657  9.333   1.00 80.65  ? 32  ASP A O   1 
ATOM   291  C  CB  . ASP A 1 35 ? 12.033  13.820  7.786   1.00 94.16  ? 32  ASP A CB  1 
ATOM   292  C  CG  . ASP A 1 35 ? 13.440  14.028  8.314   1.00 137.27 ? 32  ASP A CG  1 
ATOM   293  O  OD1 . ASP A 1 35 ? 13.600  14.033  9.555   1.00 115.49 ? 32  ASP A OD1 1 
ATOM   294  O  OD2 . ASP A 1 35 ? 14.380  14.179  7.497   1.00 92.98  ? 32  ASP A OD2 1 
ATOM   295  N  N   . ARG A 1 36 ? 9.285   11.886  7.253   1.00 63.36  ? 33  ARG A N   1 
ATOM   296  C  CA  . ARG A 1 36 ? 7.860   11.716  7.480   1.00 64.63  ? 33  ARG A CA  1 
ATOM   297  C  C   . ARG A 1 36 ? 7.650   10.524  8.418   1.00 76.00  ? 33  ARG A C   1 
ATOM   298  O  O   . ARG A 1 36 ? 8.373   9.525   8.337   1.00 73.75  ? 33  ARG A O   1 
ATOM   299  C  CB  . ARG A 1 36 ? 7.119   11.527  6.152   1.00 68.87  ? 33  ARG A CB  1 
ATOM   300  C  CG  . ARG A 1 36 ? 6.957   12.812  5.355   1.00 72.90  ? 33  ARG A CG  1 
ATOM   301  C  CD  . ARG A 1 36 ? 5.988   13.755  6.059   1.00 71.86  ? 33  ARG A CD  1 
ATOM   302  N  NE  . ARG A 1 36 ? 4.600   13.293  5.984   1.00 63.83  ? 33  ARG A NE  1 
ATOM   303  C  CZ  . ARG A 1 36 ? 3.723   13.706  5.068   1.00 72.15  ? 33  ARG A CZ  1 
ATOM   304  N  NH1 . ARG A 1 36 ? 4.106   14.588  4.157   1.00 69.71  ? 33  ARG A NH1 1 
ATOM   305  N  NH2 . ARG A 1 36 ? 2.467   13.243  5.050   1.00 52.96  ? 33  ARG A NH2 1 
ATOM   306  N  N   . ASP A 1 37 ? 6.677   10.636  9.316   1.00 63.24  ? 34  ASP A N   1 
ATOM   307  C  CA  . ASP A 1 37 ? 6.424   9.577   10.292  1.00 96.02  ? 34  ASP A CA  1 
ATOM   308  C  C   . ASP A 1 37 ? 5.884   8.332   9.612   1.00 70.93  ? 34  ASP A C   1 
ATOM   309  O  O   . ASP A 1 37 ? 6.141   7.210   10.058  1.00 68.18  ? 34  ASP A O   1 
ATOM   310  C  CB  . ASP A 1 37 ? 5.437   10.050  11.355  1.00 92.63  ? 34  ASP A CB  1 
ATOM   311  C  CG  . ASP A 1 37 ? 6.037   11.074  12.281  1.00 105.55 ? 34  ASP A CG  1 
ATOM   312  O  OD1 . ASP A 1 37 ? 7.276   11.035  12.484  1.00 107.55 ? 34  ASP A OD1 1 
ATOM   313  O  OD2 . ASP A 1 37 ? 5.268   11.911  12.801  1.00 87.12  ? 34  ASP A OD2 1 
ATOM   314  N  N   . GLU A 1 38 ? 5.155   8.553   8.516   1.00 73.52  ? 35  GLU A N   1 
ATOM   315  C  CA  . GLU A 1 38 ? 4.500   7.494   7.756   1.00 67.55  ? 35  GLU A CA  1 
ATOM   316  C  C   . GLU A 1 38 ? 5.480   6.553   7.107   1.00 60.54  ? 35  GLU A C   1 
ATOM   317  O  O   . GLU A 1 38 ? 5.087   5.486   6.632   1.00 63.23  ? 35  GLU A O   1 
ATOM   318  C  CB  . GLU A 1 38 ? 3.616   8.079   6.648   1.00 67.52  ? 35  GLU A CB  1 
ATOM   319  C  CG  . GLU A 1 38 ? 2.454   8.910   7.138   1.00 60.65  ? 35  GLU A CG  1 
ATOM   320  C  CD  . GLU A 1 38 ? 2.833   10.353  7.391   1.00 82.54  ? 35  GLU A CD  1 
ATOM   321  O  OE1 . GLU A 1 38 ? 4.044   10.672  7.376   1.00 78.92  ? 35  GLU A OE1 1 
ATOM   322  O  OE2 . GLU A 1 38 ? 1.911   11.173  7.599   1.00 79.38  ? 35  GLU A OE2 1 
ATOM   323  N  N   . ILE A 1 39 ? 6.747   6.954   7.053   1.00 57.99  ? 36  ILE A N   1 
ATOM   324  C  CA  . ILE A 1 39 ? 7.733   6.179   6.315   1.00 45.86  ? 36  ILE A CA  1 
ATOM   325  C  C   . ILE A 1 39 ? 8.646   5.439   7.273   1.00 61.41  ? 36  ILE A C   1 
ATOM   326  O  O   . ILE A 1 39 ? 9.431   6.055   7.990   1.00 57.69  ? 36  ILE A O   1 
ATOM   327  C  CB  . ILE A 1 39 ? 8.552   7.073   5.359   1.00 43.55  ? 36  ILE A CB  1 
ATOM   328  C  CG1 . ILE A 1 39 ? 7.602   7.809   4.407   1.00 58.78  ? 36  ILE A CG1 1 
ATOM   329  C  CG2 . ILE A 1 39 ? 9.572   6.228   4.560   1.00 53.90  ? 36  ILE A CG2 1 
ATOM   330  C  CD1 . ILE A 1 39 ? 6.849   6.886   3.453   1.00 47.25  ? 36  ILE A CD1 1 
ATOM   331  N  N   . ARG A 1 40 ? 8.532   4.115   7.302   1.00 53.05  ? 37  ARG A N   1 
ATOM   332  C  CA  . ARG A 1 40 ? 9.272   3.343   8.303   1.00 67.77  ? 37  ARG A CA  1 
ATOM   333  C  C   . ARG A 1 40 ? 10.451  2.604   7.692   1.00 56.75  ? 37  ARG A C   1 
ATOM   334  O  O   . ARG A 1 40 ? 10.927  1.613   8.235   1.00 73.45  ? 37  ARG A O   1 
ATOM   335  C  CB  . ARG A 1 40 ? 8.360   2.367   9.063   1.00 59.31  ? 37  ARG A CB  1 
ATOM   336  C  CG  . ARG A 1 40 ? 6.984   2.934   9.434   1.00 53.91  ? 37  ARG A CG  1 
ATOM   337  C  CD  . ARG A 1 40 ? 7.087   4.146   10.323  1.00 72.32  ? 37  ARG A CD  1 
ATOM   338  N  NE  . ARG A 1 40 ? 7.730   3.769   11.571  1.00 68.21  ? 37  ARG A NE  1 
ATOM   339  C  CZ  . ARG A 1 40 ? 8.155   4.626   12.491  1.00 121.95 ? 37  ARG A CZ  1 
ATOM   340  N  NH1 . ARG A 1 40 ? 8.734   4.153   13.587  1.00 75.00  ? 37  ARG A NH1 1 
ATOM   341  N  NH2 . ARG A 1 40 ? 8.005   5.942   12.319  1.00 71.72  ? 37  ARG A NH2 1 
ATOM   342  N  N   . ILE A 1 41 ? 10.920  3.081   6.549   1.00 61.89  ? 38  ILE A N   1 
ATOM   343  C  CA  . ILE A 1 41 ? 12.143  2.524   5.968   1.00 44.04  ? 38  ILE A CA  1 
ATOM   344  C  C   . ILE A 1 41 ? 13.232  3.605   5.992   1.00 59.48  ? 38  ILE A C   1 
ATOM   345  O  O   . ILE A 1 41 ? 12.925  4.782   6.208   1.00 48.86  ? 38  ILE A O   1 
ATOM   346  C  CB  . ILE A 1 41 ? 11.907  1.987   4.540   1.00 58.42  ? 38  ILE A CB  1 
ATOM   347  C  CG1 . ILE A 1 41 ? 11.118  3.004   3.709   1.00 52.23  ? 38  ILE A CG1 1 
ATOM   348  C  CG2 . ILE A 1 41 ? 11.138  0.695   4.598   1.00 53.31  ? 38  ILE A CG2 1 
ATOM   349  C  CD1 . ILE A 1 41 ? 11.153  2.721   2.202   1.00 47.91  ? 38  ILE A CD1 1 
ATOM   350  N  N   . SER A 1 42 ? 14.488  3.208   5.784   1.00 59.52  ? 39  SER A N   1 
ATOM   351  C  CA  . SER A 1 42 ? 15.635  4.129   5.872   1.00 57.44  ? 39  SER A CA  1 
ATOM   352  C  C   . SER A 1 42 ? 15.745  5.037   4.654   1.00 70.06  ? 39  SER A C   1 
ATOM   353  O  O   . SER A 1 42 ? 15.104  4.783   3.627   1.00 55.59  ? 39  SER A O   1 
ATOM   354  C  CB  . SER A 1 42 ? 16.939  3.340   6.035   1.00 68.02  ? 39  SER A CB  1 
ATOM   355  O  OG  . SER A 1 42 ? 17.267  2.601   4.860   1.00 60.32  ? 39  SER A OG  1 
ATOM   356  N  N   . LYS A 1 43 ? 16.574  6.079   4.762   1.00 58.72  ? 40  LYS A N   1 
ATOM   357  C  CA  . LYS A 1 43 ? 16.831  6.997   3.644   1.00 64.52  ? 40  LYS A CA  1 
ATOM   358  C  C   . LYS A 1 43 ? 17.361  6.268   2.403   1.00 63.78  ? 40  LYS A C   1 
ATOM   359  O  O   . LYS A 1 43 ? 16.892  6.530   1.281   1.00 59.33  ? 40  LYS A O   1 
ATOM   360  C  CB  . LYS A 1 43 ? 17.792  8.138   4.043   1.00 73.34  ? 40  LYS A CB  1 
ATOM   361  C  CG  . LYS A 1 43 ? 17.823  9.312   3.043   1.00 88.78  ? 40  LYS A CG  1 
ATOM   362  C  CD  . LYS A 1 43 ? 18.787  10.440  3.463   1.00 89.41  ? 40  LYS A CD  1 
ATOM   363  C  CE  . LYS A 1 43 ? 18.273  11.208  4.682   1.00 123.95 ? 40  LYS A CE  1 
ATOM   364  N  NZ  . LYS A 1 43 ? 19.233  12.262  5.150   1.00 122.01 ? 40  LYS A NZ  1 
ATOM   365  N  N   A SER A 1 44 ? 18.325  5.368   2.610   0.50 56.30  ? 41  SER A N   1 
ATOM   366  N  N   B SER A 1 44 ? 18.335  5.374   2.595   0.50 56.30  ? 41  SER A N   1 
ATOM   367  C  CA  A SER A 1 44 ? 18.904  4.584   1.519   0.50 63.19  ? 41  SER A CA  1 
ATOM   368  C  CA  B SER A 1 44 ? 18.896  4.589   1.489   0.50 63.14  ? 41  SER A CA  1 
ATOM   369  C  C   A SER A 1 44 ? 17.827  3.723   0.854   0.50 56.52  ? 41  SER A C   1 
ATOM   370  C  C   B SER A 1 44 ? 17.806  3.734   0.841   0.50 56.52  ? 41  SER A C   1 
ATOM   371  O  O   A SER A 1 44 ? 17.796  3.573   -0.374  0.50 57.95  ? 41  SER A O   1 
ATOM   372  O  O   B SER A 1 44 ? 17.754  3.591   -0.388  0.50 57.91  ? 41  SER A O   1 
ATOM   373  C  CB  A SER A 1 44 ? 20.073  3.717   2.027   0.50 61.35  ? 41  SER A CB  1 
ATOM   374  C  CB  B SER A 1 44 ? 20.056  3.704   1.975   0.50 61.40  ? 41  SER A CB  1 
ATOM   375  O  OG  A SER A 1 44 ? 19.633  2.634   2.840   0.50 52.38  ? 41  SER A OG  1 
ATOM   376  O  OG  B SER A 1 44 ? 20.364  2.674   1.040   0.50 63.30  ? 41  SER A OG  1 
ATOM   377  N  N   . SER A 1 45 ? 16.940  3.169   1.679   1.00 54.62  ? 42  SER A N   1 
ATOM   378  C  CA  . SER A 1 45 ? 15.831  2.356   1.191   1.00 61.95  ? 42  SER A CA  1 
ATOM   379  C  C   . SER A 1 45 ? 14.853  3.223   0.421   1.00 54.43  ? 42  SER A C   1 
ATOM   380  O  O   . SER A 1 45 ? 14.394  2.841   -0.646  1.00 45.09  ? 42  SER A O   1 
ATOM   381  C  CB  . SER A 1 45 ? 15.088  1.681   2.348   1.00 67.50  ? 42  SER A CB  1 
ATOM   382  O  OG  . SER A 1 45 ? 15.773  0.535   2.810   1.00 57.42  ? 42  SER A OG  1 
ATOM   383  N  N   . VAL A 1 46 ? 14.508  4.384   0.975   1.00 47.34  ? 43  VAL A N   1 
ATOM   384  C  CA  . VAL A 1 46 ? 13.642  5.314   0.256   1.00 44.70  ? 43  VAL A CA  1 
ATOM   385  C  C   . VAL A 1 46 ? 14.243  5.682   -1.086  1.00 54.41  ? 43  VAL A C   1 
ATOM   386  O  O   . VAL A 1 46 ? 13.567  5.647   -2.125  1.00 52.65  ? 43  VAL A O   1 
ATOM   387  C  CB  . VAL A 1 46 ? 13.377  6.596   1.059   1.00 57.08  ? 43  VAL A CB  1 
ATOM   388  C  CG1 . VAL A 1 46 ? 12.809  7.669   0.142   1.00 45.31  ? 43  VAL A CG1 1 
ATOM   389  C  CG2 . VAL A 1 46 ? 12.416  6.288   2.220   1.00 44.92  ? 43  VAL A CG2 1 
ATOM   390  N  N   . SER A 1 47 ? 15.527  6.025   -1.066  1.00 56.81  ? 44  SER A N   1 
ATOM   391  C  CA  . SER A 1 47 ? 16.234  6.347   -2.300  1.00 57.51  ? 44  SER A CA  1 
ATOM   392  C  C   . SER A 1 47 ? 16.026  5.256   -3.387  1.00 46.93  ? 44  SER A C   1 
ATOM   393  O  O   . SER A 1 47 ? 15.745  5.581   -4.551  1.00 47.07  ? 44  SER A O   1 
ATOM   394  C  CB  . SER A 1 47 ? 17.720  6.668   -2.007  1.00 50.37  ? 44  SER A CB  1 
ATOM   395  O  OG  . SER A 1 47 ? 18.453  6.882   -3.199  1.00 58.98  ? 44  SER A OG  1 
ATOM   396  N  N   A ARG A 1 48 ? 16.113  3.980   -3.010  0.50 51.79  ? 45  ARG A N   1 
ATOM   397  N  N   B ARG A 1 48 ? 16.109  3.984   -2.996  0.50 51.80  ? 45  ARG A N   1 
ATOM   398  C  CA  A ARG A 1 48 ? 15.895  2.900   -3.980  0.50 52.95  ? 45  ARG A CA  1 
ATOM   399  C  CA  B ARG A 1 48 ? 15.903  2.879   -3.937  0.50 52.96  ? 45  ARG A CA  1 
ATOM   400  C  C   A ARG A 1 48 ? 14.437  2.790   -4.454  0.50 55.05  ? 45  ARG A C   1 
ATOM   401  C  C   B ARG A 1 48 ? 14.450  2.746   -4.430  0.50 55.10  ? 45  ARG A C   1 
ATOM   402  O  O   A ARG A 1 48 ? 14.170  2.526   -5.625  0.50 47.60  ? 45  ARG A O   1 
ATOM   403  O  O   B ARG A 1 48 ? 14.199  2.434   -5.593  0.50 48.04  ? 45  ARG A O   1 
ATOM   404  C  CB  A ARG A 1 48 ? 16.338  1.552   -3.413  0.50 63.71  ? 45  ARG A CB  1 
ATOM   405  C  CB  B ARG A 1 48 ? 16.367  1.558   -3.319  0.50 63.64  ? 45  ARG A CB  1 
ATOM   406  C  CG  A ARG A 1 48 ? 17.643  1.591   -2.661  0.50 74.58  ? 45  ARG A CG  1 
ATOM   407  C  CG  B ARG A 1 48 ? 17.801  1.592   -2.826  0.50 75.23  ? 45  ARG A CG  1 
ATOM   408  C  CD  A ARG A 1 48 ? 18.194  0.192   -2.460  0.50 76.83  ? 45  ARG A CD  1 
ATOM   409  C  CD  B ARG A 1 48 ? 18.407  0.200   -2.745  0.50 77.24  ? 45  ARG A CD  1 
ATOM   410  N  NE  A ARG A 1 48 ? 18.501  -0.040  -1.055  0.50 88.80  ? 45  ARG A NE  1 
ATOM   411  N  NE  B ARG A 1 48 ? 17.865  -0.570  -1.632  0.50 88.74  ? 45  ARG A NE  1 
ATOM   412  C  CZ  A ARG A 1 48 ? 17.721  -0.734  -0.233  0.50 116.73 ? 45  ARG A CZ  1 
ATOM   413  C  CZ  B ARG A 1 48 ? 18.273  -0.455  -0.370  0.50 113.93 ? 45  ARG A CZ  1 
ATOM   414  N  NH1 A ARG A 1 48 ? 16.602  -1.286  -0.686  0.50 93.59  ? 45  ARG A NH1 1 
ATOM   415  N  NH1 B ARG A 1 48 ? 19.230  0.408   -0.046  0.50 74.60  ? 45  ARG A NH1 1 
ATOM   416  N  NH2 A ARG A 1 48 ? 18.064  -0.889  1.037   0.50 103.41 ? 45  ARG A NH2 1 
ATOM   417  N  NH2 B ARG A 1 48 ? 17.715  -1.203  0.572   0.50 103.40 ? 45  ARG A NH2 1 
ATOM   418  N  N   . ARG A 1 49 ? 13.486  2.959   -3.545  1.00 46.49  ? 46  ARG A N   1 
ATOM   419  C  CA  . ARG A 1 49 ? 12.087  2.902   -3.963  1.00 47.26  ? 46  ARG A CA  1 
ATOM   420  C  C   . ARG A 1 49 ? 11.782  4.033   -4.977  1.00 44.54  ? 46  ARG A C   1 
ATOM   421  O  O   . ARG A 1 49 ? 11.116  3.785   -5.998  1.00 50.34  ? 46  ARG A O   1 
ATOM   422  C  CB  . ARG A 1 49 ? 11.125  2.914   -2.767  1.00 43.50  ? 46  ARG A CB  1 
ATOM   423  C  CG  . ARG A 1 49 ? 11.243  1.689   -1.816  1.00 55.91  ? 46  ARG A CG  1 
ATOM   424  C  CD  . ARG A 1 49 ? 11.533  0.359   -2.548  1.00 54.01  ? 46  ARG A CD  1 
ATOM   425  N  NE  . ARG A 1 49 ? 10.475  -0.062  -3.472  1.00 48.04  ? 46  ARG A NE  1 
ATOM   426  C  CZ  . ARG A 1 49 ? 10.542  -1.150  -4.236  1.00 54.80  ? 46  ARG A CZ  1 
ATOM   427  N  NH1 . ARG A 1 49 ? 11.610  -1.940  -4.186  1.00 47.83  ? 46  ARG A NH1 1 
ATOM   428  N  NH2 . ARG A 1 49 ? 9.550   -1.447  -5.057  1.00 51.49  ? 46  ARG A NH2 1 
ATOM   429  N  N   . LEU A 1 50 ? 12.292  5.246   -4.705  1.00 39.14  ? 47  LEU A N   1 
ATOM   430  C  CA  . LEU A 1 50 ? 12.168  6.395   -5.621  1.00 53.75  ? 47  LEU A CA  1 
ATOM   431  C  C   . LEU A 1 50 ? 12.672  6.086   -7.014  1.00 47.38  ? 47  LEU A C   1 
ATOM   432  O  O   . LEU A 1 50 ? 12.025  6.437   -8.012  1.00 46.63  ? 47  LEU A O   1 
ATOM   433  C  CB  . LEU A 1 50 ? 12.930  7.613   -5.083  1.00 48.39  ? 47  LEU A CB  1 
ATOM   434  C  CG  . LEU A 1 50 ? 12.286  8.175   -3.815  1.00 55.80  ? 47  LEU A CG  1 
ATOM   435  C  CD1 . LEU A 1 50 ? 13.215  9.144   -3.128  1.00 64.49  ? 47  LEU A CD1 1 
ATOM   436  C  CD2 . LEU A 1 50 ? 10.954  8.841   -4.157  1.00 45.74  ? 47  LEU A CD2 1 
ATOM   437  N  N   . LYS A 1 51 ? 13.852  5.466   -7.075  1.00 48.67  ? 48  LYS A N   1 
ATOM   438  C  CA  . LYS A 1 51 ? 14.468  5.087   -8.345  1.00 60.58  ? 48  LYS A CA  1 
ATOM   439  C  C   . LYS A 1 51 ? 13.592  4.090   -9.063  1.00 47.50  ? 48  LYS A C   1 
ATOM   440  O  O   . LYS A 1 51 ? 13.337  4.217   -10.252 1.00 54.22  ? 48  LYS A O   1 
ATOM   441  C  CB  . LYS A 1 51 ? 15.861  4.484   -8.130  1.00 65.59  ? 48  LYS A CB  1 
ATOM   442  C  CG  . LYS A 1 51 ? 16.980  5.514   -8.054  1.00 98.41  ? 48  LYS A CG  1 
ATOM   443  C  CD  . LYS A 1 51 ? 18.173  4.988   -7.257  1.00 109.07 ? 48  LYS A CD  1 
ATOM   444  C  CE  . LYS A 1 51 ? 19.339  5.973   -7.263  1.00 86.78  ? 48  LYS A CE  1 
ATOM   445  N  NZ  . LYS A 1 51 ? 20.196  5.838   -6.049  1.00 90.40  ? 48  LYS A NZ  1 
ATOM   446  N  N   . LYS A 1 52 ? 13.110  3.099   -8.334  1.00 49.17  ? 49  LYS A N   1 
ATOM   447  C  CA  . LYS A 1 52 ? 12.258  2.096   -8.963  1.00 49.32  ? 49  LYS A CA  1 
ATOM   448  C  C   . LYS A 1 52 ? 10.920  2.699   -9.433  1.00 56.95  ? 49  LYS A C   1 
ATOM   449  O  O   . LYS A 1 52 ? 10.434  2.366   -10.496 1.00 49.27  ? 49  LYS A O   1 
ATOM   450  C  CB  . LYS A 1 52 ? 12.049  0.916   -8.020  1.00 50.46  ? 49  LYS A CB  1 
ATOM   451  C  CG  . LYS A 1 52 ? 11.907  -0.404  -8.757  1.00 71.33  ? 49  LYS A CG  1 
ATOM   452  C  CD  . LYS A 1 52 ? 12.630  -1.505  -8.015  1.00 64.22  ? 49  LYS A CD  1 
ATOM   453  C  CE  . LYS A 1 52 ? 13.136  -2.554  -8.991  1.00 74.04  ? 49  LYS A CE  1 
ATOM   454  N  NZ  . LYS A 1 52 ? 14.116  -3.482  -8.335  1.00 78.10  ? 49  LYS A NZ  1 
ATOM   455  N  N   . LEU A 1 53 ? 10.325  3.601   -8.655  1.00 45.62  ? 50  LEU A N   1 
ATOM   456  C  CA  . LEU A 1 53 ? 9.080   4.214   -9.098  1.00 53.17  ? 50  LEU A CA  1 
ATOM   457  C  C   . LEU A 1 53 ? 9.309   5.030   -10.364 1.00 45.54  ? 50  LEU A C   1 
ATOM   458  O  O   . LEU A 1 53 ? 8.456   5.046   -11.250 1.00 47.41  ? 50  LEU A O   1 
ATOM   459  C  CB  . LEU A 1 53 ? 8.483   5.083   -8.004  1.00 40.98  ? 50  LEU A CB  1 
ATOM   460  C  CG  . LEU A 1 53 ? 7.942   4.338   -6.793  1.00 43.85  ? 50  LEU A CG  1 
ATOM   461  C  CD1 . LEU A 1 53 ? 7.863   5.292   -5.623  1.00 40.03  ? 50  LEU A CD1 1 
ATOM   462  C  CD2 . LEU A 1 53 ? 6.581   3.703   -7.083  1.00 47.09  ? 50  LEU A CD2 1 
ATOM   463  N  N   . ALA A 1 54 ? 10.465  5.686   -10.451 1.00 40.77  ? 51  ALA A N   1 
ATOM   464  C  CA  . ALA A 1 54 ? 10.813  6.477   -11.649 1.00 55.86  ? 51  ALA A CA  1 
ATOM   465  C  C   . ALA A 1 54 ? 11.114  5.575   -12.839 1.00 51.93  ? 51  ALA A C   1 
ATOM   466  O  O   . ALA A 1 54 ? 10.678  5.840   -13.964 1.00 51.54  ? 51  ALA A O   1 
ATOM   467  C  CB  . ALA A 1 54 ? 11.995  7.382   -11.368 1.00 50.66  ? 51  ALA A CB  1 
ATOM   468  N  N   . ASP A 1 55 ? 11.854  4.492   -12.589 1.00 51.82  ? 52  ASP A N   1 
ATOM   469  C  CA  . ASP A 1 55 ? 12.073  3.477   -13.628 1.00 52.39  ? 52  ASP A CA  1 
ATOM   470  C  C   . ASP A 1 55 ? 10.752  3.096   -14.257 1.00 58.58  ? 52  ASP A C   1 
ATOM   471  O  O   . ASP A 1 55 ? 10.686  2.903   -15.463 1.00 50.09  ? 52  ASP A O   1 
ATOM   472  C  CB  . ASP A 1 55 ? 12.726  2.201   -13.060 1.00 60.27  ? 52  ASP A CB  1 
ATOM   473  C  CG  . ASP A 1 55 ? 14.227  2.359   -12.815 1.00 104.95 ? 52  ASP A CG  1 
ATOM   474  O  OD1 . ASP A 1 55 ? 14.797  3.363   -13.278 1.00 58.67  ? 52  ASP A OD1 1 
ATOM   475  O  OD2 . ASP A 1 55 ? 14.842  1.480   -12.163 1.00 58.49  ? 52  ASP A OD2 1 
ATOM   476  N  N   . HIS A 1 56 ? 9.709   2.955   -13.432 1.00 44.94  ? 53  HIS A N   1 
ATOM   477  C  CA  . HIS A 1 56 ? 8.406   2.476   -13.913 1.00 44.34  ? 53  HIS A CA  1 
ATOM   478  C  C   . HIS A 1 56 ? 7.499   3.626   -14.325 1.00 46.40  ? 53  HIS A C   1 
ATOM   479  O  O   . HIS A 1 56 ? 6.302   3.435   -14.443 1.00 47.43  ? 53  HIS A O   1 
ATOM   480  C  CB  . HIS A 1 56 ? 7.692   1.657   -12.835 1.00 44.19  ? 53  HIS A CB  1 
ATOM   481  C  CG  . HIS A 1 56 ? 8.268   0.296   -12.619 1.00 49.02  ? 53  HIS A CG  1 
ATOM   482  N  ND1 . HIS A 1 56 ? 7.709   -0.838  -13.162 1.00 54.95  ? 53  HIS A ND1 1 
ATOM   483  C  CD2 . HIS A 1 56 ? 9.354   -0.120  -11.920 1.00 46.32  ? 53  HIS A CD2 1 
ATOM   484  C  CE1 . HIS A 1 56 ? 8.423   -1.893  -12.812 1.00 53.01  ? 53  HIS A CE1 1 
ATOM   485  N  NE2 . HIS A 1 56 ? 9.421   -1.486  -12.049 1.00 43.36  ? 53  HIS A NE2 1 
ATOM   486  N  N   . ASP A 1 57 ? 8.079   4.816   -14.503 1.00 44.82  ? 54  ASP A N   1 
ATOM   487  C  CA  . ASP A 1 57 ? 7.361   6.002   -14.972 1.00 57.05  ? 54  ASP A CA  1 
ATOM   488  C  C   . ASP A 1 57 ? 6.268   6.507   -14.047 1.00 57.76  ? 54  ASP A C   1 
ATOM   489  O  O   . ASP A 1 57 ? 5.408   7.258   -14.477 1.00 47.68  ? 54  ASP A O   1 
ATOM   490  C  CB  . ASP A 1 57 ? 6.770   5.764   -16.365 1.00 56.04  ? 54  ASP A CB  1 
ATOM   491  C  CG  . ASP A 1 57 ? 7.843   5.720   -17.439 1.00 72.01  ? 54  ASP A CG  1 
ATOM   492  O  OD1 . ASP A 1 57 ? 8.970   6.207   -17.177 1.00 77.34  ? 54  ASP A OD1 1 
ATOM   493  O  OD2 . ASP A 1 57 ? 7.562   5.189   -18.531 1.00 96.95  ? 54  ASP A OD2 1 
ATOM   494  N  N   . LEU A 1 58 ? 6.294   6.096   -12.786 1.00 52.03  ? 55  LEU A N   1 
ATOM   495  C  CA  . LEU A 1 58 ? 5.290   6.569   -11.841 1.00 50.41  ? 55  LEU A CA  1 
ATOM   496  C  C   . LEU A 1 58 ? 5.731   7.890   -11.215 1.00 55.37  ? 55  LEU A C   1 
ATOM   497  O  O   . LEU A 1 58 ? 4.901   8.680   -10.776 1.00 47.36  ? 55  LEU A O   1 
ATOM   498  C  CB  . LEU A 1 58 ? 5.000   5.514   -10.774 1.00 41.95  ? 55  LEU A CB  1 
ATOM   499  C  CG  . LEU A 1 58 ? 4.474   4.195   -11.354 1.00 53.67  ? 55  LEU A CG  1 
ATOM   500  C  CD1 . LEU A 1 58 ? 3.902   3.363   -10.221 1.00 38.31  ? 55  LEU A CD1 1 
ATOM   501  C  CD2 . LEU A 1 58 ? 3.392   4.439   -12.441 1.00 49.20  ? 55  LEU A CD2 1 
ATOM   502  N  N   . LEU A 1 59 ? 7.044   8.113   -11.194 1.00 46.04  ? 56  LEU A N   1 
ATOM   503  C  CA  . LEU A 1 59 ? 7.614   9.401   -10.810 1.00 50.01  ? 56  LEU A CA  1 
ATOM   504  C  C   . LEU A 1 59 ? 8.554   9.913   -11.899 1.00 66.73  ? 56  LEU A C   1 
ATOM   505  O  O   . LEU A 1 59 ? 9.184   9.128   -12.624 1.00 52.84  ? 56  LEU A O   1 
ATOM   506  C  CB  . LEU A 1 59 ? 8.425   9.263   -9.531  1.00 50.66  ? 56  LEU A CB  1 
ATOM   507  C  CG  . LEU A 1 59 ? 7.763   8.815   -8.236  1.00 57.63  ? 56  LEU A CG  1 
ATOM   508  C  CD1 . LEU A 1 59 ? 8.847   8.642   -7.155  1.00 34.14  ? 56  LEU A CD1 1 
ATOM   509  C  CD2 . LEU A 1 59 ? 6.710   9.851   -7.838  1.00 45.47  ? 56  LEU A CD2 1 
ATOM   510  N  N   . GLN A 1 60 ? 8.664   11.232  -12.007 1.00 63.18  ? 57  GLN A N   1 
ATOM   511  C  CA  . GLN A 1 60 ? 9.707   11.825  -12.840 1.00 50.93  ? 57  GLN A CA  1 
ATOM   512  C  C   . GLN A 1 60 ? 10.882  12.298  -11.976 1.00 65.39  ? 57  GLN A C   1 
ATOM   513  O  O   . GLN A 1 60 ? 10.701  13.065  -11.020 1.00 57.48  ? 57  GLN A O   1 
ATOM   514  C  CB  . GLN A 1 60 ? 9.172   12.988  -13.664 1.00 51.40  ? 57  GLN A CB  1 
ATOM   515  C  CG  . GLN A 1 60 ? 10.300  13.781  -14.301 1.00 46.11  ? 57  GLN A CG  1 
ATOM   516  C  CD  . GLN A 1 60 ? 9.809   15.011  -15.031 1.00 106.20 ? 57  GLN A CD  1 
ATOM   517  O  OE1 . GLN A 1 60 ? 8.669   15.447  -14.848 1.00 68.40  ? 57  GLN A OE1 1 
ATOM   518  N  NE2 . GLN A 1 60 ? 10.674  15.587  -15.866 1.00 70.45  ? 57  GLN A NE2 1 
ATOM   519  N  N   . PRO A 1 61 ? 12.096  11.826  -12.292 1.00 44.75  ? 58  PRO A N   1 
ATOM   520  C  CA  . PRO A 1 61 ? 13.230  12.290  -11.490 1.00 50.81  ? 58  PRO A CA  1 
ATOM   521  C  C   . PRO A 1 61 ? 13.713  13.640  -12.028 1.00 55.92  ? 58  PRO A C   1 
ATOM   522  O  O   . PRO A 1 61 ? 13.848  13.811  -13.244 1.00 59.79  ? 58  PRO A O   1 
ATOM   523  C  CB  . PRO A 1 61 ? 14.309  11.236  -11.748 1.00 45.23  ? 58  PRO A CB  1 
ATOM   524  C  CG  . PRO A 1 61 ? 13.903  10.516  -13.035 1.00 44.31  ? 58  PRO A CG  1 
ATOM   525  C  CD  . PRO A 1 61 ? 12.530  11.056  -13.468 1.00 62.88  ? 58  PRO A CD  1 
ATOM   526  N  N   . LEU A 1 62 ? 13.942  14.588  -11.126 1.00 57.66  ? 59  LEU A N   1 
ATOM   527  C  CA  . LEU A 1 62 ? 14.540  15.875  -11.482 1.00 61.09  ? 59  LEU A CA  1 
ATOM   528  C  C   . LEU A 1 62 ? 16.015  15.845  -11.093 1.00 67.79  ? 59  LEU A C   1 
ATOM   529  O  O   . LEU A 1 62 ? 16.517  14.819  -10.614 1.00 53.52  ? 59  LEU A O   1 
ATOM   530  C  CB  . LEU A 1 62 ? 13.816  16.979  -10.721 1.00 44.91  ? 59  LEU A CB  1 
ATOM   531  C  CG  . LEU A 1 62 ? 12.334  16.909  -11.045 1.00 51.53  ? 59  LEU A CG  1 
ATOM   532  C  CD1 . LEU A 1 62 ? 11.626  18.040  -10.381 1.00 45.74  ? 59  LEU A CD1 1 
ATOM   533  C  CD2 . LEU A 1 62 ? 12.142  16.942  -12.585 1.00 46.71  ? 59  LEU A CD2 1 
ATOM   534  N  N   . ALA A 1 63 ? 16.722  16.955  -11.280 1.00 55.86  ? 60  ALA A N   1 
ATOM   535  C  CA  . ALA A 1 63 ? 18.113  17.002  -10.838 1.00 64.25  ? 60  ALA A CA  1 
ATOM   536  C  C   . ALA A 1 63 ? 18.186  16.829  -9.320  1.00 64.23  ? 60  ALA A C   1 
ATOM   537  O  O   . ALA A 1 63 ? 17.171  16.922  -8.609  1.00 46.41  ? 60  ALA A O   1 
ATOM   538  C  CB  . ALA A 1 63 ? 18.767  18.315  -11.250 1.00 63.90  ? 60  ALA A CB  1 
ATOM   539  N  N   . ASN A 1 64 ? 19.390  16.578  -8.820  1.00 60.21  ? 61  ASN A N   1 
ATOM   540  C  CA  . ASN A 1 64 ? 19.634  16.663  -7.392  1.00 56.01  ? 61  ASN A CA  1 
ATOM   541  C  C   . ASN A 1 64 ? 18.760  15.710  -6.568  1.00 58.29  ? 61  ASN A C   1 
ATOM   542  O  O   . ASN A 1 64 ? 18.312  16.043  -5.469  1.00 65.85  ? 61  ASN A O   1 
ATOM   543  C  CB  . ASN A 1 64 ? 19.456  18.123  -6.912  1.00 49.90  ? 61  ASN A CB  1 
ATOM   544  C  CG  . ASN A 1 64 ? 20.142  18.382  -5.593  1.00 55.15  ? 61  ASN A CG  1 
ATOM   545  O  OD1 . ASN A 1 64 ? 21.187  17.778  -5.301  1.00 55.21  ? 61  ASN A OD1 1 
ATOM   546  N  ND2 . ASN A 1 64 ? 19.563  19.273  -4.774  1.00 61.61  ? 61  ASN A ND2 1 
ATOM   547  N  N   . GLY A 1 65 ? 18.509  14.522  -7.108  1.00 78.52  ? 62  GLY A N   1 
ATOM   548  C  CA  . GLY A 1 65 ? 17.764  13.509  -6.383  1.00 60.45  ? 62  GLY A CA  1 
ATOM   549  C  C   . GLY A 1 65 ? 16.347  13.872  -5.964  1.00 65.11  ? 62  GLY A C   1 
ATOM   550  O  O   . GLY A 1 65 ? 15.824  13.309  -5.009  1.00 56.98  ? 62  GLY A O   1 
ATOM   551  N  N   . VAL A 1 66 ? 15.711  14.800  -6.670  1.00 63.15  ? 63  VAL A N   1 
ATOM   552  C  CA  . VAL A 1 66 ? 14.325  15.171  -6.357  1.00 45.91  ? 63  VAL A CA  1 
ATOM   553  C  C   . VAL A 1 66 ? 13.378  14.512  -7.347  1.00 49.67  ? 63  VAL A C   1 
ATOM   554  O  O   . VAL A 1 66 ? 13.745  14.322  -8.505  1.00 50.48  ? 63  VAL A O   1 
ATOM   555  C  CB  . VAL A 1 66 ? 14.129  16.690  -6.449  1.00 67.95  ? 63  VAL A CB  1 
ATOM   556  C  CG1 . VAL A 1 66 ? 12.644  17.044  -6.399  1.00 47.14  ? 63  VAL A CG1 1 
ATOM   557  C  CG2 . VAL A 1 66 ? 14.914  17.389  -5.337  1.00 52.15  ? 63  VAL A CG2 1 
ATOM   558  N  N   . TYR A 1 67 ? 12.162  14.168  -6.902  1.00 52.89  ? 64  TYR A N   1 
ATOM   559  C  CA  . TYR A 1 67 ? 11.169  13.554  -7.788  1.00 58.27  ? 64  TYR A CA  1 
ATOM   560  C  C   . TYR A 1 67 ? 9.804   14.229  -7.725  1.00 53.43  ? 64  TYR A C   1 
ATOM   561  O  O   . TYR A 1 67 ? 9.401   14.744  -6.681  1.00 52.44  ? 64  TYR A O   1 
ATOM   562  C  CB  . TYR A 1 67 ? 10.980  12.087  -7.419  1.00 47.20  ? 64  TYR A CB  1 
ATOM   563  C  CG  . TYR A 1 67 ? 12.221  11.255  -7.530  1.00 53.52  ? 64  TYR A CG  1 
ATOM   564  C  CD1 . TYR A 1 67 ? 13.219  11.322  -6.559  1.00 55.49  ? 64  TYR A CD1 1 
ATOM   565  C  CD2 . TYR A 1 67 ? 12.387  10.379  -8.587  1.00 46.70  ? 64  TYR A CD2 1 
ATOM   566  C  CE1 . TYR A 1 67 ? 14.362  10.542  -6.654  1.00 53.98  ? 64  TYR A CE1 1 
ATOM   567  C  CE2 . TYR A 1 67 ? 13.539  9.601   -8.700  1.00 58.76  ? 64  TYR A CE2 1 
ATOM   568  C  CZ  . TYR A 1 67 ? 14.518  9.682   -7.733  1.00 57.79  ? 64  TYR A CZ  1 
ATOM   569  O  OH  . TYR A 1 67 ? 15.643  8.894   -7.850  1.00 53.37  ? 64  TYR A OH  1 
ATOM   570  N  N   . VAL A 1 68 ? 9.077   14.179  -8.837  1.00 48.52  ? 65  VAL A N   1 
ATOM   571  C  CA  . VAL A 1 68 ? 7.651   14.559  -8.856  1.00 54.34  ? 65  VAL A CA  1 
ATOM   572  C  C   . VAL A 1 68 ? 6.828   13.425  -9.491  1.00 51.39  ? 65  VAL A C   1 
ATOM   573  O  O   . VAL A 1 68 ? 7.362   12.597  -10.229 1.00 58.06  ? 65  VAL A O   1 
ATOM   574  C  CB  . VAL A 1 68 ? 7.412   15.863  -9.653  1.00 60.85  ? 65  VAL A CB  1 
ATOM   575  C  CG1 . VAL A 1 68 ? 8.233   17.009  -9.061  1.00 39.24  ? 65  VAL A CG1 1 
ATOM   576  C  CG2 . VAL A 1 68 ? 7.779   15.657  -11.128 1.00 56.58  ? 65  VAL A CG2 1 
ATOM   577  N  N   . ILE A 1 69 ? 5.532   13.387  -9.216  1.00 48.76  ? 66  ILE A N   1 
ATOM   578  C  CA  . ILE A 1 69 ? 4.692   12.296  -9.709  1.00 47.62  ? 66  ILE A CA  1 
ATOM   579  C  C   . ILE A 1 69 ? 4.325   12.531  -11.158 1.00 55.30  ? 66  ILE A C   1 
ATOM   580  O  O   . ILE A 1 69 ? 4.211   13.673  -11.606 1.00 51.77  ? 66  ILE A O   1 
ATOM   581  C  CB  . ILE A 1 69 ? 3.418   12.113  -8.837  1.00 58.79  ? 66  ILE A CB  1 
ATOM   582  C  CG1 . ILE A 1 69 ? 2.779   10.745  -9.086  1.00 59.03  ? 66  ILE A CG1 1 
ATOM   583  C  CG2 . ILE A 1 69 ? 2.408   13.241  -9.081  1.00 49.80  ? 66  ILE A CG2 1 
ATOM   584  C  CD1 . ILE A 1 69 ? 1.741   10.370  -8.060  1.00 52.10  ? 66  ILE A CD1 1 
ATOM   585  N  N   . THR A 1 70 ? 4.168   11.451  -11.909 1.00 57.63  ? 67  THR A N   1 
ATOM   586  C  CA  . THR A 1 70 ? 3.756   11.588  -13.296 1.00 54.72  ? 67  THR A CA  1 
ATOM   587  C  C   . THR A 1 70 ? 2.262   11.378  -13.443 1.00 58.05  ? 67  THR A C   1 
ATOM   588  O  O   . THR A 1 70 ? 1.566   11.013  -12.491 1.00 56.75  ? 67  THR A O   1 
ATOM   589  C  CB  . THR A 1 70 ? 4.460   10.573  -14.190 1.00 48.59  ? 67  THR A CB  1 
ATOM   590  O  OG1 . THR A 1 70 ? 4.099   9.251   -13.751 1.00 46.31  ? 67  THR A OG1 1 
ATOM   591  C  CG2 . THR A 1 70 ? 5.981   10.767  -14.103 1.00 59.32  ? 67  THR A CG2 1 
ATOM   592  N  N   . GLU A 1 71 ? 1.777   11.609  -14.655 1.00 53.08  ? 68  GLU A N   1 
ATOM   593  C  CA  . GLU A 1 71 ? 0.402   11.301  -15.011 1.00 72.96  ? 68  GLU A CA  1 
ATOM   594  C  C   . GLU A 1 71 ? 0.080   9.831   -14.740 1.00 52.67  ? 68  GLU A C   1 
ATOM   595  O  O   . GLU A 1 71 ? -0.987  9.506   -14.218 1.00 59.09  ? 68  GLU A O   1 
ATOM   596  C  CB  . GLU A 1 71 ? 0.214   11.592  -16.490 1.00 74.02  ? 68  GLU A CB  1 
ATOM   597  C  CG  . GLU A 1 71 ? -1.176  12.023  -16.866 1.00 120.65 ? 68  GLU A CG  1 
ATOM   598  C  CD  . GLU A 1 71 ? -1.146  13.152  -17.880 1.00 163.85 ? 68  GLU A CD  1 
ATOM   599  O  OE1 . GLU A 1 71 ? -1.551  12.921  -19.042 1.00 101.60 ? 68  GLU A OE1 1 
ATOM   600  O  OE2 . GLU A 1 71 ? -0.693  14.263  -17.516 1.00 127.13 ? 68  GLU A OE2 1 
ATOM   601  N  N   A GLU A 1 72 ? 1.006   8.952   -15.115 0.50 49.93  ? 69  GLU A N   1 
ATOM   602  N  N   B GLU A 1 72 ? 0.994   8.941   -15.124 0.50 49.93  ? 69  GLU A N   1 
ATOM   603  C  CA  A GLU A 1 72 ? 0.846   7.519   -14.888 0.50 51.10  ? 69  GLU A CA  1 
ATOM   604  C  CA  B GLU A 1 72 ? 0.819   7.511   -14.867 0.50 51.10  ? 69  GLU A CA  1 
ATOM   605  C  C   A GLU A 1 72 ? 0.838   7.174   -13.395 0.50 51.15  ? 69  GLU A C   1 
ATOM   606  C  C   B GLU A 1 72 ? 0.756   7.236   -13.369 0.50 51.22  ? 69  GLU A C   1 
ATOM   607  O  O   A GLU A 1 72 ? 0.151   6.246   -12.968 0.50 52.93  ? 69  GLU A O   1 
ATOM   608  O  O   B GLU A 1 72 ? -0.039  6.415   -12.911 0.50 52.11  ? 69  GLU A O   1 
ATOM   609  C  CB  A GLU A 1 72 ? 1.926   6.729   -15.638 0.50 58.18  ? 69  GLU A CB  1 
ATOM   610  C  CB  B GLU A 1 72 ? 1.940   6.687   -15.509 0.50 57.78  ? 69  GLU A CB  1 
ATOM   611  C  CG  A GLU A 1 72 ? 3.149   7.551   -16.035 0.50 63.21  ? 69  GLU A CG  1 
ATOM   612  C  CG  B GLU A 1 72 ? 1.680   6.299   -16.964 0.50 50.93  ? 69  GLU A CG  1 
ATOM   613  C  CD  A GLU A 1 72 ? 2.912   8.455   -17.241 0.50 52.38  ? 69  GLU A CD  1 
ATOM   614  C  CD  B GLU A 1 72 ? 2.889   5.665   -17.616 0.50 71.42  ? 69  GLU A CD  1 
ATOM   615  O  OE1 A GLU A 1 72 ? 3.394   9.610   -17.223 0.50 54.87  ? 69  GLU A OE1 1 
ATOM   616  O  OE1 B GLU A 1 72 ? 3.045   5.819   -18.850 0.50 63.89  ? 69  GLU A OE1 1 
ATOM   617  O  OE2 A GLU A 1 72 ? 2.251   8.011   -18.207 0.50 67.60  ? 69  GLU A OE2 1 
ATOM   618  O  OE2 B GLU A 1 72 ? 3.681   5.017   -16.892 0.50 46.60  ? 69  GLU A OE2 1 
ATOM   619  N  N   . GLY A 1 73 ? 1.588   7.935   -12.605 1.00 49.67  ? 70  GLY A N   1 
ATOM   620  C  CA  . GLY A 1 73 ? 1.593   7.763   -11.166 1.00 52.71  ? 70  GLY A CA  1 
ATOM   621  C  C   . GLY A 1 73 ? 0.243   8.140   -10.572 1.00 51.41  ? 70  GLY A C   1 
ATOM   622  O  O   . GLY A 1 73 ? -0.293  7.426   -9.718  1.00 48.08  ? 70  GLY A O   1 
ATOM   623  N  N   . GLU A 1 74 ? -0.293  9.276   -11.019 1.00 60.45  ? 71  GLU A N   1 
ATOM   624  C  CA  . GLU A 1 74 ? -1.621  9.745   -10.623 1.00 53.39  ? 71  GLU A CA  1 
ATOM   625  C  C   . GLU A 1 74 ? -2.670  8.724   -11.007 1.00 44.33  ? 71  GLU A C   1 
ATOM   626  O  O   . GLU A 1 74 ? -3.497  8.318   -10.193 1.00 54.60  ? 71  GLU A O   1 
ATOM   627  C  CB  . GLU A 1 74 ? -1.958  11.037  -11.348 1.00 60.92  ? 71  GLU A CB  1 
ATOM   628  C  CG  . GLU A 1 74 ? -2.559  12.066  -10.466 1.00 96.94  ? 71  GLU A CG  1 
ATOM   629  C  CD  . GLU A 1 74 ? -1.500  12.702  -9.627  1.00 89.02  ? 71  GLU A CD  1 
ATOM   630  O  OE1 . GLU A 1 74 ? -0.343  12.731  -10.088 1.00 107.27 ? 71  GLU A OE1 1 
ATOM   631  O  OE2 . GLU A 1 74 ? -1.809  13.165  -8.516  1.00 87.54  ? 71  GLU A OE2 1 
ATOM   632  N  N   . ALA A 1 75 ? -2.643  8.313   -12.274 1.00 51.37  ? 72  ALA A N   1 
ATOM   633  C  CA  . ALA A 1 75 ? -3.577  7.310   -12.747 1.00 50.55  ? 72  ALA A CA  1 
ATOM   634  C  C   . ALA A 1 75 ? -3.482  6.049   -11.876 1.00 60.52  ? 72  ALA A C   1 
ATOM   635  O  O   . ALA A 1 75 ? -4.501  5.505   -11.464 1.00 52.34  ? 72  ALA A O   1 
ATOM   636  C  CB  . ALA A 1 75 ? -3.300  6.984   -14.196 1.00 44.59  ? 72  ALA A CB  1 
ATOM   637  N  N   . TYR A 1 76 ? -2.258  5.600   -11.577 1.00 54.48  ? 73  TYR A N   1 
ATOM   638  C  CA  . TYR A 1 76 ? -2.079  4.434   -10.710 1.00 42.07  ? 73  TYR A CA  1 
ATOM   639  C  C   . TYR A 1 76 ? -2.803  4.599   -9.364  1.00 42.32  ? 73  TYR A C   1 
ATOM   640  O  O   . TYR A 1 76 ? -3.613  3.751   -8.974  1.00 46.97  ? 73  TYR A O   1 
ATOM   641  C  CB  . TYR A 1 76 ? -0.595  4.111   -10.465 1.00 50.62  ? 73  TYR A CB  1 
ATOM   642  C  CG  . TYR A 1 76 ? -0.453  3.172   -9.313  1.00 35.84  ? 73  TYR A CG  1 
ATOM   643  C  CD1 . TYR A 1 76 ? -0.806  1.822   -9.443  1.00 41.94  ? 73  TYR A CD1 1 
ATOM   644  C  CD2 . TYR A 1 76 ? -0.051  3.636   -8.058  1.00 40.08  ? 73  TYR A CD2 1 
ATOM   645  C  CE1 . TYR A 1 76 ? -0.708  0.949   -8.360  1.00 49.54  ? 73  TYR A CE1 1 
ATOM   646  C  CE2 . TYR A 1 76 ? 0.051   2.774   -6.971  1.00 45.30  ? 73  TYR A CE2 1 
ATOM   647  C  CZ  . TYR A 1 76 ? -0.264  1.435   -7.136  1.00 42.42  ? 73  TYR A CZ  1 
ATOM   648  O  OH  . TYR A 1 76 ? -0.211  0.609   -6.043  1.00 41.04  ? 73  TYR A OH  1 
ATOM   649  N  N   . LEU A 1 77 ? -2.507  5.678   -8.647  1.00 41.28  ? 74  LEU A N   1 
ATOM   650  C  CA  . LEU A 1 77 ? -3.212  5.951   -7.393  1.00 48.89  ? 74  LEU A CA  1 
ATOM   651  C  C   . LEU A 1 77 ? -4.735  5.980   -7.556  1.00 70.51  ? 74  LEU A C   1 
ATOM   652  O  O   . LEU A 1 77 ? -5.470  5.633   -6.625  1.00 57.58  ? 74  LEU A O   1 
ATOM   653  C  CB  . LEU A 1 77 ? -2.760  7.264   -6.770  1.00 46.92  ? 74  LEU A CB  1 
ATOM   654  C  CG  . LEU A 1 77 ? -1.298  7.398   -6.378  1.00 55.38  ? 74  LEU A CG  1 
ATOM   655  C  CD1 . LEU A 1 77 ? -1.054  8.835   -5.914  1.00 45.71  ? 74  LEU A CD1 1 
ATOM   656  C  CD2 . LEU A 1 77 ? -0.898  6.377   -5.294  1.00 45.81  ? 74  LEU A CD2 1 
ATOM   657  N  N   . ASN A 1 78 ? -5.216  6.385   -8.730  1.00 49.71  ? 75  ASN A N   1 
ATOM   658  C  CA  . ASN A 1 78 ? -6.663  6.421   -8.940  1.00 55.24  ? 75  ASN A CA  1 
ATOM   659  C  C   . ASN A 1 78 ? -7.287  5.118   -9.453  1.00 73.89  ? 75  ASN A C   1 
ATOM   660  O  O   . ASN A 1 78 ? -8.492  5.065   -9.692  1.00 57.54  ? 75  ASN A O   1 
ATOM   661  C  CB  . ASN A 1 78 ? -7.032  7.601   -9.840  1.00 59.80  ? 75  ASN A CB  1 
ATOM   662  C  CG  . ASN A 1 78 ? -6.642  8.927   -9.221  1.00 68.36  ? 75  ASN A CG  1 
ATOM   663  O  OD1 . ASN A 1 78 ? -6.699  9.090   -7.997  1.00 62.35  ? 75  ASN A OD1 1 
ATOM   664  N  ND2 . ASN A 1 78 ? -6.228  9.876   -10.054 1.00 62.12  ? 75  ASN A ND2 1 
ATOM   665  N  N   . GLY A 1 79 ? -6.478  4.071   -9.607  1.00 42.47  ? 76  GLY A N   1 
ATOM   666  C  CA  . GLY A 1 79 ? -6.995  2.781   -10.049 1.00 51.00  ? 76  GLY A CA  1 
ATOM   667  C  C   . GLY A 1 79 ? -7.227  2.717   -11.555 1.00 61.86  ? 76  GLY A C   1 
ATOM   668  O  O   . GLY A 1 79 ? -7.985  1.871   -12.052 1.00 60.61  ? 76  GLY A O   1 
ATOM   669  N  N   . GLU A 1 80 ? -6.562  3.608   -12.288 1.00 57.48  ? 77  GLU A N   1 
ATOM   670  C  CA  . GLU A 1 80 ? -6.732  3.697   -13.735 1.00 58.14  ? 77  GLU A CA  1 
ATOM   671  C  C   . GLU A 1 80 ? -5.477  3.274   -14.478 1.00 59.12  ? 77  GLU A C   1 
ATOM   672  O  O   . GLU A 1 80 ? -5.430  3.339   -15.702 1.00 63.17  ? 77  GLU A O   1 
ATOM   673  C  CB  . GLU A 1 80 ? -7.097  5.125   -14.131 1.00 60.26  ? 77  GLU A CB  1 
ATOM   674  C  CG  . GLU A 1 80 ? -8.434  5.592   -13.562 1.00 68.05  ? 77  GLU A CG  1 
ATOM   675  C  CD  . GLU A 1 80 ? -8.464  7.099   -13.333 1.00 123.56 ? 77  GLU A CD  1 
ATOM   676  O  OE1 . GLU A 1 80 ? -7.630  7.810   -13.936 1.00 79.77  ? 77  GLU A OE1 1 
ATOM   677  O  OE2 . GLU A 1 80 ? -9.316  7.576   -12.551 1.00 124.76 ? 77  GLU A OE2 1 
ATOM   678  N  N   . TYR A 1 81 ? -4.458  2.852   -13.738 1.00 52.26  ? 78  TYR A N   1 
ATOM   679  C  CA  . TYR A 1 81 ? -3.219  2.404   -14.359 1.00 42.67  ? 78  TYR A CA  1 
ATOM   680  C  C   . TYR A 1 81 ? -2.732  1.081   -13.743 1.00 46.31  ? 78  TYR A C   1 
ATOM   681  O  O   . TYR A 1 81 ? -2.648  0.933   -12.526 1.00 47.56  ? 78  TYR A O   1 
ATOM   682  C  CB  . TYR A 1 81 ? -2.148  3.503   -14.308 1.00 40.17  ? 78  TYR A CB  1 
ATOM   683  C  CG  . TYR A 1 81 ? -0.902  3.143   -15.114 1.00 69.61  ? 78  TYR A CG  1 
ATOM   684  C  CD1 . TYR A 1 81 ? -0.838  3.387   -16.485 1.00 50.09  ? 78  TYR A CD1 1 
ATOM   685  C  CD2 . TYR A 1 81 ? 0.199   2.523   -14.506 1.00 45.26  ? 78  TYR A CD2 1 
ATOM   686  C  CE1 . TYR A 1 81 ? 0.293   3.039   -17.228 1.00 64.09  ? 78  TYR A CE1 1 
ATOM   687  C  CE2 . TYR A 1 81 ? 1.328   2.177   -15.231 1.00 58.95  ? 78  TYR A CE2 1 
ATOM   688  C  CZ  . TYR A 1 81 ? 1.367   2.427   -16.590 1.00 57.25  ? 78  TYR A CZ  1 
ATOM   689  O  OH  . TYR A 1 81 ? 2.489   2.068   -17.288 1.00 55.70  ? 78  TYR A OH  1 
ATOM   690  N  N   . ASP A 1 82 ? -2.446  0.107   -14.588 1.00 39.77  ? 79  ASP A N   1 
ATOM   691  C  CA  . ASP A 1 82 ? -1.991  -1.204  -14.112 1.00 51.07  ? 79  ASP A CA  1 
ATOM   692  C  C   . ASP A 1 82 ? -0.456  -1.212  -13.987 1.00 53.28  ? 79  ASP A C   1 
ATOM   693  O  O   . ASP A 1 82 ? 0.259   -1.313  -14.989 1.00 47.11  ? 79  ASP A O   1 
ATOM   694  C  CB  . ASP A 1 82 ? -2.462  -2.315  -15.071 1.00 49.16  ? 79  ASP A CB  1 
ATOM   695  C  CG  . ASP A 1 82 ? -2.097  -3.713  -14.574 1.00 58.48  ? 79  ASP A CG  1 
ATOM   696  O  OD1 . ASP A 1 82 ? -2.831  -4.665  -14.889 1.00 63.10  ? 79  ASP A OD1 1 
ATOM   697  O  OD2 . ASP A 1 82 ? -1.073  -3.861  -13.860 1.00 50.58  ? 79  ASP A OD2 1 
ATOM   698  N  N   . ALA A 1 83 ? 0.043   -1.097  -12.758 1.00 43.98  ? 80  ALA A N   1 
ATOM   699  C  CA  . ALA A 1 83 ? 1.487   -0.981  -12.507 1.00 53.62  ? 80  ALA A CA  1 
ATOM   700  C  C   . ALA A 1 83 ? 2.294   -2.287  -12.761 1.00 41.09  ? 80  ALA A C   1 
ATOM   701  O  O   . ALA A 1 83 ? 3.536   -2.271  -12.776 1.00 56.14  ? 80  ALA A O   1 
ATOM   702  C  CB  . ALA A 1 83 ? 1.726   -0.472  -11.080 1.00 47.64  ? 80  ALA A CB  1 
ATOM   703  N  N   . GLY A 1 84 ? 1.580   -3.400  -12.932 1.00 41.80  ? 81  GLY A N   1 
ATOM   704  C  CA  . GLY A 1 84 ? 2.159   -4.707  -13.222 1.00 63.60  ? 81  GLY A CA  1 
ATOM   705  C  C   . GLY A 1 84 ? 2.308   -4.972  -14.714 1.00 60.18  ? 81  GLY A C   1 
ATOM   706  O  O   . GLY A 1 84 ? 3.407   -5.276  -15.181 1.00 64.39  ? 81  GLY A O   1 
ATOM   707  N  N   . LYS A 1 85 ? 1.220   -4.864  -15.472 1.00 56.10  ? 82  LYS A N   1 
ATOM   708  C  CA  . LYS A 1 85 ? 1.320   -5.006  -16.945 1.00 49.85  ? 82  LYS A CA  1 
ATOM   709  C  C   . LYS A 1 85 ? 1.818   -3.697  -17.564 1.00 43.56  ? 82  LYS A C   1 
ATOM   710  O  O   . LYS A 1 85 ? 2.223   -3.649  -18.733 1.00 60.11  ? 82  LYS A O   1 
ATOM   711  C  CB  . LYS A 1 85 ? -0.026  -5.432  -17.558 1.00 45.70  ? 82  LYS A CB  1 
ATOM   712  C  CG  . LYS A 1 85 ? -0.594  -6.712  -16.940 1.00 58.41  ? 82  LYS A CG  1 
ATOM   713  C  CD  . LYS A 1 85 ? -1.730  -7.309  -17.761 1.00 61.18  ? 82  LYS A CD  1 
ATOM   714  C  CE  . LYS A 1 85 ? -2.668  -8.144  -16.894 1.00 78.64  ? 82  LYS A CE  1 
ATOM   715  N  NZ  . LYS A 1 85 ? -1.980  -8.626  -15.657 1.00 91.05  ? 82  LYS A NZ  1 
ATOM   716  N  N   . GLU A 1 86 ? 1.828   -2.640  -16.748 1.00 47.73  ? 83  GLU A N   1 
ATOM   717  C  CA  . GLU A 1 86 ? 2.275   -1.314  -17.187 1.00 48.21  ? 83  GLU A CA  1 
ATOM   718  C  C   . GLU A 1 86 ? 1.403   -0.799  -18.349 1.00 58.09  ? 83  GLU A C   1 
ATOM   719  O  O   . GLU A 1 86 ? 1.868   -0.599  -19.459 1.00 47.52  ? 83  GLU A O   1 
ATOM   720  C  CB  . GLU A 1 86 ? 3.791   -1.315  -17.512 1.00 49.69  ? 83  GLU A CB  1 
ATOM   721  C  CG  . GLU A 1 86 ? 4.605   -1.969  -16.376 1.00 62.83  ? 83  GLU A CG  1 
ATOM   722  C  CD  . GLU A 1 86 ? 6.114   -1.902  -16.550 1.00 68.69  ? 83  GLU A CD  1 
ATOM   723  O  OE1 . GLU A 1 86 ? 6.824   -2.300  -15.595 1.00 66.54  ? 83  GLU A OE1 1 
ATOM   724  O  OE2 . GLU A 1 86 ? 6.591   -1.474  -17.624 1.00 57.25  ? 83  GLU A OE2 1 
ATOM   725  N  N   . ARG A 1 87 ? 0.120   -0.606  -18.077 1.00 53.15  ? 84  ARG A N   1 
ATOM   726  C  CA  . ARG A 1 87 ? -0.771  -0.033  -19.070 1.00 63.49  ? 84  ARG A CA  1 
ATOM   727  C  C   . ARG A 1 87 ? -1.965  0.594   -18.387 1.00 62.74  ? 84  ARG A C   1 
ATOM   728  O  O   . ARG A 1 87 ? -2.360  0.156   -17.302 1.00 60.64  ? 84  ARG A O   1 
ATOM   729  C  CB  . ARG A 1 87 ? -1.260  -1.108  -20.040 1.00 57.72  ? 84  ARG A CB  1 
ATOM   730  C  CG  . ARG A 1 87 ? -1.872  -2.339  -19.384 1.00 71.05  ? 84  ARG A CG  1 
ATOM   731  C  CD  . ARG A 1 87 ? -3.038  -2.884  -20.219 1.00 83.91  ? 84  ARG A CD  1 
ATOM   732  N  NE  . ARG A 1 87 ? -2.986  -4.332  -20.416 1.00 93.58  ? 84  ARG A NE  1 
ATOM   733  C  CZ  . ARG A 1 87 ? -4.058  -5.120  -20.503 1.00 148.40 ? 84  ARG A CZ  1 
ATOM   734  N  NH1 . ARG A 1 87 ? -3.915  -6.431  -20.698 1.00 81.61  ? 84  ARG A NH1 1 
ATOM   735  N  NH2 . ARG A 1 87 ? -5.275  -4.599  -20.380 1.00 114.49 ? 84  ARG A NH2 1 
ATOM   736  N  N   . TYR A 1 88 ? -2.544  1.605   -19.026 1.00 53.14  ? 85  TYR A N   1 
ATOM   737  C  CA  . TYR A 1 88 ? -3.766  2.227   -18.522 1.00 71.13  ? 85  TYR A CA  1 
ATOM   738  C  C   . TYR A 1 88 ? -4.939  1.256   -18.617 1.00 66.62  ? 85  TYR A C   1 
ATOM   739  O  O   . TYR A 1 88 ? -4.920  0.317   -19.434 1.00 61.68  ? 85  TYR A O   1 
ATOM   740  C  CB  . TYR A 1 88 ? -4.092  3.509   -19.294 1.00 60.37  ? 85  TYR A CB  1 
ATOM   741  C  CG  . TYR A 1 88 ? -3.238  4.702   -18.918 1.00 61.79  ? 85  TYR A CG  1 
ATOM   742  C  CD1 . TYR A 1 88 ? -2.050  4.972   -19.590 1.00 69.86  ? 85  TYR A CD1 1 
ATOM   743  C  CD2 . TYR A 1 88 ? -3.625  5.569   -17.900 1.00 59.58  ? 85  TYR A CD2 1 
ATOM   744  C  CE1 . TYR A 1 88 ? -1.264  6.080   -19.254 1.00 55.25  ? 85  TYR A CE1 1 
ATOM   745  C  CE2 . TYR A 1 88 ? -2.847  6.683   -17.562 1.00 64.79  ? 85  TYR A CE2 1 
ATOM   746  C  CZ  . TYR A 1 88 ? -1.670  6.933   -18.237 1.00 68.22  ? 85  TYR A CZ  1 
ATOM   747  O  OH  . TYR A 1 88 ? -0.897  8.036   -17.895 1.00 68.74  ? 85  TYR A OH  1 
ATOM   748  N  N   . ILE A 1 89 ? -5.951  1.485   -17.778 1.00 57.60  ? 86  ILE A N   1 
ATOM   749  C  CA  . ILE A 1 89 ? -7.169  0.675   -17.761 1.00 59.39  ? 86  ILE A CA  1 
ATOM   750  C  C   . ILE A 1 89 ? -8.365  1.539   -18.170 1.00 88.61  ? 86  ILE A C   1 
ATOM   751  O  O   . ILE A 1 89 ? -8.787  1.543   -19.332 1.00 99.16  ? 86  ILE A O   1 
ATOM   752  C  CB  . ILE A 1 89 ? -7.437  0.111   -16.350 1.00 74.25  ? 86  ILE A CB  1 
ATOM   753  C  CG1 . ILE A 1 89 ? -6.172  -0.541  -15.767 1.00 63.85  ? 86  ILE A CG1 1 
ATOM   754  C  CG2 . ILE A 1 89 ? -8.608  -0.869  -16.376 1.00 73.83  ? 86  ILE A CG2 1 
ATOM   755  C  CD1 . ILE A 1 89 ? -6.189  -0.678  -14.229 1.00 55.47  ? 86  ILE A CD1 1 
ATOM   756  N  N   . ASN B 1 2  ? -9.336  9.562   5.931   1.00 89.06  ? -1  ASN B N   1 
ATOM   757  C  CA  . ASN B 1 2  ? -8.904  10.795  5.261   1.00 130.21 ? -1  ASN B CA  1 
ATOM   758  C  C   . ASN B 1 2  ? -7.412  11.074  5.397   1.00 136.77 ? -1  ASN B C   1 
ATOM   759  O  O   . ASN B 1 2  ? -6.764  11.527  4.445   1.00 108.87 ? -1  ASN B O   1 
ATOM   760  C  CB  . ASN B 1 2  ? -9.699  12.002  5.762   1.00 109.13 ? -1  ASN B CB  1 
ATOM   761  C  CG  . ASN B 1 2  ? -11.067 12.100  5.121   1.00 142.56 ? -1  ASN B CG  1 
ATOM   762  O  OD1 . ASN B 1 2  ? -11.294 11.568  4.034   1.00 138.86 ? -1  ASN B OD1 1 
ATOM   763  N  ND2 . ASN B 1 2  ? -11.990 12.780  5.791   1.00 133.20 ? -1  ASN B ND2 1 
ATOM   764  N  N   . ALA B 1 3  ? -6.878  10.823  6.591   1.00 116.50 ? 0   ALA B N   1 
ATOM   765  C  CA  . ALA B 1 3  ? -5.443  10.932  6.828   1.00 79.81  ? 0   ALA B CA  1 
ATOM   766  C  C   . ALA B 1 3  ? -4.726  9.765   6.148   1.00 76.85  ? 0   ALA B C   1 
ATOM   767  O  O   . ALA B 1 3  ? -5.344  8.748   5.805   1.00 84.95  ? 0   ALA B O   1 
ATOM   768  C  CB  . ALA B 1 3  ? -5.135  10.959  8.336   1.00 69.23  ? 0   ALA B CB  1 
HETATM 769  N  N   . MSE B 1 4  ? -3.425  9.922   5.943   1.00 58.14  ? 1   MSE B N   1 
HETATM 770  C  CA  . MSE B 1 4  ? -2.616  8.885   5.313   1.00 81.74  ? 1   MSE B CA  1 
HETATM 771  C  C   . MSE B 1 4  ? -2.419  7.656   6.207   1.00 57.24  ? 1   MSE B C   1 
HETATM 772  O  O   . MSE B 1 4  ? -2.222  7.778   7.419   1.00 49.30  ? 1   MSE B O   1 
HETATM 773  C  CB  . MSE B 1 4  ? -1.255  9.460   4.966   1.00 63.29  ? 1   MSE B CB  1 
HETATM 774  C  CG  . MSE B 1 4  ? -0.322  8.463   4.372   1.00 104.21 ? 1   MSE B CG  1 
HETATM 775  SE SE  . MSE B 1 4  ? 1.061   9.509   3.596   0.55 73.10  ? 1   MSE B SE  1 
HETATM 776  C  CE  . MSE B 1 4  ? -0.065  10.827  2.706   1.00 62.95  ? 1   MSE B CE  1 
ATOM   777  N  N   . ARG B 1 5  ? -2.456  6.474   5.606   1.00 48.71  ? 2   ARG B N   1 
ATOM   778  C  CA  . ARG B 1 5  ? -2.201  5.226   6.339   1.00 45.11  ? 2   ARG B CA  1 
ATOM   779  C  C   . ARG B 1 5  ? -0.834  5.189   7.031   1.00 45.33  ? 2   ARG B C   1 
ATOM   780  O  O   . ARG B 1 5  ? 0.181   5.615   6.461   1.00 45.82  ? 2   ARG B O   1 
ATOM   781  C  CB  . ARG B 1 5  ? -2.337  4.030   5.395   1.00 42.81  ? 2   ARG B CB  1 
ATOM   782  C  CG  . ARG B 1 5  ? -3.777  3.756   5.068   1.00 47.16  ? 2   ARG B CG  1 
ATOM   783  C  CD  . ARG B 1 5  ? -3.899  2.726   4.000   1.00 51.13  ? 2   ARG B CD  1 
ATOM   784  N  NE  . ARG B 1 5  ? -5.227  2.775   3.413   1.00 51.45  ? 2   ARG B NE  1 
ATOM   785  C  CZ  . ARG B 1 5  ? -5.596  2.032   2.379   1.00 72.72  ? 2   ARG B CZ  1 
ATOM   786  N  NH1 . ARG B 1 5  ? -4.740  1.172   1.826   1.00 42.30  ? 2   ARG B NH1 1 
ATOM   787  N  NH2 . ARG B 1 5  ? -6.822  2.142   1.902   1.00 42.73  ? 2   ARG B NH2 1 
ATOM   788  N  N   . GLN B 1 6  ? -0.824  4.700   8.271   1.00 43.97  ? 3   GLN B N   1 
ATOM   789  C  CA  . GLN B 1 6  ? 0.412   4.509   9.023   1.00 49.49  ? 3   GLN B CA  1 
ATOM   790  C  C   . GLN B 1 6  ? 0.741   3.027   8.968   1.00 39.63  ? 3   GLN B C   1 
ATOM   791  O  O   . GLN B 1 6  ? 0.316   2.282   9.853   1.00 43.43  ? 3   GLN B O   1 
ATOM   792  C  CB  . GLN B 1 6  ? 0.197   4.871   10.500  1.00 44.62  ? 3   GLN B CB  1 
ATOM   793  C  CG  . GLN B 1 6  ? 0.685   6.206   10.912  1.00 65.80  ? 3   GLN B CG  1 
ATOM   794  C  CD  . GLN B 1 6  ? 2.147   6.414   10.602  1.00 66.08  ? 3   GLN B CD  1 
ATOM   795  O  OE1 . GLN B 1 6  ? 2.523   7.511   10.251  1.00 65.08  ? 3   GLN B OE1 1 
ATOM   796  N  NE2 . GLN B 1 6  ? 2.980   5.359   10.720  1.00 57.73  ? 3   GLN B NE2 1 
ATOM   797  N  N   . SER B 1 7  ? 1.478   2.594   7.950   1.00 44.76  ? 4   SER B N   1 
ATOM   798  C  CA  . SER B 1 7  ? 1.756   1.159   7.774   1.00 49.27  ? 4   SER B CA  1 
ATOM   799  C  C   . SER B 1 7  ? 2.823   0.641   8.738   1.00 53.39  ? 4   SER B C   1 
ATOM   800  O  O   . SER B 1 7  ? 3.613   1.409   9.276   1.00 45.26  ? 4   SER B O   1 
ATOM   801  C  CB  . SER B 1 7  ? 2.217   0.870   6.346   1.00 45.05  ? 4   SER B CB  1 
ATOM   802  O  OG  . SER B 1 7  ? 1.175   1.077   5.412   1.00 47.18  ? 4   SER B OG  1 
ATOM   803  N  N   . GLY B 1 8  ? 2.830   -0.668  8.940   1.00 54.01  ? 5   GLY B N   1 
ATOM   804  C  CA  . GLY B 1 8  ? 3.829   -1.329  9.756   1.00 62.90  ? 5   GLY B CA  1 
ATOM   805  C  C   . GLY B 1 8  ? 4.923   -1.923  8.887   1.00 45.01  ? 5   GLY B C   1 
ATOM   806  O  O   . GLY B 1 8  ? 4.702   -2.236  7.716   1.00 45.82  ? 5   GLY B O   1 
ATOM   807  N  N   . SER B 1 9  ? 6.110   -2.077  9.466   1.00 51.73  ? 6   SER B N   1 
ATOM   808  C  CA  . SER B 1 9  ? 7.284   -2.532  8.721   1.00 44.79  ? 6   SER B CA  1 
ATOM   809  C  C   . SER B 1 9  ? 7.154   -3.983  8.253   1.00 47.08  ? 6   SER B C   1 
ATOM   810  O  O   . SER B 1 9  ? 7.876   -4.421  7.359   1.00 43.78  ? 6   SER B O   1 
ATOM   811  C  CB  . SER B 1 9  ? 8.579   -2.307  9.542   1.00 55.11  ? 6   SER B CB  1 
ATOM   812  O  OG  . SER B 1 9  ? 8.568   -3.006  10.780  1.00 79.20  ? 6   SER B OG  1 
ATOM   813  N  N   . TRP B 1 10 ? 6.222   -4.720  8.854   1.00 49.16  ? 7   TRP B N   1 
ATOM   814  C  CA  . TRP B 1 10 ? 5.968   -6.113  8.494   1.00 51.83  ? 7   TRP B CA  1 
ATOM   815  C  C   . TRP B 1 10 ? 4.974   -6.265  7.329   1.00 46.01  ? 7   TRP B C   1 
ATOM   816  O  O   . TRP B 1 10 ? 4.683   -7.377  6.914   1.00 55.56  ? 7   TRP B O   1 
ATOM   817  C  CB  . TRP B 1 10 ? 5.393   -6.851  9.694   1.00 43.67  ? 7   TRP B CB  1 
ATOM   818  C  CG  . TRP B 1 10 ? 4.176   -6.163  10.234  1.00 51.82  ? 7   TRP B CG  1 
ATOM   819  C  CD1 . TRP B 1 10 ? 4.140   -5.178  11.180  1.00 44.45  ? 7   TRP B CD1 1 
ATOM   820  C  CD2 . TRP B 1 10 ? 2.820   -6.392  9.838   1.00 40.53  ? 7   TRP B CD2 1 
ATOM   821  N  NE1 . TRP B 1 10 ? 2.843   -4.767  11.385  1.00 50.83  ? 7   TRP B NE1 1 
ATOM   822  C  CE2 . TRP B 1 10 ? 2.012   -5.501  10.581  1.00 54.39  ? 7   TRP B CE2 1 
ATOM   823  C  CE3 . TRP B 1 10 ? 2.201   -7.271  8.921   1.00 39.07  ? 7   TRP B CE3 1 
ATOM   824  C  CZ2 . TRP B 1 10 ? 0.616   -5.461  10.449  1.00 45.08  ? 7   TRP B CZ2 1 
ATOM   825  C  CZ3 . TRP B 1 10 ? 0.799   -7.227  8.789   1.00 43.86  ? 7   TRP B CZ3 1 
ATOM   826  C  CH2 . TRP B 1 10 ? 0.029   -6.321  9.543   1.00 46.75  ? 7   TRP B CH2 1 
HETATM 827  N  N   . MSE B 1 11 ? 4.450   -5.160  6.809   1.00 56.89  ? 8   MSE B N   1 
HETATM 828  C  CA  . MSE B 1 11 ? 3.401   -5.261  5.798   1.00 55.12  ? 8   MSE B CA  1 
HETATM 829  C  C   . MSE B 1 11 ? 3.957   -5.341  4.391   1.00 47.02  ? 8   MSE B C   1 
HETATM 830  O  O   . MSE B 1 11 ? 5.073   -4.905  4.124   1.00 53.89  ? 8   MSE B O   1 
HETATM 831  C  CB  . MSE B 1 11 ? 2.397   -4.105  5.904   1.00 49.04  ? 8   MSE B CB  1 
HETATM 832  C  CG  . MSE B 1 11 ? 1.626   -4.063  7.196   1.00 68.28  ? 8   MSE B CG  1 
HETATM 833  SE SE  . MSE B 1 11 ? 0.379   -2.565  7.184   0.62 43.32  ? 8   MSE B SE  1 
HETATM 834  C  CE  . MSE B 1 11 ? -0.890  -3.293  5.984   1.00 58.99  ? 8   MSE B CE  1 
ATOM   835  N  N   . THR B 1 12 ? 3.160   -5.922  3.498   1.00 43.84  ? 9   THR B N   1 
ATOM   836  C  CA  . THR B 1 12 ? 3.434   -5.924  2.074   1.00 49.14  ? 9   THR B CA  1 
ATOM   837  C  C   . THR B 1 12 ? 2.321   -5.149  1.403   1.00 48.68  ? 9   THR B C   1 
ATOM   838  O  O   . THR B 1 12 ? 1.306   -4.820  2.012   1.00 50.08  ? 9   THR B O   1 
ATOM   839  C  CB  . THR B 1 12 ? 3.405   -7.356  1.491   1.00 46.61  ? 9   THR B CB  1 
ATOM   840  O  OG1 . THR B 1 12 ? 2.071   -7.885  1.582   1.00 54.68  ? 9   THR B OG1 1 
ATOM   841  C  CG2 . THR B 1 12 ? 4.365   -8.262  2.267   1.00 55.96  ? 9   THR B CG2 1 
ATOM   842  N  N   . ILE B 1 13 ? 2.473   -4.884  0.129   1.00 45.41  ? 10  ILE B N   1 
ATOM   843  C  CA  . ILE B 1 13 ? 1.470   -4.065  -0.530  1.00 43.07  ? 10  ILE B CA  1 
ATOM   844  C  C   . ILE B 1 13 ? 0.153   -4.835  -0.645  1.00 52.73  ? 10  ILE B C   1 
ATOM   845  O  O   . ILE B 1 13 ? -0.921  -4.233  -0.682  1.00 46.92  ? 10  ILE B O   1 
ATOM   846  C  CB  . ILE B 1 13 ? 1.986   -3.538  -1.893  1.00 55.02  ? 10  ILE B CB  1 
ATOM   847  C  CG1 . ILE B 1 13 ? 1.054   -2.448  -2.423  1.00 44.29  ? 10  ILE B CG1 1 
ATOM   848  C  CG2 . ILE B 1 13 ? 2.162   -4.682  -2.862  1.00 46.85  ? 10  ILE B CG2 1 
ATOM   849  C  CD1 . ILE B 1 13 ? 1.634   -1.610  -3.470  1.00 42.20  ? 10  ILE B CD1 1 
ATOM   850  N  N   . TRP B 1 14 ? 0.244   -6.170  -0.651  1.00 39.59  ? 11  TRP B N   1 
ATOM   851  C  CA  . TRP B 1 14 ? -0.913  -7.027  -0.854  1.00 40.48  ? 11  TRP B CA  1 
ATOM   852  C  C   . TRP B 1 14 ? -1.792  -7.033  0.375   1.00 45.62  ? 11  TRP B C   1 
ATOM   853  O  O   . TRP B 1 14 ? -2.993  -7.270  0.289   1.00 47.77  ? 11  TRP B O   1 
ATOM   854  C  CB  . TRP B 1 14 ? -0.483  -8.445  -1.286  1.00 44.08  ? 11  TRP B CB  1 
ATOM   855  C  CG  . TRP B 1 14 ? 0.424   -8.334  -2.486  1.00 52.32  ? 11  TRP B CG  1 
ATOM   856  C  CD1 . TRP B 1 14 ? 1.771   -8.572  -2.524  1.00 45.34  ? 11  TRP B CD1 1 
ATOM   857  C  CD2 . TRP B 1 14 ? 0.064   -7.840  -3.794  1.00 44.73  ? 11  TRP B CD2 1 
ATOM   858  N  NE1 . TRP B 1 14 ? 2.261   -8.281  -3.787  1.00 47.81  ? 11  TRP B NE1 1 
ATOM   859  C  CE2 . TRP B 1 14 ? 1.233   -7.840  -4.581  1.00 51.11  ? 11  TRP B CE2 1 
ATOM   860  C  CE3 . TRP B 1 14 ? -1.137  -7.434  -4.379  1.00 44.97  ? 11  TRP B CE3 1 
ATOM   861  C  CZ2 . TRP B 1 14 ? 1.236   -7.440  -5.925  1.00 43.40  ? 11  TRP B CZ2 1 
ATOM   862  C  CZ3 . TRP B 1 14 ? -1.127  -7.026  -5.706  1.00 41.72  ? 11  TRP B CZ3 1 
ATOM   863  C  CH2 . TRP B 1 14 ? 0.052   -7.036  -6.461  1.00 60.94  ? 11  TRP B CH2 1 
ATOM   864  N  N   . ASP B 1 15 ? -1.185  -6.745  1.515   1.00 39.90  ? 12  ASP B N   1 
ATOM   865  C  CA  . ASP B 1 15 ? -1.933  -6.489  2.736   1.00 42.71  ? 12  ASP B CA  1 
ATOM   866  C  C   . ASP B 1 15 ? -3.005  -5.395  2.579   1.00 42.87  ? 12  ASP B C   1 
ATOM   867  O  O   . ASP B 1 15 ? -4.133  -5.581  3.043   1.00 45.42  ? 12  ASP B O   1 
ATOM   868  C  CB  . ASP B 1 15 ? -0.974  -6.140  3.880   1.00 46.62  ? 12  ASP B CB  1 
ATOM   869  C  CG  . ASP B 1 15 ? -0.107  -7.324  4.281   1.00 49.43  ? 12  ASP B CG  1 
ATOM   870  O  OD1 . ASP B 1 15 ? -0.489  -8.475  3.954   1.00 52.70  ? 12  ASP B OD1 1 
ATOM   871  O  OD2 . ASP B 1 15 ? 0.959   -7.105  4.894   1.00 55.79  ? 12  ASP B OD2 1 
ATOM   872  N  N   . ASP B 1 16 ? -2.651  -4.270  1.954   1.00 42.06  ? 13  ASP B N   1 
ATOM   873  C  CA  . ASP B 1 16 ? -3.594  -3.163  1.792   1.00 55.48  ? 13  ASP B CA  1 
ATOM   874  C  C   . ASP B 1 16 ? -4.687  -3.619  0.846   1.00 53.89  ? 13  ASP B C   1 
ATOM   875  O  O   . ASP B 1 16 ? -5.875  -3.367  1.084   1.00 40.40  ? 13  ASP B O   1 
ATOM   876  C  CB  . ASP B 1 16 ? -2.914  -1.894  1.232   1.00 46.61  ? 13  ASP B CB  1 
ATOM   877  C  CG  . ASP B 1 16 ? -2.352  -0.981  2.330   1.00 50.84  ? 13  ASP B CG  1 
ATOM   878  O  OD1 . ASP B 1 16 ? -2.212  -1.416  3.490   1.00 49.57  ? 13  ASP B OD1 1 
ATOM   879  O  OD2 . ASP B 1 16 ? -2.016  0.175   2.030   1.00 47.05  ? 13  ASP B OD2 1 
ATOM   880  N  N   . ARG B 1 17 ? -4.281  -4.318  -0.210  1.00 40.13  ? 14  ARG B N   1 
ATOM   881  C  CA  . ARG B 1 17 ? -5.239  -4.832  -1.184  1.00 47.05  ? 14  ARG B CA  1 
ATOM   882  C  C   . ARG B 1 17 ? -6.205  -5.789  -0.526  1.00 48.51  ? 14  ARG B C   1 
ATOM   883  O  O   . ARG B 1 17 ? -7.420  -5.655  -0.666  1.00 54.50  ? 14  ARG B O   1 
ATOM   884  C  CB  . ARG B 1 17 ? -4.540  -5.529  -2.351  1.00 48.94  ? 14  ARG B CB  1 
ATOM   885  C  CG  . ARG B 1 17 ? -3.652  -4.614  -3.151  1.00 60.07  ? 14  ARG B CG  1 
ATOM   886  C  CD  . ARG B 1 17 ? -4.405  -3.395  -3.665  1.00 50.65  ? 14  ARG B CD  1 
ATOM   887  N  NE  . ARG B 1 17 ? -3.405  -2.412  -4.004  1.00 60.70  ? 14  ARG B NE  1 
ATOM   888  C  CZ  . ARG B 1 17 ? -3.165  -1.318  -3.299  1.00 49.83  ? 14  ARG B CZ  1 
ATOM   889  N  NH1 . ARG B 1 17 ? -3.912  -1.003  -2.257  1.00 50.25  ? 14  ARG B NH1 1 
ATOM   890  N  NH2 . ARG B 1 17 ? -2.185  -0.523  -3.670  1.00 52.64  ? 14  ARG B NH2 1 
ATOM   891  N  N   . ILE B 1 18 ? -5.675  -6.748  0.222   1.00 52.19  ? 15  ILE B N   1 
ATOM   892  C  CA  . ILE B 1 18 ? -6.558  -7.684  0.893   1.00 46.94  ? 15  ILE B CA  1 
ATOM   893  C  C   . ILE B 1 18 ? -7.491  -6.944  1.839   1.00 60.32  ? 15  ILE B C   1 
ATOM   894  O  O   . ILE B 1 18 ? -8.684  -7.206  1.847   1.00 48.29  ? 15  ILE B O   1 
ATOM   895  C  CB  . ILE B 1 18 ? -5.779  -8.736  1.655   1.00 46.81  ? 15  ILE B CB  1 
ATOM   896  C  CG1 . ILE B 1 18 ? -5.017  -9.616  0.661   1.00 50.32  ? 15  ILE B CG1 1 
ATOM   897  C  CG2 . ILE B 1 18 ? -6.718  -9.524  2.553   1.00 44.54  ? 15  ILE B CG2 1 
ATOM   898  C  CD1 . ILE B 1 18 ? -3.924  -10.372 1.281   1.00 47.00  ? 15  ILE B CD1 1 
ATOM   899  N  N   . LEU B 1 19 ? -6.960  -6.018  2.637   1.00 47.90  ? 16  LEU B N   1 
ATOM   900  C  CA  . LEU B 1 19 ? -7.835  -5.291  3.557   1.00 50.34  ? 16  LEU B CA  1 
ATOM   901  C  C   . LEU B 1 19 ? -8.938  -4.536  2.809   1.00 42.66  ? 16  LEU B C   1 
ATOM   902  O  O   . LEU B 1 19 ? -10.092 -4.549  3.219   1.00 44.33  ? 16  LEU B O   1 
ATOM   903  C  CB  . LEU B 1 19 ? -7.048  -4.337  4.455   1.00 47.46  ? 16  LEU B CB  1 
ATOM   904  C  CG  . LEU B 1 19 ? -6.311  -5.014  5.600   1.00 49.37  ? 16  LEU B CG  1 
ATOM   905  C  CD1 . LEU B 1 19 ? -5.337  -4.041  6.204   1.00 59.31  ? 16  LEU B CD1 1 
ATOM   906  C  CD2 . LEU B 1 19 ? -7.297  -5.562  6.661   1.00 39.57  ? 16  LEU B CD2 1 
ATOM   907  N  N   . GLU B 1 20 ? -8.572  -3.900  1.701   1.00 43.71  ? 17  GLU B N   1 
ATOM   908  C  CA  . GLU B 1 20 ? -9.505  -3.109  0.894   1.00 52.64  ? 17  GLU B CA  1 
ATOM   909  C  C   . GLU B 1 20 ? -10.604 -3.992  0.305   1.00 47.59  ? 17  GLU B C   1 
ATOM   910  O  O   . GLU B 1 20 ? -11.773 -3.610  0.259   1.00 57.38  ? 17  GLU B O   1 
ATOM   911  C  CB  . GLU B 1 20 ? -8.757  -2.361  -0.223  1.00 50.05  ? 17  GLU B CB  1 
ATOM   912  C  CG  . GLU B 1 20 ? -7.889  -1.217  0.319   1.00 45.81  ? 17  GLU B CG  1 
ATOM   913  C  CD  . GLU B 1 20 ? -6.813  -0.744  -0.654  1.00 60.50  ? 17  GLU B CD  1 
ATOM   914  O  OE1 . GLU B 1 20 ? -6.138  0.248   -0.315  1.00 57.35  ? 17  GLU B OE1 1 
ATOM   915  O  OE2 . GLU B 1 20 ? -6.632  -1.344  -1.745  1.00 51.54  ? 17  GLU B OE2 1 
ATOM   916  N  N   . ILE B 1 21 ? -10.228 -5.187  -0.121  1.00 50.98  ? 18  ILE B N   1 
ATOM   917  C  CA  . ILE B 1 21 ? -11.188 -6.091  -0.723  1.00 50.64  ? 18  ILE B CA  1 
ATOM   918  C  C   . ILE B 1 21 ? -12.147 -6.622  0.325   1.00 53.66  ? 18  ILE B C   1 
ATOM   919  O  O   . ILE B 1 21 ? -13.357 -6.667  0.113   1.00 49.08  ? 18  ILE B O   1 
ATOM   920  C  CB  . ILE B 1 21 ? -10.496 -7.249  -1.462  1.00 52.34  ? 18  ILE B CB  1 
ATOM   921  C  CG1 . ILE B 1 21 ? -9.971  -6.754  -2.815  1.00 44.75  ? 18  ILE B CG1 1 
ATOM   922  C  CG2 . ILE B 1 21 ? -11.468 -8.401  -1.667  1.00 54.75  ? 18  ILE B CG2 1 
ATOM   923  C  CD1 . ILE B 1 21 ? -8.853  -7.637  -3.409  1.00 45.07  ? 18  ILE B CD1 1 
ATOM   924  N  N   . ILE B 1 22 ? -11.619 -7.017  1.469   1.00 54.68  ? 19  ILE B N   1 
ATOM   925  C  CA  . ILE B 1 22 ? -12.488 -7.529  2.509   1.00 43.56  ? 19  ILE B CA  1 
ATOM   926  C  C   . ILE B 1 22 ? -13.393 -6.406  3.048   1.00 50.14  ? 19  ILE B C   1 
ATOM   927  O  O   . ILE B 1 22 ? -14.555 -6.633  3.340   1.00 48.44  ? 19  ILE B O   1 
ATOM   928  C  CB  . ILE B 1 22 ? -11.675 -8.197  3.623   1.00 59.34  ? 19  ILE B CB  1 
ATOM   929  C  CG1 . ILE B 1 22 ? -11.020 -9.471  3.072   1.00 51.11  ? 19  ILE B CG1 1 
ATOM   930  C  CG2 . ILE B 1 22 ? -12.564 -8.500  4.835   1.00 45.64  ? 19  ILE B CG2 1 
ATOM   931  C  CD1 . ILE B 1 22 ? -10.214 -10.231 4.107   1.00 53.79  ? 19  ILE B CD1 1 
ATOM   932  N  N   . HIS B 1 23 ? -12.868 -5.189  3.148   1.00 52.00  ? 20  HIS B N   1 
ATOM   933  C  CA  . HIS B 1 23 ? -13.675 -4.070  3.624   1.00 51.44  ? 20  HIS B CA  1 
ATOM   934  C  C   . HIS B 1 23 ? -14.895 -3.891  2.724   1.00 67.57  ? 20  HIS B C   1 
ATOM   935  O  O   . HIS B 1 23 ? -16.010 -3.706  3.204   1.00 54.18  ? 20  HIS B O   1 
ATOM   936  C  CB  . HIS B 1 23 ? -12.866 -2.776  3.677   1.00 58.21  ? 20  HIS B CB  1 
ATOM   937  C  CG  . HIS B 1 23 ? -13.703 -1.535  3.805   1.00 73.65  ? 20  HIS B CG  1 
ATOM   938  N  ND1 . HIS B 1 23 ? -14.241 -1.114  5.003   1.00 60.65  ? 20  HIS B ND1 1 
ATOM   939  C  CD2 . HIS B 1 23 ? -14.088 -0.620  2.881   1.00 71.57  ? 20  HIS B CD2 1 
ATOM   940  C  CE1 . HIS B 1 23 ? -14.916 0.006   4.815   1.00 69.60  ? 20  HIS B CE1 1 
ATOM   941  N  NE2 . HIS B 1 23 ? -14.840 0.326   3.534   1.00 91.53  ? 20  HIS B NE2 1 
ATOM   942  N  N   . GLU B 1 24 ? -14.685 -3.968  1.418   1.00 57.26  ? 21  GLU B N   1 
ATOM   943  C  CA  . GLU B 1 24 ? -15.775 -3.728  0.490   1.00 57.80  ? 21  GLU B CA  1 
ATOM   944  C  C   . GLU B 1 24 ? -16.711 -4.930  0.327   1.00 64.26  ? 21  GLU B C   1 
ATOM   945  O  O   . GLU B 1 24 ? -17.903 -4.749  0.145   1.00 54.52  ? 21  GLU B O   1 
ATOM   946  C  CB  . GLU B 1 24 ? -15.249 -3.265  -0.877  1.00 51.72  ? 21  GLU B CB  1 
ATOM   947  C  CG  . GLU B 1 24 ? -14.848 -4.396  -1.817  1.00 103.17 ? 21  GLU B CG  1 
ATOM   948  C  CD  . GLU B 1 24 ? -14.634 -3.939  -3.258  1.00 117.63 ? 21  GLU B CD  1 
ATOM   949  O  OE1 . GLU B 1 24 ? -13.965 -2.904  -3.478  1.00 105.91 ? 21  GLU B OE1 1 
ATOM   950  O  OE2 . GLU B 1 24 ? -15.130 -4.629  -4.175  1.00 101.11 ? 21  GLU B OE2 1 
ATOM   951  N  N   . GLU B 1 25 ? -16.174 -6.146  0.392   1.00 60.95  ? 22  GLU B N   1 
ATOM   952  C  CA  . GLU B 1 25 ? -16.969 -7.361  0.182   1.00 51.64  ? 22  GLU B CA  1 
ATOM   953  C  C   . GLU B 1 25 ? -17.602 -7.885  1.465   1.00 68.96  ? 22  GLU B C   1 
ATOM   954  O  O   . GLU B 1 25 ? -18.563 -8.649  1.418   1.00 67.58  ? 22  GLU B O   1 
ATOM   955  C  CB  . GLU B 1 25 ? -16.109 -8.480  -0.419  1.00 62.63  ? 22  GLU B CB  1 
ATOM   956  C  CG  . GLU B 1 25 ? -15.585 -8.225  -1.832  1.00 71.22  ? 22  GLU B CG  1 
ATOM   957  C  CD  . GLU B 1 25 ? -16.688 -8.111  -2.863  1.00 88.50  ? 22  GLU B CD  1 
ATOM   958  O  OE1 . GLU B 1 25 ? -17.745 -8.757  -2.685  1.00 132.48 ? 22  GLU B OE1 1 
ATOM   959  O  OE2 . GLU B 1 25 ? -16.492 -7.374  -3.852  1.00 87.50  ? 22  GLU B OE2 1 
ATOM   960  N  N   . GLY B 1 26 ? -17.040 -7.506  2.608   1.00 57.05  ? 23  GLY B N   1 
ATOM   961  C  CA  . GLY B 1 26 ? -17.535 -7.985  3.884   1.00 57.48  ? 23  GLY B CA  1 
ATOM   962  C  C   . GLY B 1 26 ? -16.716 -9.138  4.446   1.00 61.36  ? 23  GLY B C   1 
ATOM   963  O  O   . GLY B 1 26 ? -16.274 -9.098  5.598   1.00 62.40  ? 23  GLY B O   1 
ATOM   964  N  N   . ASN B 1 27 ? -16.528 -10.185 3.654   1.00 54.22  ? 24  ASN B N   1 
ATOM   965  C  CA  . ASN B 1 27 ? -15.585 -11.218 4.063   1.00 74.30  ? 24  ASN B CA  1 
ATOM   966  C  C   . ASN B 1 27 ? -14.699 -11.691 2.929   1.00 64.89  ? 24  ASN B C   1 
ATOM   967  O  O   . ASN B 1 27 ? -14.931 -11.377 1.763   1.00 65.99  ? 24  ASN B O   1 
ATOM   968  C  CB  . ASN B 1 27 ? -16.304 -12.390 4.703   1.00 76.60  ? 24  ASN B CB  1 
ATOM   969  C  CG  . ASN B 1 27 ? -17.376 -12.944 3.823   1.00 95.93  ? 24  ASN B CG  1 
ATOM   970  O  OD1 . ASN B 1 27 ? -17.281 -12.853 2.603   1.00 84.81  ? 24  ASN B OD1 1 
ATOM   971  N  ND2 . ASN B 1 27 ? -18.418 -13.518 4.430   1.00 85.16  ? 24  ASN B ND2 1 
ATOM   972  N  N   . GLY B 1 28 ? -13.665 -12.432 3.286   1.00 68.21  ? 25  GLY B N   1 
ATOM   973  C  CA  . GLY B 1 28 ? -12.718 -12.919 2.307   1.00 49.80  ? 25  GLY B CA  1 
ATOM   974  C  C   . GLY B 1 28 ? -12.209 -14.297 2.668   1.00 54.89  ? 25  GLY B C   1 
ATOM   975  O  O   . GLY B 1 28 ? -12.219 -14.700 3.837   1.00 63.76  ? 25  GLY B O   1 
ATOM   976  N  N   . SER B 1 29 ? -11.765 -15.019 1.648   1.00 50.36  ? 26  SER B N   1 
ATOM   977  C  CA  . SER B 1 29 ? -11.167 -16.335 1.822   1.00 70.78  ? 26  SER B CA  1 
ATOM   978  C  C   . SER B 1 29 ? -10.110 -16.458 0.738   1.00 50.09  ? 26  SER B C   1 
ATOM   979  O  O   . SER B 1 29 ? -10.161 -15.736 -0.253  1.00 61.47  ? 26  SER B O   1 
ATOM   980  C  CB  . SER B 1 29 ? -12.231 -17.427 1.689   1.00 74.23  ? 26  SER B CB  1 
ATOM   981  O  OG  . SER B 1 29 ? -13.021 -17.207 0.535   1.00 78.62  ? 26  SER B OG  1 
ATOM   982  N  N   . PRO B 1 30 ? -9.144  -17.366 0.921   1.00 61.04  ? 27  PRO B N   1 
ATOM   983  C  CA  . PRO B 1 30 ? -7.988  -17.387 0.021   1.00 57.80  ? 27  PRO B CA  1 
ATOM   984  C  C   . PRO B 1 30 ? -8.394  -17.555 -1.437  1.00 77.38  ? 27  PRO B C   1 
ATOM   985  O  O   . PRO B 1 30 ? -8.010  -16.735 -2.287  1.00 61.50  ? 27  PRO B O   1 
ATOM   986  C  CB  . PRO B 1 30 ? -7.201  -18.610 0.496   1.00 54.44  ? 27  PRO B CB  1 
ATOM   987  C  CG  . PRO B 1 30 ? -7.647  -18.819 1.906   1.00 49.01  ? 27  PRO B CG  1 
ATOM   988  C  CD  . PRO B 1 30 ? -9.093  -18.457 1.911   1.00 66.46  ? 27  PRO B CD  1 
ATOM   989  N  N   . LYS B 1 31 ? -9.167  -18.600 -1.720  1.00 65.84  ? 28  LYS B N   1 
ATOM   990  C  CA  . LYS B 1 31 ? -9.553  -18.905 -3.098  1.00 102.82 ? 28  LYS B CA  1 
ATOM   991  C  C   . LYS B 1 31 ? -10.197 -17.693 -3.779  1.00 59.01  ? 28  LYS B C   1 
ATOM   992  O  O   . LYS B 1 31 ? -9.786  -17.299 -4.866  1.00 60.00  ? 28  LYS B O   1 
ATOM   993  C  CB  . LYS B 1 31 ? -10.466 -20.143 -3.175  1.00 90.84  ? 28  LYS B CB  1 
ATOM   994  C  CG  . LYS B 1 31 ? -10.585 -20.756 -4.582  1.00 110.91 ? 28  LYS B CG  1 
ATOM   995  C  CD  . LYS B 1 31 ? -11.312 -22.109 -4.564  1.00 138.69 ? 28  LYS B CD  1 
ATOM   996  C  CE  . LYS B 1 31 ? -10.600 -23.134 -3.673  1.00 143.00 ? 28  LYS B CE  1 
ATOM   997  N  NZ  . LYS B 1 31 ? -11.424 -24.357 -3.401  1.00 103.83 ? 28  LYS B NZ  1 
ATOM   998  N  N   . GLU B 1 32 ? -11.195 -17.083 -3.149  1.00 61.25  ? 29  GLU B N   1 
ATOM   999  C  CA  . GLU B 1 32 ? -11.848 -15.950 -3.802  1.00 73.49  ? 29  GLU B CA  1 
ATOM   1000 C  C   . GLU B 1 32 ? -10.979 -14.666 -3.884  1.00 79.11  ? 29  GLU B C   1 
ATOM   1001 O  O   . GLU B 1 32 ? -11.138 -13.859 -4.803  1.00 63.54  ? 29  GLU B O   1 
ATOM   1002 C  CB  . GLU B 1 32 ? -13.245 -15.693 -3.206  1.00 67.92  ? 29  GLU B CB  1 
ATOM   1003 C  CG  . GLU B 1 32 ? -13.268 -15.138 -1.799  1.00 72.79  ? 29  GLU B CG  1 
ATOM   1004 C  CD  . GLU B 1 32 ? -13.004 -13.640 -1.763  1.00 114.95 ? 29  GLU B CD  1 
ATOM   1005 O  OE1 . GLU B 1 32 ? -13.089 -12.984 -2.832  1.00 97.66  ? 29  GLU B OE1 1 
ATOM   1006 O  OE2 . GLU B 1 32 ? -12.712 -13.124 -0.664  1.00 81.85  ? 29  GLU B OE2 1 
ATOM   1007 N  N   . LEU B 1 33 ? -10.054 -14.480 -2.943  1.00 62.35  ? 30  LEU B N   1 
ATOM   1008 C  CA  . LEU B 1 33 ? -9.156  -13.324 -3.011  1.00 52.76  ? 30  LEU B CA  1 
ATOM   1009 C  C   . LEU B 1 33 ? -8.171  -13.494 -4.155  1.00 73.27  ? 30  LEU B C   1 
ATOM   1010 O  O   . LEU B 1 33 ? -7.891  -12.542 -4.900  1.00 53.76  ? 30  LEU B O   1 
ATOM   1011 C  CB  . LEU B 1 33 ? -8.412  -13.139 -1.692  1.00 58.23  ? 30  LEU B CB  1 
ATOM   1012 C  CG  . LEU B 1 33 ? -9.230  -12.428 -0.613  1.00 62.04  ? 30  LEU B CG  1 
ATOM   1013 C  CD1 . LEU B 1 33 ? -8.565  -12.618 0.738   1.00 49.30  ? 30  LEU B CD1 1 
ATOM   1014 C  CD2 . LEU B 1 33 ? -9.394  -10.937 -0.958  1.00 55.30  ? 30  LEU B CD2 1 
ATOM   1015 N  N   . GLU B 1 34 ? -7.648  -14.716 -4.266  1.00 54.52  ? 31  GLU B N   1 
ATOM   1016 C  CA  . GLU B 1 34 ? -6.768  -15.143 -5.358  1.00 70.62  ? 31  GLU B CA  1 
ATOM   1017 C  C   . GLU B 1 34 ? -7.334  -14.773 -6.739  1.00 63.04  ? 31  GLU B C   1 
ATOM   1018 O  O   . GLU B 1 34 ? -6.615  -14.328 -7.643  1.00 68.64  ? 31  GLU B O   1 
ATOM   1019 C  CB  . GLU B 1 34 ? -6.556  -16.665 -5.255  1.00 67.02  ? 31  GLU B CB  1 
ATOM   1020 C  CG  . GLU B 1 34 ? -5.896  -17.290 -6.451  1.00 80.81  ? 31  GLU B CG  1 
ATOM   1021 C  CD  . GLU B 1 34 ? -4.576  -16.640 -6.744  1.00 99.28  ? 31  GLU B CD  1 
ATOM   1022 O  OE1 . GLU B 1 34 ? -3.895  -16.256 -5.770  1.00 91.45  ? 31  GLU B OE1 1 
ATOM   1023 O  OE2 . GLU B 1 34 ? -4.226  -16.499 -7.935  1.00 111.85 ? 31  GLU B OE2 1 
ATOM   1024 N  N   . ASP B 1 35 ? -8.641  -14.934 -6.887  1.00 62.36  ? 32  ASP B N   1 
ATOM   1025 C  CA  . ASP B 1 35 ? -9.284  -14.747 -8.183  1.00 84.01  ? 32  ASP B CA  1 
ATOM   1026 C  C   . ASP B 1 35 ? -9.495  -13.286 -8.576  1.00 82.10  ? 32  ASP B C   1 
ATOM   1027 O  O   . ASP B 1 35 ? -9.895  -13.006 -9.699  1.00 75.11  ? 32  ASP B O   1 
ATOM   1028 C  CB  . ASP B 1 35 ? -10.611 -15.513 -8.230  1.00 95.65  ? 32  ASP B CB  1 
ATOM   1029 C  CG  . ASP B 1 35 ? -10.415 -17.016 -8.124  1.00 109.25 ? 32  ASP B CG  1 
ATOM   1030 O  OD1 . ASP B 1 35 ? -9.384  -17.512 -8.630  1.00 87.01  ? 32  ASP B OD1 1 
ATOM   1031 O  OD2 . ASP B 1 35 ? -11.282 -17.699 -7.532  1.00 124.41 ? 32  ASP B OD2 1 
ATOM   1032 N  N   . ARG B 1 36 ? -9.236  -12.360 -7.656  1.00 61.03  ? 33  ARG B N   1 
ATOM   1033 C  CA  . ARG B 1 36 ? -9.335  -10.933 -7.959  1.00 60.40  ? 33  ARG B CA  1 
ATOM   1034 C  C   . ARG B 1 36 ? -8.203  -10.471 -8.891  1.00 61.95  ? 33  ARG B C   1 
ATOM   1035 O  O   . ARG B 1 36 ? -7.077  -10.973 -8.810  1.00 63.95  ? 33  ARG B O   1 
ATOM   1036 C  CB  . ARG B 1 36 ? -9.295  -10.140 -6.661  1.00 75.60  ? 33  ARG B CB  1 
ATOM   1037 C  CG  . ARG B 1 36 ? -10.554 -10.246 -5.855  1.00 71.53  ? 33  ARG B CG  1 
ATOM   1038 C  CD  . ARG B 1 36 ? -11.625 -9.442  -6.542  1.00 65.23  ? 33  ARG B CD  1 
ATOM   1039 N  NE  . ARG B 1 36 ? -12.379 -8.650  -5.576  1.00 69.78  ? 33  ARG B NE  1 
ATOM   1040 C  CZ  . ARG B 1 36 ? -12.565 -7.337  -5.671  1.00 79.25  ? 33  ARG B CZ  1 
ATOM   1041 N  NH1 . ARG B 1 36 ? -13.262 -6.686  -4.744  1.00 95.04  ? 33  ARG B NH1 1 
ATOM   1042 N  NH2 . ARG B 1 36 ? -12.072 -6.674  -6.705  1.00 53.76  ? 33  ARG B NH2 1 
ATOM   1043 N  N   . ASP B 1 37 ? -8.487  -9.515  -9.776  1.00 73.01  ? 34  ASP B N   1 
ATOM   1044 C  CA  . ASP B 1 37 ? -7.450  -9.020  -10.691 1.00 65.84  ? 34  ASP B CA  1 
ATOM   1045 C  C   . ASP B 1 37 ? -6.362  -8.317  -9.901  1.00 75.37  ? 34  ASP B C   1 
ATOM   1046 O  O   . ASP B 1 37 ? -5.183  -8.333  -10.272 1.00 76.79  ? 34  ASP B O   1 
ATOM   1047 C  CB  . ASP B 1 37 ? -8.033  -8.039  -11.712 1.00 83.22  ? 34  ASP B CB  1 
ATOM   1048 C  CG  . ASP B 1 37 ? -8.715  -8.738  -12.876 1.00 94.76  ? 34  ASP B CG  1 
ATOM   1049 O  OD1 . ASP B 1 37 ? -9.157  -9.895  -12.706 1.00 87.46  ? 34  ASP B OD1 1 
ATOM   1050 O  OD2 . ASP B 1 37 ? -8.812  -8.126  -13.962 1.00 85.33  ? 34  ASP B OD2 1 
ATOM   1051 N  N   . GLU B 1 38 ? -6.792  -7.713  -8.800  1.00 62.82  ? 35  GLU B N   1 
ATOM   1052 C  CA  . GLU B 1 38 ? -5.964  -6.837  -7.993  1.00 73.45  ? 35  GLU B CA  1 
ATOM   1053 C  C   . GLU B 1 38 ? -5.002  -7.604  -7.111  1.00 52.84  ? 35  GLU B C   1 
ATOM   1054 O  O   . GLU B 1 38 ? -4.115  -7.007  -6.493  1.00 62.29  ? 35  GLU B O   1 
ATOM   1055 C  CB  . GLU B 1 38 ? -6.852  -5.952  -7.112  1.00 45.66  ? 35  GLU B CB  1 
ATOM   1056 C  CG  . GLU B 1 38 ? -7.780  -5.064  -7.902  1.00 81.61  ? 35  GLU B CG  1 
ATOM   1057 C  CD  . GLU B 1 38 ? -9.152  -5.674  -8.069  1.00 91.46  ? 35  GLU B CD  1 
ATOM   1058 O  OE1 . GLU B 1 38 ? -9.284  -6.907  -7.907  1.00 62.81  ? 35  GLU B OE1 1 
ATOM   1059 O  OE2 . GLU B 1 38 ? -10.103 -4.914  -8.347  1.00 70.85  ? 35  GLU B OE2 1 
ATOM   1060 N  N   . ILE B 1 39 ? -5.202  -8.914  -7.014  1.00 56.64  ? 36  ILE B N   1 
ATOM   1061 C  CA  . ILE B 1 39 ? -4.303  -9.741  -6.220  1.00 46.95  ? 36  ILE B CA  1 
ATOM   1062 C  C   . ILE B 1 39 ? -3.351  -10.474 -7.156  1.00 61.43  ? 36  ILE B C   1 
ATOM   1063 O  O   . ILE B 1 39 ? -3.786  -11.277 -7.975  1.00 56.56  ? 36  ILE B O   1 
ATOM   1064 C  CB  . ILE B 1 39 ? -5.077  -10.737 -5.352  1.00 50.96  ? 36  ILE B CB  1 
ATOM   1065 C  CG1 . ILE B 1 39 ? -6.048  -9.998  -4.412  1.00 62.87  ? 36  ILE B CG1 1 
ATOM   1066 C  CG2 . ILE B 1 39 ? -4.112  -11.643 -4.567  1.00 59.87  ? 36  ILE B CG2 1 
ATOM   1067 C  CD1 . ILE B 1 39 ? -5.418  -8.880  -3.578  1.00 52.95  ? 36  ILE B CD1 1 
ATOM   1068 N  N   . ARG B 1 40 ? -2.058  -10.175 -7.059  1.00 59.40  ? 37  ARG B N   1 
ATOM   1069 C  CA  . ARG B 1 40 ? -1.063  -10.795 -7.941  1.00 51.06  ? 37  ARG B CA  1 
ATOM   1070 C  C   . ARG B 1 40 ? -0.117  -11.718 -7.162  1.00 57.48  ? 37  ARG B C   1 
ATOM   1071 O  O   . ARG B 1 40 ? 1.040   -11.900 -7.536  1.00 61.55  ? 37  ARG B O   1 
ATOM   1072 C  CB  . ARG B 1 40 ? -0.255  -9.708  -8.655  1.00 55.20  ? 37  ARG B CB  1 
ATOM   1073 C  CG  . ARG B 1 40 ? -1.096  -8.527  -9.169  1.00 56.23  ? 37  ARG B CG  1 
ATOM   1074 C  CD  . ARG B 1 40 ? -1.953  -8.933  -10.354 1.00 65.39  ? 37  ARG B CD  1 
ATOM   1075 N  NE  . ARG B 1 40 ? -1.117  -9.506  -11.398 1.00 58.42  ? 37  ARG B NE  1 
ATOM   1076 C  CZ  . ARG B 1 40 ? -1.553  -10.301 -12.372 1.00 105.82 ? 37  ARG B CZ  1 
ATOM   1077 N  NH1 . ARG B 1 40 ? -2.836  -10.632 -12.447 1.00 60.53  ? 37  ARG B NH1 1 
ATOM   1078 N  NH2 . ARG B 1 40 ? -0.699  -10.770 -13.271 1.00 61.51  ? 37  ARG B NH2 1 
ATOM   1079 N  N   . ILE B 1 41 ? -0.594  -12.262 -6.050  1.00 51.81  ? 38  ILE B N   1 
ATOM   1080 C  CA  . ILE B 1 41 ? 0.159   -13.286 -5.339  1.00 52.47  ? 38  ILE B CA  1 
ATOM   1081 C  C   . ILE B 1 41 ? -0.678  -14.560 -5.309  1.00 55.53  ? 38  ILE B C   1 
ATOM   1082 O  O   . ILE B 1 41 ? -1.887  -14.520 -5.596  1.00 55.79  ? 38  ILE B O   1 
ATOM   1083 C  CB  . ILE B 1 41 ? 0.562   -12.858 -3.907  1.00 47.55  ? 38  ILE B CB  1 
ATOM   1084 C  CG1 . ILE B 1 41 ? -0.660  -12.401 -3.110  1.00 43.58  ? 38  ILE B CG1 1 
ATOM   1085 C  CG2 . ILE B 1 41 ? 1.593   -11.722 -3.959  1.00 57.24  ? 38  ILE B CG2 1 
ATOM   1086 C  CD1 . ILE B 1 41 ? -0.395  -12.192 -1.622  1.00 52.11  ? 38  ILE B CD1 1 
ATOM   1087 N  N   . SER B 1 42 ? -0.034  -15.679 -4.974  1.00 51.47  ? 39  SER B N   1 
ATOM   1088 C  CA  . SER B 1 42 ? -0.663  -17.008 -5.000  1.00 54.67  ? 39  SER B CA  1 
ATOM   1089 C  C   . SER B 1 42 ? -1.625  -17.244 -3.837  1.00 56.44  ? 39  SER B C   1 
ATOM   1090 O  O   . SER B 1 42 ? -1.579  -16.554 -2.799  1.00 59.74  ? 39  SER B O   1 
ATOM   1091 C  CB  . SER B 1 42 ? 0.408   -18.108 -4.985  1.00 63.31  ? 39  SER B CB  1 
ATOM   1092 O  OG  . SER B 1 42 ? 1.037   -18.190 -3.705  1.00 61.72  ? 39  SER B OG  1 
ATOM   1093 N  N   . LYS B 1 43 ? -2.478  -18.247 -4.012  1.00 46.58  ? 40  LYS B N   1 
ATOM   1094 C  CA  . LYS B 1 43 ? -3.465  -18.607 -3.007  1.00 53.97  ? 40  LYS B CA  1 
ATOM   1095 C  C   . LYS B 1 43 ? -2.782  -18.902 -1.670  1.00 66.10  ? 40  LYS B C   1 
ATOM   1096 O  O   . LYS B 1 43 ? -3.297  -18.525 -0.607  1.00 55.00  ? 40  LYS B O   1 
ATOM   1097 C  CB  . LYS B 1 43 ? -4.345  -19.784 -3.489  1.00 60.68  ? 40  LYS B CB  1 
ATOM   1098 C  CG  . LYS B 1 43 ? -5.537  -20.132 -2.550  1.00 84.51  ? 40  LYS B CG  1 
ATOM   1099 C  CD  . LYS B 1 43 ? -6.240  -21.470 -2.907  1.00 75.25  ? 40  LYS B CD  1 
ATOM   1100 C  CE  . LYS B 1 43 ? -7.068  -22.022 -1.732  1.00 93.21  ? 40  LYS B CE  1 
ATOM   1101 N  NZ  . LYS B 1 43 ? -7.986  -23.153 -2.112  1.00 105.59 ? 40  LYS B NZ  1 
ATOM   1102 N  N   . SER B 1 44 ? -1.618  -19.547 -1.710  1.00 58.76  ? 41  SER B N   1 
ATOM   1103 C  CA  . SER B 1 44 ? -0.902  -19.841 -0.467  1.00 60.96  ? 41  SER B CA  1 
ATOM   1104 C  C   . SER B 1 44 ? -0.341  -18.555 0.150   1.00 55.45  ? 41  SER B C   1 
ATOM   1105 O  O   . SER B 1 44 ? -0.287  -18.407 1.379   1.00 58.12  ? 41  SER B O   1 
ATOM   1106 C  CB  . SER B 1 44 ? 0.201   -20.887 -0.689  1.00 63.48  ? 41  SER B CB  1 
ATOM   1107 O  OG  . SER B 1 44 ? 1.087   -20.484 -1.718  1.00 75.85  ? 41  SER B OG  1 
ATOM   1108 N  N   . SER B 1 45 ? 0.075   -17.617 -0.700  1.00 61.37  ? 42  SER B N   1 
ATOM   1109 C  CA  . SER B 1 45 ? 0.599   -16.350 -0.200  1.00 55.76  ? 42  SER B CA  1 
ATOM   1110 C  C   . SER B 1 45 ? -0.521  -15.569 0.453   1.00 54.81  ? 42  SER B C   1 
ATOM   1111 O  O   . SER B 1 45 ? -0.345  -14.994 1.530   1.00 52.42  ? 42  SER B O   1 
ATOM   1112 C  CB  . SER B 1 45 ? 1.213   -15.521 -1.322  1.00 55.91  ? 42  SER B CB  1 
ATOM   1113 O  OG  . SER B 1 45 ? 2.382   -16.144 -1.795  1.00 67.17  ? 42  SER B OG  1 
ATOM   1114 N  N   . VAL B 1 46 ? -1.675  -15.554 -0.211  1.00 47.06  ? 43  VAL B N   1 
ATOM   1115 C  CA  . VAL B 1 46 ? -2.849  -14.909 0.351   1.00 52.45  ? 43  VAL B CA  1 
ATOM   1116 C  C   . VAL B 1 46 ? -3.137  -15.484 1.721   1.00 51.74  ? 43  VAL B C   1 
ATOM   1117 O  O   . VAL B 1 46 ? -3.368  -14.732 2.668   1.00 53.46  ? 43  VAL B O   1 
ATOM   1118 C  CB  . VAL B 1 46 ? -4.088  -15.064 -0.551  1.00 49.81  ? 43  VAL B CB  1 
ATOM   1119 C  CG1 . VAL B 1 46 ? -5.341  -14.479 0.153   1.00 49.97  ? 43  VAL B CG1 1 
ATOM   1120 C  CG2 . VAL B 1 46 ? -3.834  -14.401 -1.894  1.00 47.49  ? 43  VAL B CG2 1 
ATOM   1121 N  N   . SER B 1 47 ? -3.145  -16.815 1.831   1.00 49.55  ? 44  SER B N   1 
ATOM   1122 C  CA  . SER B 1 47 ? -3.342  -17.453 3.138   1.00 58.95  ? 44  SER B CA  1 
ATOM   1123 C  C   . SER B 1 47 ? -2.343  -16.962 4.177   1.00 62.81  ? 44  SER B C   1 
ATOM   1124 O  O   . SER B 1 47 ? -2.707  -16.696 5.335   1.00 63.55  ? 44  SER B O   1 
ATOM   1125 C  CB  . SER B 1 47 ? -3.265  -18.977 3.034   1.00 55.85  ? 44  SER B CB  1 
ATOM   1126 O  OG  . SER B 1 47 ? -4.451  -19.483 2.453   1.00 74.31  ? 44  SER B OG  1 
ATOM   1127 N  N   . ARG B 1 48 ? -1.081  -16.861 3.767   1.00 55.02  ? 45  ARG B N   1 
ATOM   1128 C  CA  . ARG B 1 48 ? -0.035  -16.343 4.649   1.00 57.95  ? 45  ARG B CA  1 
ATOM   1129 C  C   . ARG B 1 48 ? -0.323  -14.911 5.107   1.00 57.12  ? 45  ARG B C   1 
ATOM   1130 O  O   . ARG B 1 48 ? -0.240  -14.615 6.297   1.00 59.18  ? 45  ARG B O   1 
ATOM   1131 C  CB  . ARG B 1 48 ? 1.329   -16.422 3.961   1.00 72.61  ? 45  ARG B CB  1 
ATOM   1132 C  CG  . ARG B 1 48 ? 2.090   -17.683 4.313   1.00 77.38  ? 45  ARG B CG  1 
ATOM   1133 C  CD  . ARG B 1 48 ? 3.392   -17.816 3.525   1.00 95.03  ? 45  ARG B CD  1 
ATOM   1134 N  NE  . ARG B 1 48 ? 3.217   -18.603 2.306   1.00 108.56 ? 45  ARG B NE  1 
ATOM   1135 C  CZ  . ARG B 1 48 ? 3.528   -18.173 1.089   1.00 125.92 ? 45  ARG B CZ  1 
ATOM   1136 N  NH1 . ARG B 1 48 ? 4.044   -16.959 0.935   1.00 105.66 ? 45  ARG B NH1 1 
ATOM   1137 N  NH2 . ARG B 1 48 ? 3.336   -18.957 0.030   1.00 88.58  ? 45  ARG B NH2 1 
ATOM   1138 N  N   . ARG B 1 49 ? -0.677  -14.036 4.168   1.00 52.04  ? 46  ARG B N   1 
ATOM   1139 C  CA  . ARG B 1 49 ? -1.016  -12.657 4.504   1.00 55.32  ? 46  ARG B CA  1 
ATOM   1140 C  C   . ARG B 1 49 ? -2.266  -12.586 5.370   1.00 55.10  ? 46  ARG B C   1 
ATOM   1141 O  O   . ARG B 1 49 ? -2.331  -11.791 6.322   1.00 47.79  ? 46  ARG B O   1 
ATOM   1142 C  CB  . ARG B 1 49 ? -1.196  -11.804 3.245   1.00 45.47  ? 46  ARG B CB  1 
ATOM   1143 C  CG  . ARG B 1 49 ? 0.051   -11.709 2.392   1.00 48.36  ? 46  ARG B CG  1 
ATOM   1144 C  CD  . ARG B 1 49 ? 1.327   -11.659 3.209   1.00 51.86  ? 46  ARG B CD  1 
ATOM   1145 N  NE  . ARG B 1 49 ? 1.421   -10.515 4.121   1.00 52.67  ? 46  ARG B NE  1 
ATOM   1146 C  CZ  . ARG B 1 49 ? 2.486   -10.282 4.881   1.00 52.85  ? 46  ARG B CZ  1 
ATOM   1147 N  NH1 . ARG B 1 49 ? 3.515   -11.116 4.825   1.00 54.99  ? 46  ARG B NH1 1 
ATOM   1148 N  NH2 . ARG B 1 49 ? 2.538   -9.235  5.700   1.00 52.12  ? 46  ARG B NH2 1 
ATOM   1149 N  N   . LEU B 1 50 ? -3.262  -13.415 5.064   1.00 51.24  ? 47  LEU B N   1 
ATOM   1150 C  CA  . LEU B 1 50 ? -4.460  -13.455 5.920   1.00 51.38  ? 47  LEU B CA  1 
ATOM   1151 C  C   . LEU B 1 50 ? -4.087  -13.792 7.373   1.00 60.24  ? 47  LEU B C   1 
ATOM   1152 O  O   . LEU B 1 50 ? -4.542  -13.132 8.329   1.00 54.52  ? 47  LEU B O   1 
ATOM   1153 C  CB  . LEU B 1 50 ? -5.501  -14.450 5.382   1.00 49.15  ? 47  LEU B CB  1 
ATOM   1154 C  CG  . LEU B 1 50 ? -6.216  -14.014 4.096   1.00 69.98  ? 47  LEU B CG  1 
ATOM   1155 C  CD1 . LEU B 1 50 ? -6.993  -15.181 3.510   1.00 63.50  ? 47  LEU B CD1 1 
ATOM   1156 C  CD2 . LEU B 1 50 ? -7.135  -12.786 4.337   1.00 56.03  ? 47  LEU B CD2 1 
ATOM   1157 N  N   . LYS B 1 51 ? -3.264  -14.827 7.535   1.00 55.99  ? 48  LYS B N   1 
ATOM   1158 C  CA  . LYS B 1 51 ? -2.843  -15.261 8.866   1.00 55.65  ? 48  LYS B CA  1 
ATOM   1159 C  C   . LYS B 1 51 ? -2.125  -14.104 9.555   1.00 66.70  ? 48  LYS B C   1 
ATOM   1160 O  O   . LYS B 1 51 ? -2.333  -13.849 10.749  1.00 55.01  ? 48  LYS B O   1 
ATOM   1161 C  CB  . LYS B 1 51 ? -1.947  -16.505 8.775   1.00 78.66  ? 48  LYS B CB  1 
ATOM   1162 C  CG  . LYS B 1 51 ? -2.016  -17.443 9.982   1.00 86.46  ? 48  LYS B CG  1 
ATOM   1163 C  CD  . LYS B 1 51 ? -0.989  -17.069 11.043  1.00 109.29 ? 48  LYS B CD  1 
ATOM   1164 C  CE  . LYS B 1 51 ? -0.932  -18.094 12.177  1.00 100.31 ? 48  LYS B CE  1 
ATOM   1165 N  NZ  . LYS B 1 51 ? 0.140   -17.749 13.167  1.00 90.39  ? 48  LYS B NZ  1 
ATOM   1166 N  N   . LYS B 1 52 ? -1.315  -13.379 8.782   1.00 47.97  ? 49  LYS B N   1 
ATOM   1167 C  CA  . LYS B 1 52 ? -0.527  -12.273 9.326   1.00 46.82  ? 49  LYS B CA  1 
ATOM   1168 C  C   . LYS B 1 52 ? -1.421  -11.108 9.762   1.00 63.84  ? 49  LYS B C   1 
ATOM   1169 O  O   . LYS B 1 52 ? -1.289  -10.589 10.866  1.00 55.11  ? 49  LYS B O   1 
ATOM   1170 C  CB  . LYS B 1 52 ? 0.477   -11.786 8.291   1.00 42.98  ? 49  LYS B CB  1 
ATOM   1171 C  CG  . LYS B 1 52 ? 1.696   -11.079 8.873   1.00 65.09  ? 49  LYS B CG  1 
ATOM   1172 C  CD  . LYS B 1 52 ? 2.761   -12.091 9.228   1.00 72.81  ? 49  LYS B CD  1 
ATOM   1173 C  CE  . LYS B 1 52 ? 4.052   -11.428 9.629   1.00 98.65  ? 49  LYS B CE  1 
ATOM   1174 N  NZ  . LYS B 1 52 ? 4.902   -12.397 10.371  1.00 86.44  ? 49  LYS B NZ  1 
ATOM   1175 N  N   . LEU B 1 53 ? -2.339  -10.710 8.889   1.00 50.86  ? 50  LEU B N   1 
ATOM   1176 C  CA  . LEU B 1 53 ? -3.283  -9.654  9.211   1.00 58.76  ? 50  LEU B CA  1 
ATOM   1177 C  C   . LEU B 1 53 ? -4.093  -9.995  10.460  1.00 59.23  ? 50  LEU B C   1 
ATOM   1178 O  O   . LEU B 1 53 ? -4.375  -9.107  11.275  1.00 46.33  ? 50  LEU B O   1 
ATOM   1179 C  CB  . LEU B 1 53 ? -4.186  -9.358  8.003   1.00 54.45  ? 50  LEU B CB  1 
ATOM   1180 C  CG  . LEU B 1 53 ? -3.389  -8.704  6.865   1.00 41.15  ? 50  LEU B CG  1 
ATOM   1181 C  CD1 . LEU B 1 53 ? -4.016  -8.925  5.487   1.00 39.88  ? 50  LEU B CD1 1 
ATOM   1182 C  CD2 . LEU B 1 53 ? -3.132  -7.240  7.169   1.00 44.56  ? 50  LEU B CD2 1 
ATOM   1183 N  N   . ALA B 1 54 ? -4.450  -11.273 10.620  1.00 56.34  ? 51  ALA B N   1 
ATOM   1184 C  CA  . ALA B 1 54 ? -5.220  -11.703 11.789  1.00 51.44  ? 51  ALA B CA  1 
ATOM   1185 C  C   . ALA B 1 54 ? -4.373  -11.639 13.055  1.00 59.19  ? 51  ALA B C   1 
ATOM   1186 O  O   . ALA B 1 54 ? -4.863  -11.247 14.127  1.00 48.87  ? 51  ALA B O   1 
ATOM   1187 C  CB  . ALA B 1 54 ? -5.802  -13.102 11.590  1.00 56.17  ? 51  ALA B CB  1 
ATOM   1188 N  N   . ASP B 1 55 ? -3.098  -12.005 12.931  1.00 60.09  ? 52  ASP B N   1 
ATOM   1189 C  CA  . ASP B 1 55 ? -2.169  -11.917 14.060  1.00 44.67  ? 52  ASP B CA  1 
ATOM   1190 C  C   . ASP B 1 55 ? -2.080  -10.497 14.541  1.00 61.86  ? 52  ASP B C   1 
ATOM   1191 O  O   . ASP B 1 55 ? -1.928  -10.255 15.743  1.00 58.13  ? 52  ASP B O   1 
ATOM   1192 C  CB  . ASP B 1 55 ? -0.776  -12.418 13.665  1.00 60.24  ? 52  ASP B CB  1 
ATOM   1193 C  CG  . ASP B 1 55 ? -0.756  -13.925 13.383  1.00 68.60  ? 52  ASP B CG  1 
ATOM   1194 O  OD1 . ASP B 1 55 ? -1.720  -14.613 13.779  1.00 67.86  ? 52  ASP B OD1 1 
ATOM   1195 O  OD2 . ASP B 1 55 ? 0.225   -14.419 12.779  1.00 64.10  ? 52  ASP B OD2 1 
ATOM   1196 N  N   . HIS B 1 56 ? -2.168  -9.557  13.600  1.00 52.33  ? 53  HIS B N   1 
ATOM   1197 C  CA  . HIS B 1 56 ? -2.069  -8.138  13.928  1.00 59.86  ? 53  HIS B CA  1 
ATOM   1198 C  C   . HIS B 1 56 ? -3.436  -7.510  14.167  1.00 57.29  ? 53  HIS B C   1 
ATOM   1199 O  O   . HIS B 1 56 ? -3.563  -6.293  14.241  1.00 51.55  ? 53  HIS B O   1 
ATOM   1200 C  CB  . HIS B 1 56 ? -1.290  -7.396  12.846  1.00 52.92  ? 53  HIS B CB  1 
ATOM   1201 C  CG  . HIS B 1 56 ? 0.152   -7.784  12.788  1.00 49.79  ? 53  HIS B CG  1 
ATOM   1202 N  ND1 . HIS B 1 56 ? 1.142   -7.057  13.416  1.00 49.05  ? 53  HIS B ND1 1 
ATOM   1203 C  CD2 . HIS B 1 56 ? 0.773   -8.835  12.202  1.00 56.66  ? 53  HIS B CD2 1 
ATOM   1204 C  CE1 . HIS B 1 56 ? 2.310   -7.638  13.209  1.00 43.48  ? 53  HIS B CE1 1 
ATOM   1205 N  NE2 . HIS B 1 56 ? 2.116   -8.716  12.472  1.00 57.29  ? 53  HIS B NE2 1 
ATOM   1206 N  N   . ASP B 1 57 ? -4.451  -8.360  14.287  1.00 56.64  ? 54  ASP B N   1 
ATOM   1207 C  CA  . ASP B 1 57 ? -5.802  -7.933  14.634  1.00 61.04  ? 54  ASP B CA  1 
ATOM   1208 C  C   . ASP B 1 57 ? -6.393  -6.913  13.663  1.00 58.47  ? 54  ASP B C   1 
ATOM   1209 O  O   . ASP B 1 57 ? -7.246  -6.128  14.034  1.00 46.81  ? 54  ASP B O   1 
ATOM   1210 C  CB  . ASP B 1 57 ? -5.846  -7.403  16.073  1.00 64.79  ? 54  ASP B CB  1 
ATOM   1211 C  CG  . ASP B 1 57 ? -6.174  -8.492  17.089  1.00 120.22 ? 54  ASP B CG  1 
ATOM   1212 O  OD1 . ASP B 1 57 ? -5.518  -9.563  17.093  1.00 88.14  ? 54  ASP B OD1 1 
ATOM   1213 O  OD2 . ASP B 1 57 ? -7.106  -8.270  17.889  1.00 124.62 ? 54  ASP B OD2 1 
ATOM   1214 N  N   . LEU B 1 58 ? -5.949  -6.950  12.414  1.00 51.77  ? 55  LEU B N   1 
ATOM   1215 C  CA  . LEU B 1 58 ? -6.558  -6.160  11.361  1.00 50.93  ? 55  LEU B CA  1 
ATOM   1216 C  C   . LEU B 1 58 ? -7.667  -6.963  10.695  1.00 54.29  ? 55  LEU B C   1 
ATOM   1217 O  O   . LEU B 1 58 ? -8.578  -6.400  10.070  1.00 51.82  ? 55  LEU B O   1 
ATOM   1218 C  CB  . LEU B 1 58 ? -5.497  -5.764  10.349  1.00 40.25  ? 55  LEU B CB  1 
ATOM   1219 C  CG  . LEU B 1 58 ? -4.398  -4.918  10.989  1.00 41.67  ? 55  LEU B CG  1 
ATOM   1220 C  CD1 . LEU B 1 58 ? -3.469  -4.310  9.930   1.00 54.45  ? 55  LEU B CD1 1 
ATOM   1221 C  CD2 . LEU B 1 58 ? -4.997  -3.818  11.876  1.00 48.72  ? 55  LEU B CD2 1 
ATOM   1222 N  N   . LEU B 1 59 ? -7.566  -8.285  10.828  1.00 41.72  ? 56  LEU B N   1 
ATOM   1223 C  CA  . LEU B 1 59 ? -8.610  -9.207  10.421  1.00 47.43  ? 56  LEU B CA  1 
ATOM   1224 C  C   . LEU B 1 59 ? -8.894  -10.130 11.597  1.00 53.26  ? 56  LEU B C   1 
ATOM   1225 O  O   . LEU B 1 59 ? -8.124  -10.168 12.546  1.00 58.40  ? 56  LEU B O   1 
ATOM   1226 C  CB  . LEU B 1 59 ? -8.166  -10.046 9.233   1.00 48.15  ? 56  LEU B CB  1 
ATOM   1227 C  CG  . LEU B 1 59 ? -7.998  -9.323  7.896   1.00 61.25  ? 56  LEU B CG  1 
ATOM   1228 C  CD1 . LEU B 1 59 ? -7.568  -10.309 6.827   1.00 37.93  ? 56  LEU B CD1 1 
ATOM   1229 C  CD2 . LEU B 1 59 ? -9.280  -8.588  7.472   1.00 42.05  ? 56  LEU B CD2 1 
ATOM   1230 N  N   . GLN B 1 60 ? -10.010 -10.852 11.539  1.00 64.81  ? 57  GLN B N   1 
ATOM   1231 C  CA  . GLN B 1 60 ? -10.253 -11.962 12.459  1.00 70.78  ? 57  GLN B CA  1 
ATOM   1232 C  C   . GLN B 1 60 ? -10.814 -13.167 11.718  1.00 46.22  ? 57  GLN B C   1 
ATOM   1233 O  O   . GLN B 1 60 ? -11.651 -13.023 10.827  1.00 59.98  ? 57  GLN B O   1 
ATOM   1234 C  CB  . GLN B 1 60 ? -11.179 -11.567 13.610  1.00 60.88  ? 57  GLN B CB  1 
ATOM   1235 C  CG  . GLN B 1 60 ? -12.576 -11.144 13.208  1.00 62.34  ? 57  GLN B CG  1 
ATOM   1236 C  CD  . GLN B 1 60 ? -13.392 -10.705 14.408  1.00 97.28  ? 57  GLN B CD  1 
ATOM   1237 O  OE1 . GLN B 1 60 ? -13.778 -9.533  14.525  1.00 71.78  ? 57  GLN B OE1 1 
ATOM   1238 N  NE2 . GLN B 1 60 ? -13.640 -11.645 15.324  1.00 59.38  ? 57  GLN B NE2 1 
ATOM   1239 N  N   . PRO B 1 61 ? -10.307 -14.356 12.062  1.00 61.44  ? 58  PRO B N   1 
ATOM   1240 C  CA  . PRO B 1 61 ? -10.718 -15.617 11.450  1.00 60.75  ? 58  PRO B CA  1 
ATOM   1241 C  C   . PRO B 1 61 ? -12.067 -16.074 12.024  1.00 56.25  ? 58  PRO B C   1 
ATOM   1242 O  O   . PRO B 1 61 ? -12.258 -16.099 13.241  1.00 60.63  ? 58  PRO B O   1 
ATOM   1243 C  CB  . PRO B 1 61 ? -9.605  -16.572 11.885  1.00 53.42  ? 58  PRO B CB  1 
ATOM   1244 C  CG  . PRO B 1 61 ? -9.195  -16.034 13.205  1.00 55.38  ? 58  PRO B CG  1 
ATOM   1245 C  CD  . PRO B 1 61 ? -9.176  -14.554 12.986  1.00 63.62  ? 58  PRO B CD  1 
ATOM   1246 N  N   . LEU B 1 62 ? -12.995 -16.395 11.133  1.00 54.40  ? 59  LEU B N   1 
ATOM   1247 C  CA  . LEU B 1 62 ? -14.272 -16.993 11.492  1.00 75.59  ? 59  LEU B CA  1 
ATOM   1248 C  C   . LEU B 1 62 ? -14.302 -18.451 11.016  1.00 68.21  ? 59  LEU B C   1 
ATOM   1249 O  O   . LEU B 1 62 ? -13.331 -18.948 10.443  1.00 63.95  ? 59  LEU B O   1 
ATOM   1250 C  CB  . LEU B 1 62 ? -15.426 -16.197 10.862  1.00 45.85  ? 59  LEU B CB  1 
ATOM   1251 C  CG  . LEU B 1 62 ? -15.493 -14.680 11.145  1.00 57.43  ? 59  LEU B CG  1 
ATOM   1252 C  CD1 . LEU B 1 62 ? -16.729 -14.045 10.482  1.00 62.37  ? 59  LEU B CD1 1 
ATOM   1253 C  CD2 . LEU B 1 62 ? -15.478 -14.353 12.635  1.00 54.02  ? 59  LEU B CD2 1 
ATOM   1254 N  N   . ALA B 1 63 ? -15.422 -19.127 11.249  1.00 72.98  ? 60  ALA B N   1 
ATOM   1255 C  CA  . ALA B 1 63 ? -15.566 -20.524 10.864  1.00 75.61  ? 60  ALA B CA  1 
ATOM   1256 C  C   . ALA B 1 63 ? -15.325 -20.701 9.370   1.00 70.83  ? 60  ALA B C   1 
ATOM   1257 O  O   . ALA B 1 63 ? -15.660 -19.820 8.572   1.00 64.27  ? 60  ALA B O   1 
ATOM   1258 C  CB  . ALA B 1 63 ? -16.957 -21.039 11.244  1.00 69.10  ? 60  ALA B CB  1 
ATOM   1259 N  N   . ASN B 1 64 ? -14.732 -21.837 9.006   1.00 73.24  ? 61  ASN B N   1 
ATOM   1260 C  CA  . ASN B 1 64 ? -14.590 -22.229 7.602   1.00 77.84  ? 61  ASN B CA  1 
ATOM   1261 C  C   . ASN B 1 64 ? -13.673 -21.350 6.780   1.00 77.91  ? 61  ASN B C   1 
ATOM   1262 O  O   . ASN B 1 64 ? -13.978 -21.057 5.617   1.00 77.00  ? 61  ASN B O   1 
ATOM   1263 C  CB  . ASN B 1 64 ? -15.952 -22.284 6.916   1.00 79.16  ? 61  ASN B CB  1 
ATOM   1264 C  CG  . ASN B 1 64 ? -16.849 -23.336 7.508   1.00 127.95 ? 61  ASN B CG  1 
ATOM   1265 O  OD1 . ASN B 1 64 ? -17.939 -23.030 8.002   1.00 74.70  ? 61  ASN B OD1 1 
ATOM   1266 N  ND2 . ASN B 1 64 ? -16.389 -24.589 7.485   1.00 96.26  ? 61  ASN B ND2 1 
ATOM   1267 N  N   . GLY B 1 65 ? -12.556 -20.942 7.378   1.00 83.09  ? 62  GLY B N   1 
ATOM   1268 C  CA  . GLY B 1 65 ? -11.537 -20.185 6.668   1.00 61.29  ? 62  GLY B CA  1 
ATOM   1269 C  C   . GLY B 1 65 ? -11.995 -18.819 6.178   1.00 73.14  ? 62  GLY B C   1 
ATOM   1270 O  O   . GLY B 1 65 ? -11.402 -18.217 5.286   1.00 59.35  ? 62  GLY B O   1 
ATOM   1271 N  N   . VAL B 1 66 ? -13.074 -18.316 6.753   1.00 68.02  ? 63  VAL B N   1 
ATOM   1272 C  CA  . VAL B 1 66 ? -13.496 -16.983 6.391   1.00 57.44  ? 63  VAL B CA  1 
ATOM   1273 C  C   . VAL B 1 66 ? -12.778 -15.975 7.299   1.00 73.05  ? 63  VAL B C   1 
ATOM   1274 O  O   . VAL B 1 66 ? -12.615 -16.200 8.506   1.00 51.34  ? 63  VAL B O   1 
ATOM   1275 C  CB  . VAL B 1 66 ? -15.035 -16.826 6.436   1.00 69.21  ? 63  VAL B CB  1 
ATOM   1276 C  CG1 . VAL B 1 66 ? -15.426 -15.361 6.368   1.00 68.28  ? 63  VAL B CG1 1 
ATOM   1277 C  CG2 . VAL B 1 66 ? -15.689 -17.602 5.281   1.00 61.69  ? 63  VAL B CG2 1 
ATOM   1278 N  N   . TYR B 1 67 ? -12.306 -14.890 6.697   1.00 56.28  ? 64  TYR B N   1 
ATOM   1279 C  CA  . TYR B 1 67 ? -11.727 -13.778 7.441   1.00 71.29  ? 64  TYR B CA  1 
ATOM   1280 C  C   . TYR B 1 67 ? -12.598 -12.531 7.237   1.00 48.82  ? 64  TYR B C   1 
ATOM   1281 O  O   . TYR B 1 67 ? -13.234 -12.354 6.190   1.00 50.29  ? 64  TYR B O   1 
ATOM   1282 C  CB  . TYR B 1 67 ? -10.286 -13.503 6.997   1.00 41.05  ? 64  TYR B CB  1 
ATOM   1283 C  CG  . TYR B 1 67 ? -9.269  -14.523 7.441   1.00 56.92  ? 64  TYR B CG  1 
ATOM   1284 C  CD1 . TYR B 1 67 ? -8.437  -14.268 8.537   1.00 49.45  ? 64  TYR B CD1 1 
ATOM   1285 C  CD2 . TYR B 1 67 ? -9.108  -15.729 6.753   1.00 48.45  ? 64  TYR B CD2 1 
ATOM   1286 C  CE1 . TYR B 1 67 ? -7.489  -15.206 8.955   1.00 71.23  ? 64  TYR B CE1 1 
ATOM   1287 C  CE2 . TYR B 1 67 ? -8.154  -16.678 7.165   1.00 50.18  ? 64  TYR B CE2 1 
ATOM   1288 C  CZ  . TYR B 1 67 ? -7.351  -16.403 8.268   1.00 62.09  ? 64  TYR B CZ  1 
ATOM   1289 O  OH  . TYR B 1 67 ? -6.403  -17.311 8.695   1.00 64.39  ? 64  TYR B OH  1 
ATOM   1290 N  N   . VAL B 1 68 ? -12.613 -11.674 8.251   1.00 53.30  ? 65  VAL B N   1 
ATOM   1291 C  CA  . VAL B 1 68 ? -13.465 -10.505 8.266   1.00 44.38  ? 65  VAL B CA  1 
ATOM   1292 C  C   . VAL B 1 68 ? -12.663 -9.353  8.893   1.00 44.94  ? 65  VAL B C   1 
ATOM   1293 O  O   . VAL B 1 68 ? -11.801 -9.587  9.748   1.00 54.80  ? 65  VAL B O   1 
ATOM   1294 C  CB  . VAL B 1 68 ? -14.756 -10.822 9.080   1.00 54.03  ? 65  VAL B CB  1 
ATOM   1295 C  CG1 . VAL B 1 68 ? -15.130 -9.677  10.000  1.00 68.79  ? 65  VAL B CG1 1 
ATOM   1296 C  CG2 . VAL B 1 68 ? -15.908 -11.199 8.151   1.00 51.37  ? 65  VAL B CG2 1 
ATOM   1297 N  N   . ILE B 1 69 ? -12.931 -8.114  8.487   1.00 52.82  ? 66  ILE B N   1 
ATOM   1298 C  CA  . ILE B 1 69 ? -12.147 -6.978  9.008   1.00 46.14  ? 66  ILE B CA  1 
ATOM   1299 C  C   . ILE B 1 69 ? -12.502 -6.622  10.467  1.00 52.08  ? 66  ILE B C   1 
ATOM   1300 O  O   . ILE B 1 69 ? -13.608 -6.902  10.917  1.00 58.69  ? 66  ILE B O   1 
ATOM   1301 C  CB  . ILE B 1 69 ? -12.251 -5.731  8.063   1.00 62.62  ? 66  ILE B CB  1 
ATOM   1302 C  CG1 . ILE B 1 69 ? -11.153 -4.720  8.384   1.00 47.37  ? 66  ILE B CG1 1 
ATOM   1303 C  CG2 . ILE B 1 69 ? -13.653 -5.065  8.125   1.00 49.34  ? 66  ILE B CG2 1 
ATOM   1304 C  CD1 . ILE B 1 69 ? -10.723 -3.838  7.196   1.00 39.79  ? 66  ILE B CD1 1 
ATOM   1305 N  N   . THR B 1 70 ? -11.551 -6.050  11.213  1.00 52.38  ? 67  THR B N   1 
ATOM   1306 C  CA  . THR B 1 70 ? -11.817 -5.560  12.564  1.00 49.78  ? 67  THR B CA  1 
ATOM   1307 C  C   . THR B 1 70 ? -11.934 -4.029  12.579  1.00 52.93  ? 67  THR B C   1 
ATOM   1308 O  O   . THR B 1 70 ? -11.681 -3.374  11.571  1.00 54.80  ? 67  THR B O   1 
ATOM   1309 C  CB  . THR B 1 70 ? -10.681 -5.949  13.521  1.00 53.09  ? 67  THR B CB  1 
ATOM   1310 O  OG1 . THR B 1 70 ? -9.479  -5.314  13.075  1.00 46.73  ? 67  THR B OG1 1 
ATOM   1311 C  CG2 . THR B 1 70 ? -10.470 -7.467  13.540  1.00 50.59  ? 67  THR B CG2 1 
ATOM   1312 N  N   A GLU B 1 71 ? -12.302 -3.469  13.728  0.50 53.48  ? 68  GLU B N   1 
ATOM   1313 N  N   B GLU B 1 71 ? -12.326 -3.454  13.715  0.50 53.49  ? 68  GLU B N   1 
ATOM   1314 C  CA  A GLU B 1 71 ? -12.348 -2.022  13.881  0.50 59.17  ? 68  GLU B CA  1 
ATOM   1315 C  CA  B GLU B 1 71 ? -12.406 -1.999  13.825  0.50 59.04  ? 68  GLU B CA  1 
ATOM   1316 C  C   A GLU B 1 71 ? -10.963 -1.447  13.606  0.50 55.16  ? 68  GLU B C   1 
ATOM   1317 C  C   B GLU B 1 71 ? -11.001 -1.392  13.781  0.50 55.45  ? 68  GLU B C   1 
ATOM   1318 O  O   A GLU B 1 71 ? -10.824 -0.432  12.917  0.50 53.85  ? 68  GLU B O   1 
ATOM   1319 O  O   B GLU B 1 71 ? -10.833 -0.211  13.468  0.50 49.09  ? 68  GLU B O   1 
ATOM   1320 C  CB  A GLU B 1 71 ? -12.813 -1.627  15.291  0.50 56.84  ? 68  GLU B CB  1 
ATOM   1321 C  CB  B GLU B 1 71 ? -13.145 -1.561  15.104  0.50 56.31  ? 68  GLU B CB  1 
ATOM   1322 C  CG  A GLU B 1 71 ? -13.999 -2.418  15.816  0.50 67.79  ? 68  GLU B CG  1 
ATOM   1323 C  CG  B GLU B 1 71 ? -14.614 -1.992  15.188  0.50 67.16  ? 68  GLU B CG  1 
ATOM   1324 C  CD  A GLU B 1 71 ? -13.587 -3.610  16.673  0.50 99.79  ? 68  GLU B CD  1 
ATOM   1325 C  CD  B GLU B 1 71 ? -15.545 -1.191  14.283  0.50 74.83  ? 68  GLU B CD  1 
ATOM   1326 O  OE1 A GLU B 1 71 ? -13.177 -4.665  16.119  0.50 53.20  ? 68  GLU B OE1 1 
ATOM   1327 O  OE1 B GLU B 1 71 ? -15.097 -0.183  13.690  0.50 58.84  ? 68  GLU B OE1 1 
ATOM   1328 O  OE2 A GLU B 1 71 ? -13.688 -3.486  17.915  0.50 83.49  ? 68  GLU B OE2 1 
ATOM   1329 O  OE2 B GLU B 1 71 ? -16.734 -1.576  14.175  0.50 62.04  ? 68  GLU B OE2 1 
ATOM   1330 N  N   A GLU B 1 72 ? -9.940  -2.104  14.151  0.50 52.33  ? 69  GLU B N   1 
ATOM   1331 N  N   B GLU B 1 72 ? -9.993  -2.200  14.106  0.50 52.20  ? 69  GLU B N   1 
ATOM   1332 C  CA  A GLU B 1 72 ? -8.555  -1.692  13.927  0.50 52.54  ? 69  GLU B CA  1 
ATOM   1333 C  CA  B GLU B 1 72 ? -8.605  -1.769  13.946  0.50 52.59  ? 69  GLU B CA  1 
ATOM   1334 C  C   A GLU B 1 72 ? -8.181  -1.764  12.454  0.50 43.44  ? 69  GLU B C   1 
ATOM   1335 C  C   B GLU B 1 72 ? -8.251  -1.749  12.469  0.50 43.46  ? 69  GLU B C   1 
ATOM   1336 O  O   A GLU B 1 72 ? -7.488  -0.884  11.940  0.50 49.25  ? 69  GLU B O   1 
ATOM   1337 O  O   B GLU B 1 72 ? -7.649  -0.795  11.970  0.50 48.81  ? 69  GLU B O   1 
ATOM   1338 C  CB  A GLU B 1 72 ? -7.581  -2.525  14.766  0.50 47.32  ? 69  GLU B CB  1 
ATOM   1339 C  CB  B GLU B 1 72 ? -7.640  -2.686  14.700  0.50 47.01  ? 69  GLU B CB  1 
ATOM   1340 C  CG  A GLU B 1 72 ? -8.140  -3.860  15.207  0.50 56.35  ? 69  GLU B CG  1 
ATOM   1341 C  CG  B GLU B 1 72 ? -7.594  -2.441  16.205  0.50 44.96  ? 69  GLU B CG  1 
ATOM   1342 C  CD  A GLU B 1 72 ? -8.988  -3.765  16.450  0.50 42.24  ? 69  GLU B CD  1 
ATOM   1343 C  CD  B GLU B 1 72 ? -6.513  -3.260  16.880  0.50 80.79  ? 69  GLU B CD  1 
ATOM   1344 O  OE1 A GLU B 1 72 ? -10.180 -4.125  16.382  0.50 47.81  ? 69  GLU B OE1 1 
ATOM   1345 O  OE1 B GLU B 1 72 ? -5.714  -3.890  16.147  0.50 55.86  ? 69  GLU B OE1 1 
ATOM   1346 O  OE2 A GLU B 1 72 ? -8.468  -3.328  17.499  0.50 55.11  ? 69  GLU B OE2 1 
ATOM   1347 O  OE2 B GLU B 1 72 ? -6.460  -3.273  18.132  0.50 80.43  ? 69  GLU B OE2 1 
ATOM   1348 N  N   . GLY B 1 73 ? -8.644  -2.809  11.769  1.00 54.37  ? 70  GLY B N   1 
ATOM   1349 C  CA  . GLY B 1 73 ? -8.403  -2.921  10.346  1.00 46.95  ? 70  GLY B CA  1 
ATOM   1350 C  C   . GLY B 1 73 ? -9.035  -1.748  9.626   1.00 49.24  ? 70  GLY B C   1 
ATOM   1351 O  O   . GLY B 1 73 ? -8.419  -1.163  8.737   1.00 47.43  ? 70  GLY B O   1 
ATOM   1352 N  N   . GLU B 1 74 ? -10.269 -1.402  10.006  1.00 54.42  ? 71  GLU B N   1 
ATOM   1353 C  CA  . GLU B 1 74 ? -10.987 -0.274  9.392   1.00 46.29  ? 71  GLU B CA  1 
ATOM   1354 C  C   . GLU B 1 74 ? -10.295 1.039   9.689   1.00 47.71  ? 71  GLU B C   1 
ATOM   1355 O  O   . GLU B 1 74 ? -10.064 1.842   8.798   1.00 50.59  ? 71  GLU B O   1 
ATOM   1356 C  CB  . GLU B 1 74 ? -12.406 -0.177  9.947   1.00 49.18  ? 71  GLU B CB  1 
ATOM   1357 C  CG  . GLU B 1 74 ? -13.290 -1.352  9.662   1.00 60.28  ? 71  GLU B CG  1 
ATOM   1358 C  CD  . GLU B 1 74 ? -14.459 -0.986  8.794   1.00 98.54  ? 71  GLU B CD  1 
ATOM   1359 O  OE1 . GLU B 1 74 ? -15.569 -0.830  9.351   1.00 105.90 ? 71  GLU B OE1 1 
ATOM   1360 O  OE2 . GLU B 1 74 ? -14.261 -0.843  7.567   1.00 88.99  ? 71  GLU B OE2 1 
ATOM   1361 N  N   . ALA B 1 75 ? -9.978  1.249   10.963  1.00 51.94  ? 72  ALA B N   1 
ATOM   1362 C  CA  . ALA B 1 75 ? -9.327  2.470   11.390  1.00 58.68  ? 72  ALA B CA  1 
ATOM   1363 C  C   . ALA B 1 75 ? -8.007  2.611   10.653  1.00 56.93  ? 72  ALA B C   1 
ATOM   1364 O  O   . ALA B 1 75 ? -7.607  3.726   10.265  1.00 46.50  ? 72  ALA B O   1 
ATOM   1365 C  CB  . ALA B 1 75 ? -9.099  2.448   12.903  1.00 46.50  ? 72  ALA B CB  1 
ATOM   1366 N  N   . TYR B 1 76 ? -7.328  1.478   10.459  1.00 46.79  ? 73  TYR B N   1 
ATOM   1367 C  CA  . TYR B 1 76 ? -6.035  1.498   9.749   1.00 43.88  ? 73  TYR B CA  1 
ATOM   1368 C  C   . TYR B 1 76 ? -6.198  2.020   8.310   1.00 44.02  ? 73  TYR B C   1 
ATOM   1369 O  O   . TYR B 1 76 ? -5.469  2.913   7.875   1.00 46.20  ? 73  TYR B O   1 
ATOM   1370 C  CB  . TYR B 1 76 ? -5.367  0.105   9.730   1.00 39.16  ? 73  TYR B CB  1 
ATOM   1371 C  CG  . TYR B 1 76 ? -4.309  0.030   8.644   1.00 37.37  ? 73  TYR B CG  1 
ATOM   1372 C  CD1 . TYR B 1 76 ? -3.071  0.666   8.814   1.00 39.59  ? 73  TYR B CD1 1 
ATOM   1373 C  CD2 . TYR B 1 76 ? -4.560  -0.633  7.424   1.00 36.12  ? 73  TYR B CD2 1 
ATOM   1374 C  CE1 . TYR B 1 76 ? -2.089  0.642   7.800   1.00 48.22  ? 73  TYR B CE1 1 
ATOM   1375 C  CE2 . TYR B 1 76 ? -3.575  -0.672  6.408   1.00 45.81  ? 73  TYR B CE2 1 
ATOM   1376 C  CZ  . TYR B 1 76 ? -2.338  -0.040  6.617   1.00 47.21  ? 73  TYR B CZ  1 
ATOM   1377 O  OH  . TYR B 1 76 ? -1.366  -0.033  5.635   1.00 44.00  ? 73  TYR B OH  1 
ATOM   1378 N  N   . LEU B 1 77 ? -7.144  1.446   7.565   1.00 43.80  ? 74  LEU B N   1 
ATOM   1379 C  CA  . LEU B 1 77 ? -7.413  1.935   6.204   1.00 50.45  ? 74  LEU B CA  1 
ATOM   1380 C  C   . LEU B 1 77 ? -7.680  3.459   6.175   1.00 49.25  ? 74  LEU B C   1 
ATOM   1381 O  O   . LEU B 1 77 ? -7.335  4.140   5.199   1.00 47.59  ? 74  LEU B O   1 
ATOM   1382 C  CB  . LEU B 1 77 ? -8.585  1.165   5.578   1.00 45.17  ? 74  LEU B CB  1 
ATOM   1383 C  CG  . LEU B 1 77 ? -8.357  -0.341  5.391   1.00 58.57  ? 74  LEU B CG  1 
ATOM   1384 C  CD1 . LEU B 1 77 ? -9.601  -1.051  4.890   1.00 53.80  ? 74  LEU B CD1 1 
ATOM   1385 C  CD2 . LEU B 1 77 ? -7.196  -0.608  4.436   1.00 42.80  ? 74  LEU B CD2 1 
ATOM   1386 N  N   . ASN B 1 78 ? -8.258  3.987   7.260   1.00 55.27  ? 75  ASN B N   1 
ATOM   1387 C  CA  . ASN B 1 78 ? -8.616  5.411   7.362   1.00 54.60  ? 75  ASN B CA  1 
ATOM   1388 C  C   . ASN B 1 78 ? -7.575  6.296   8.016   1.00 65.60  ? 75  ASN B C   1 
ATOM   1389 O  O   . ASN B 1 78 ? -7.853  7.451   8.352   1.00 60.75  ? 75  ASN B O   1 
ATOM   1390 C  CB  . ASN B 1 78 ? -9.930  5.562   8.128   1.00 65.68  ? 75  ASN B CB  1 
ATOM   1391 C  CG  . ASN B 1 78 ? -11.079 4.895   7.423   1.00 78.39  ? 75  ASN B CG  1 
ATOM   1392 O  OD1 . ASN B 1 78 ? -11.226 5.036   6.208   1.00 74.04  ? 75  ASN B OD1 1 
ATOM   1393 N  ND2 . ASN B 1 78 ? -11.898 4.159   8.169   1.00 77.48  ? 75  ASN B ND2 1 
ATOM   1394 N  N   . GLY B 1 79 ? -6.374  5.758   8.204   1.00 46.90  ? 76  GLY B N   1 
ATOM   1395 C  CA  . GLY B 1 79 ? -5.292  6.544   8.771   1.00 52.11  ? 76  GLY B CA  1 
ATOM   1396 C  C   . GLY B 1 79 ? -5.428  6.855   10.259  1.00 48.06  ? 76  GLY B C   1 
ATOM   1397 O  O   . GLY B 1 79 ? -4.867  7.841   10.747  1.00 59.77  ? 76  GLY B O   1 
ATOM   1398 N  N   . GLU B 1 80 ? -6.150  6.002   10.984  1.00 52.68  ? 77  GLU B N   1 
ATOM   1399 C  CA  . GLU B 1 80 ? -6.480  6.262   12.383  1.00 54.18  ? 77  GLU B CA  1 
ATOM   1400 C  C   . GLU B 1 80 ? -5.870  5.219   13.298  1.00 63.35  ? 77  GLU B C   1 
ATOM   1401 O  O   . GLU B 1 80 ? -6.029  5.276   14.514  1.00 62.18  ? 77  GLU B O   1 
ATOM   1402 C  CB  . GLU B 1 80 ? -7.996  6.246   12.579  1.00 58.39  ? 77  GLU B CB  1 
ATOM   1403 C  CG  . GLU B 1 80 ? -8.711  7.487   12.074  1.00 53.82  ? 77  GLU B CG  1 
ATOM   1404 C  CD  . GLU B 1 80 ? -10.191 7.217   11.792  1.00 129.09 ? 77  GLU B CD  1 
ATOM   1405 O  OE1 . GLU B 1 80 ? -10.699 6.133   12.183  1.00 84.37  ? 77  GLU B OE1 1 
ATOM   1406 O  OE2 . GLU B 1 80 ? -10.845 8.089   11.175  1.00 93.36  ? 77  GLU B OE2 1 
ATOM   1407 N  N   . TYR B 1 81 ? -5.181  4.253   12.711  1.00 50.74  ? 78  TYR B N   1 
ATOM   1408 C  CA  . TYR B 1 81 ? -4.542  3.204   13.491  1.00 47.46  ? 78  TYR B CA  1 
ATOM   1409 C  C   . TYR B 1 81 ? -3.151  2.935   12.916  1.00 55.19  ? 78  TYR B C   1 
ATOM   1410 O  O   . TYR B 1 81 ? -2.989  2.674   11.730  1.00 49.18  ? 78  TYR B O   1 
ATOM   1411 C  CB  . TYR B 1 81 ? -5.405  1.943   13.500  1.00 42.45  ? 78  TYR B CB  1 
ATOM   1412 C  CG  . TYR B 1 81 ? -4.837  0.848   14.371  1.00 63.24  ? 78  TYR B CG  1 
ATOM   1413 C  CD1 . TYR B 1 81 ? -5.179  0.754   15.710  1.00 58.45  ? 78  TYR B CD1 1 
ATOM   1414 C  CD2 . TYR B 1 81 ? -3.951  -0.095  13.852  1.00 39.76  ? 78  TYR B CD2 1 
ATOM   1415 C  CE1 . TYR B 1 81 ? -4.658  -0.249  16.511  1.00 63.83  ? 78  TYR B CE1 1 
ATOM   1416 C  CE2 . TYR B 1 81 ? -3.425  -1.094  14.643  1.00 49.64  ? 78  TYR B CE2 1 
ATOM   1417 C  CZ  . TYR B 1 81 ? -3.774  -1.159  15.970  1.00 53.81  ? 78  TYR B CZ  1 
ATOM   1418 O  OH  . TYR B 1 81 ? -3.244  -2.150  16.748  1.00 56.69  ? 78  TYR B OH  1 
ATOM   1419 N  N   . ASP B 1 82 ? -2.151  3.049   13.769  1.00 49.21  ? 79  ASP B N   1 
ATOM   1420 C  CA  . ASP B 1 82 ? -0.758  2.890   13.392  1.00 57.19  ? 79  ASP B CA  1 
ATOM   1421 C  C   . ASP B 1 82 ? -0.456  1.392   13.447  1.00 58.73  ? 79  ASP B C   1 
ATOM   1422 O  O   . ASP B 1 82 ? -0.361  0.795   14.533  1.00 49.17  ? 79  ASP B O   1 
ATOM   1423 C  CB  . ASP B 1 82 ? 0.124   3.689   14.382  1.00 43.81  ? 79  ASP B CB  1 
ATOM   1424 C  CG  . ASP B 1 82 ? 1.632   3.546   14.106  1.00 58.24  ? 79  ASP B CG  1 
ATOM   1425 O  OD1 . ASP B 1 82 ? 2.096   2.527   13.519  1.00 54.57  ? 79  ASP B OD1 1 
ATOM   1426 O  OD2 . ASP B 1 82 ? 2.359   4.476   14.503  1.00 54.11  ? 79  ASP B OD2 1 
ATOM   1427 N  N   . ALA B 1 83 ? -0.341  0.771   12.281  1.00 44.58  ? 80  ALA B N   1 
ATOM   1428 C  CA  . ALA B 1 83 ? -0.186  -0.687  12.243  1.00 50.73  ? 80  ALA B CA  1 
ATOM   1429 C  C   . ALA B 1 83 ? 1.231   -1.154  12.603  1.00 42.25  ? 80  ALA B C   1 
ATOM   1430 O  O   . ALA B 1 83 ? 1.458   -2.351  12.778  1.00 47.25  ? 80  ALA B O   1 
ATOM   1431 C  CB  . ALA B 1 83 ? -0.592  -1.233  10.887  1.00 49.52  ? 80  ALA B CB  1 
ATOM   1432 N  N   . GLY B 1 84 ? 2.170   -0.207  12.679  1.00 38.27  ? 81  GLY B N   1 
ATOM   1433 C  CA  . GLY B 1 84 ? 3.521   -0.460  13.182  1.00 50.08  ? 81  GLY B CA  1 
ATOM   1434 C  C   . GLY B 1 84 ? 3.591   -0.442  14.712  1.00 63.39  ? 81  GLY B C   1 
ATOM   1435 O  O   . GLY B 1 84 ? 3.984   -1.431  15.336  1.00 52.04  ? 81  GLY B O   1 
ATOM   1436 N  N   . LYS B 1 85 ? 3.209   0.677   15.328  1.00 49.14  ? 82  LYS B N   1 
ATOM   1437 C  CA  . LYS B 1 85 ? 3.196   0.761   16.797  1.00 51.61  ? 82  LYS B CA  1 
ATOM   1438 C  C   . LYS B 1 85 ? 2.056   -0.056  17.391  1.00 63.74  ? 82  LYS B C   1 
ATOM   1439 O  O   . LYS B 1 85 ? 2.130   -0.473  18.540  1.00 52.58  ? 82  LYS B O   1 
ATOM   1440 C  CB  . LYS B 1 85 ? 3.110   2.219   17.284  1.00 49.50  ? 82  LYS B CB  1 
ATOM   1441 C  CG  . LYS B 1 85 ? 4.312   3.114   16.941  1.00 56.81  ? 82  LYS B CG  1 
ATOM   1442 C  CD  . LYS B 1 85 ? 4.163   4.493   17.624  1.00 77.27  ? 82  LYS B CD  1 
ATOM   1443 C  CE  . LYS B 1 85 ? 5.483   5.264   17.766  1.00 71.96  ? 82  LYS B CE  1 
ATOM   1444 N  NZ  . LYS B 1 85 ? 5.980   5.722   16.454  1.00 79.07  ? 82  LYS B NZ  1 
ATOM   1445 N  N   . GLU B 1 86 ? 1.009   -0.285  16.596  1.00 64.83  ? 83  GLU B N   1 
ATOM   1446 C  CA  . GLU B 1 86 ? -0.168  -1.046  17.024  1.00 47.86  ? 83  GLU B CA  1 
ATOM   1447 C  C   . GLU B 1 86 ? -0.948  -0.316  18.116  1.00 60.41  ? 83  GLU B C   1 
ATOM   1448 O  O   . GLU B 1 86 ? -1.217  -0.833  19.192  1.00 53.66  ? 83  GLU B O   1 
ATOM   1449 C  CB  . GLU B 1 86 ? 0.191   -2.491  17.407  1.00 48.45  ? 83  GLU B CB  1 
ATOM   1450 C  CG  . GLU B 1 86 ? 1.049   -3.191  16.324  1.00 51.10  ? 83  GLU B CG  1 
ATOM   1451 C  CD  . GLU B 1 86 ? 1.347   -4.659  16.634  1.00 66.34  ? 83  GLU B CD  1 
ATOM   1452 O  OE1 . GLU B 1 86 ? 0.887   -5.163  17.682  1.00 65.87  ? 83  GLU B OE1 1 
ATOM   1453 O  OE2 . GLU B 1 86 ? 2.052   -5.307  15.828  1.00 66.61  ? 83  GLU B OE2 1 
ATOM   1454 N  N   . ARG B 1 87 ? -1.313  0.911   17.808  1.00 47.21  ? 84  ARG B N   1 
ATOM   1455 C  CA  . ARG B 1 87 ? -2.122  1.712   18.699  1.00 56.65  ? 84  ARG B CA  1 
ATOM   1456 C  C   . ARG B 1 87 ? -3.003  2.573   17.819  1.00 72.08  ? 84  ARG B C   1 
ATOM   1457 O  O   . ARG B 1 87 ? -2.660  2.871   16.665  1.00 47.26  ? 84  ARG B O   1 
ATOM   1458 C  CB  . ARG B 1 87 ? -1.234  2.610   19.559  1.00 65.08  ? 84  ARG B CB  1 
ATOM   1459 C  CG  . ARG B 1 87 ? -0.211  3.404   18.756  1.00 70.50  ? 84  ARG B CG  1 
ATOM   1460 C  CD  . ARG B 1 87 ? 0.063   4.808   19.323  1.00 84.70  ? 84  ARG B CD  1 
ATOM   1461 N  NE  . ARG B 1 87 ? 1.249   4.876   20.180  1.00 105.32 ? 84  ARG B NE  1 
ATOM   1462 C  CZ  . ARG B 1 87 ? 2.114   5.894   20.189  1.00 140.85 ? 84  ARG B CZ  1 
ATOM   1463 N  NH1 . ARG B 1 87 ? 3.169   5.877   21.000  1.00 105.63 ? 84  ARG B NH1 1 
ATOM   1464 N  NH2 . ARG B 1 87 ? 1.935   6.930   19.376  1.00 122.23 ? 84  ARG B NH2 1 
ATOM   1465 N  N   . TYR B 1 88 ? -4.147  2.967   18.353  1.00 52.90  ? 85  TYR B N   1 
ATOM   1466 C  CA  . TYR B 1 88 ? -4.965  3.981   17.702  1.00 65.22  ? 85  TYR B CA  1 
ATOM   1467 C  C   . TYR B 1 88 ? -4.220  5.316   17.733  1.00 65.62  ? 85  TYR B C   1 
ATOM   1468 O  O   . TYR B 1 88 ? -3.383  5.545   18.602  1.00 66.32  ? 85  TYR B O   1 
ATOM   1469 C  CB  . TYR B 1 88 ? -6.331  4.091   18.394  1.00 49.65  ? 85  TYR B CB  1 
ATOM   1470 C  CG  . TYR B 1 88 ? -7.279  2.984   18.002  1.00 54.87  ? 85  TYR B CG  1 
ATOM   1471 C  CD1 . TYR B 1 88 ? -8.169  3.151   16.939  1.00 53.45  ? 85  TYR B CD1 1 
ATOM   1472 C  CD2 . TYR B 1 88 ? -7.279  1.759   18.679  1.00 62.15  ? 85  TYR B CD2 1 
ATOM   1473 C  CE1 . TYR B 1 88 ? -9.059  2.126   16.573  1.00 55.52  ? 85  TYR B CE1 1 
ATOM   1474 C  CE2 . TYR B 1 88 ? -8.149  0.730   18.310  1.00 71.89  ? 85  TYR B CE2 1 
ATOM   1475 C  CZ  . TYR B 1 88 ? -9.037  0.921   17.256  1.00 62.36  ? 85  TYR B CZ  1 
ATOM   1476 O  OH  . TYR B 1 88 ? -9.903  -0.094  16.899  1.00 63.80  ? 85  TYR B OH  1 
ATOM   1477 N  N   . ILE B 1 89 ? -4.498  6.184   16.768  1.00 61.79  ? 86  ILE B N   1 
ATOM   1478 C  CA  . ILE B 1 89 ? -3.895  7.516   16.749  1.00 84.46  ? 86  ILE B CA  1 
ATOM   1479 C  C   . ILE B 1 89 ? -4.949  8.631   16.798  1.00 108.46 ? 86  ILE B C   1 
ATOM   1480 O  O   . ILE B 1 89 ? -5.940  8.618   16.038  1.00 83.91  ? 86  ILE B O   1 
ATOM   1481 C  CB  . ILE B 1 89 ? -2.901  7.701   15.572  1.00 71.75  ? 86  ILE B CB  1 
ATOM   1482 C  CG1 . ILE B 1 89 ? -3.424  7.082   14.281  1.00 69.29  ? 86  ILE B CG1 1 
ATOM   1483 C  CG2 . ILE B 1 89 ? -1.590  7.004   15.894  1.00 126.02 ? 86  ILE B CG2 1 
ATOM   1484 C  CD1 . ILE B 1 89 ? -2.327  6.868   13.196  1.00 56.99  ? 86  ILE B CD1 1 
ATOM   1485 N  N   . ASN B 1 90 ? -4.731  9.575   17.718  1.00 92.16  ? 87  ASN B N   1 
ATOM   1486 C  CA  . ASN B 1 90 ? -5.695  10.650  17.984  1.00 121.78 ? 87  ASN B CA  1 
ATOM   1487 C  C   . ASN B 1 90 ? -5.012  11.986  18.266  1.00 116.21 ? 87  ASN B C   1 
ATOM   1488 O  O   . ASN B 1 90 ? -4.510  12.639  17.340  1.00 94.20  ? 87  ASN B O   1 
ATOM   1489 C  CB  . ASN B 1 90 ? -6.631  10.275  19.137  1.00 98.79  ? 87  ASN B CB  1 
ATOM   1490 C  CG  . ASN B 1 90 ? -5.872  9.917   20.409  1.00 131.33 ? 87  ASN B CG  1 
ATOM   1491 O  OD1 . ASN B 1 90 ? -6.405  9.260   21.314  1.00 114.10 ? 87  ASN B OD1 1 
ATOM   1492 N  ND2 . ASN B 1 90 ? -4.615  10.347  20.479  1.00 125.94 ? 87  ASN B ND2 1 
HETATM 1493 S  S   . SO4 C 2 .  ? 14.892  -0.222  6.725   1.00 73.77  ? 109 SO4 A S   1 
HETATM 1494 O  O1  . SO4 C 2 .  ? 14.857  0.615   5.520   1.00 74.12  ? 109 SO4 A O1  1 
HETATM 1495 O  O2  . SO4 C 2 .  ? 16.265  -0.668  6.979   1.00 143.08 ? 109 SO4 A O2  1 
HETATM 1496 O  O3  . SO4 C 2 .  ? 14.428  0.590   7.857   1.00 74.92  ? 109 SO4 A O3  1 
HETATM 1497 O  O4  . SO4 C 2 .  ? 14.030  -1.397  6.541   1.00 98.20  ? 109 SO4 A O4  1 
HETATM 1498 S  S   . SO4 D 2 .  ? 3.576   -15.290 -5.476  1.00 93.80  ? 109 SO4 B S   1 
HETATM 1499 O  O1  . SO4 D 2 .  ? 4.199   -14.023 -5.099  1.00 80.30  ? 109 SO4 B O1  1 
HETATM 1500 O  O2  . SO4 D 2 .  ? 4.587   -16.358 -5.492  1.00 83.21  ? 109 SO4 B O2  1 
HETATM 1501 O  O3  . SO4 D 2 .  ? 2.552   -15.620 -4.483  1.00 75.88  ? 109 SO4 B O3  1 
HETATM 1502 O  O4  . SO4 D 2 .  ? 2.975   -15.122 -6.805  1.00 72.47  ? 109 SO4 B O4  1 
HETATM 1503 O  O   . HOH E 3 .  ? -3.444  -4.268  -6.736  1.00 40.10  ? 110 HOH A O   1 
HETATM 1504 O  O   . HOH E 3 .  ? -4.019  1.135   -10.247 1.00 47.21  ? 111 HOH A O   1 
HETATM 1505 O  O   . HOH E 3 .  ? -2.832  6.571   2.725   1.00 50.18  ? 112 HOH A O   1 
HETATM 1506 O  O   . HOH E 3 .  ? 10.103  8.508   -15.273 1.00 56.91  ? 113 HOH A O   1 
HETATM 1507 O  O   . HOH E 3 .  ? 5.970   -4.410  -14.023 1.00 59.11  ? 114 HOH A O   1 
HETATM 1508 O  O   . HOH E 3 .  ? 15.938  0.991   -6.915  1.00 56.36  ? 115 HOH A O   1 
HETATM 1509 O  O   . HOH E 3 .  ? 4.788   0.165   -13.455 1.00 57.52  ? 116 HOH A O   1 
HETATM 1510 O  O   . HOH E 3 .  ? 15.974  12.519  -9.029  1.00 56.95  ? 117 HOH A O   1 
HETATM 1511 O  O   . HOH E 3 .  ? 15.219  19.728  -12.037 1.00 51.93  ? 118 HOH A O   1 
HETATM 1512 O  O   . HOH E 3 .  ? 4.502   15.685  -7.885  1.00 58.85  ? 119 HOH A O   1 
HETATM 1513 O  O   . HOH E 3 .  ? 4.550   -10.342 -13.011 1.00 58.82  ? 120 HOH A O   1 
HETATM 1514 O  O   . HOH E 3 .  ? -4.164  4.487   0.644   1.00 63.39  ? 121 HOH A O   1 
HETATM 1515 O  O   . HOH E 3 .  ? 2.495   -10.531 -11.832 1.00 57.48  ? 122 HOH A O   1 
HETATM 1516 O  O   . HOH E 3 .  ? 2.327   -8.079  -11.884 1.00 57.63  ? 123 HOH A O   1 
HETATM 1517 O  O   . HOH E 3 .  ? 6.159   20.917  -4.064  1.00 54.60  ? 124 HOH A O   1 
HETATM 1518 O  O   . HOH E 3 .  ? 10.166  8.328   9.494   1.00 61.60  ? 125 HOH A O   1 
HETATM 1519 O  O   . HOH E 3 .  ? 15.771  18.699  -14.095 1.00 61.81  ? 126 HOH A O   1 
HETATM 1520 O  O   . HOH E 3 .  ? 4.915   1.402   -15.876 1.00 58.21  ? 127 HOH A O   1 
HETATM 1521 O  O   . HOH E 3 .  ? -0.781  -6.302  -12.225 1.00 63.61  ? 128 HOH A O   1 
HETATM 1522 O  O   . HOH E 3 .  ? 20.108  5.043   5.211   1.00 58.73  ? 129 HOH A O   1 
HETATM 1523 O  O   . HOH E 3 .  ? 14.491  -1.946  -2.919  1.00 59.09  ? 130 HOH A O   1 
HETATM 1524 O  O   . HOH E 3 .  ? 12.455  16.899  -2.276  1.00 71.90  ? 131 HOH A O   1 
HETATM 1525 O  O   . HOH E 3 .  ? 10.956  -0.737  7.807   1.00 61.28  ? 132 HOH A O   1 
HETATM 1526 O  O   . HOH E 3 .  ? 14.555  0.089   -0.799  1.00 71.60  ? 133 HOH A O   1 
HETATM 1527 O  O   . HOH E 3 .  ? -1.804  1.864   -21.865 1.00 60.57  ? 134 HOH A O   1 
HETATM 1528 O  O   . HOH E 3 .  ? -2.559  1.287   -0.537  1.00 64.61  ? 135 HOH A O   1 
HETATM 1529 O  O   . HOH F 3 .  ? 2.574   4.427   6.459   1.00 43.16  ? 110 HOH B O   1 
HETATM 1530 O  O   . HOH F 3 .  ? -3.441  4.048   9.434   1.00 43.21  ? 111 HOH B O   1 
HETATM 1531 O  O   . HOH F 3 .  ? -16.323 -7.080  9.665   1.00 54.49  ? 112 HOH B O   1 
HETATM 1532 O  O   . HOH F 3 .  ? 4.755   -5.777  -1.237  1.00 47.38  ? 113 HOH B O   1 
HETATM 1533 O  O   . HOH F 3 .  ? -6.824  0.594   -3.653  1.00 47.30  ? 114 HOH B O   1 
HETATM 1534 O  O   . HOH F 3 .  ? 6.211   -3.982  1.715   1.00 45.10  ? 115 HOH B O   1 
HETATM 1535 O  O   . HOH F 3 .  ? -15.726 -6.946  7.043   1.00 53.42  ? 116 HOH B O   1 
HETATM 1536 O  O   . HOH F 3 .  ? 4.285   2.899   11.899  1.00 57.10  ? 117 HOH B O   1 
HETATM 1537 O  O   . HOH F 3 .  ? 3.788   -4.200  14.375  1.00 53.22  ? 118 HOH B O   1 
HETATM 1538 O  O   . HOH F 3 .  ? -5.266  2.518   -1.443  1.00 64.66  ? 119 HOH B O   1 
HETATM 1539 O  O   . HOH F 3 .  ? 4.690   8.128   21.593  1.00 84.26  ? 120 HOH B O   1 
HETATM 1540 O  O   . HOH F 3 .  ? -12.191 -1.073  -0.190  1.00 60.42  ? 121 HOH B O   1 
HETATM 1541 O  O   . HOH F 3 .  ? -6.737  6.553   3.862   1.00 73.52  ? 122 HOH B O   1 
HETATM 1542 O  O   . HOH F 3 .  ? -14.032 -10.866 -0.870  1.00 72.05  ? 123 HOH B O   1 
HETATM 1543 O  O   . HOH F 3 .  ? -10.675 -20.944 0.133   1.00 66.34  ? 124 HOH B O   1 
HETATM 1544 O  O   . HOH F 3 .  ? -12.171 -19.336 -1.051  1.00 81.89  ? 125 HOH B O   1 
HETATM 1545 O  O   . HOH F 3 .  ? -14.109 -10.386 -3.704  1.00 78.65  ? 126 HOH B O   1 
HETATM 1546 O  O   . HOH F 3 .  ? -5.055  -13.098 -9.079  1.00 64.39  ? 127 HOH B O   1 
HETATM 1547 O  O   . HOH F 3 .  ? -0.953  -21.302 -3.950  1.00 59.04  ? 128 HOH B O   1 
HETATM 1548 O  O   . HOH F 3 .  ? -10.730 -18.414 9.310   1.00 59.97  ? 129 HOH B O   1 
HETATM 1549 O  O   . HOH F 3 .  ? -12.899 1.686   12.967  1.00 63.35  ? 130 HOH B O   1 
HETATM 1550 O  O   . HOH F 3 .  ? -12.501 4.065   11.134  1.00 72.51  ? 131 HOH B O   1 
HETATM 1551 O  O   . HOH F 3 .  ? -17.885 -0.465  11.170  1.00 62.51  ? 132 HOH B O   1 
HETATM 1552 O  O   . HOH F 3 .  ? 4.262   -13.959 4.133   1.00 57.37  ? 133 HOH B O   1 
HETATM 1553 O  O   . HOH F 3 .  ? -2.217  -3.946  15.306  1.00 65.53  ? 134 HOH B O   1 
HETATM 1554 O  O   . HOH F 3 .  ? -8.702  -6.298  17.057  1.00 83.31  ? 135 HOH B O   1 
HETATM 1555 O  O   . HOH F 3 .  ? -8.997  -19.581 5.211   1.00 69.08  ? 136 HOH B O   1 
HETATM 1556 O  O   . HOH F 3 .  ? 6.001   -2.869  13.878  1.00 84.49  ? 137 HOH B O   1 
HETATM 1557 O  O   . HOH F 3 .  ? -4.446  1.926   21.307  1.00 60.30  ? 138 HOH B O   1 
# 
